data_2GV0
# 
_entry.id   2GV0 
# 
_audit_conform.dict_name       mmcif_pdbx.dic 
_audit_conform.dict_version    5.401 
_audit_conform.dict_location   http://mmcif.pdb.org/dictionaries/ascii/mmcif_pdbx.dic 
# 
loop_
_database_2.database_id 
_database_2.database_code 
_database_2.pdbx_database_accession 
_database_2.pdbx_DOI 
PDB   2GV0         pdb_00002gv0 10.2210/pdb2gv0/pdb 
RCSB  RCSB037582   ?            ?                   
WWPDB D_1000037582 ?            ?                   
# 
loop_
_pdbx_audit_revision_history.ordinal 
_pdbx_audit_revision_history.data_content_type 
_pdbx_audit_revision_history.major_revision 
_pdbx_audit_revision_history.minor_revision 
_pdbx_audit_revision_history.revision_date 
1 'Structure model' 1 0 2007-05-08 
2 'Structure model' 1 1 2008-05-01 
3 'Structure model' 1 2 2011-07-13 
4 'Structure model' 1 3 2024-11-20 
5 'Structure model' 1 4 2025-01-29 
# 
_pdbx_audit_revision_details.ordinal             1 
_pdbx_audit_revision_details.revision_ordinal    1 
_pdbx_audit_revision_details.data_content_type   'Structure model' 
_pdbx_audit_revision_details.provider            repository 
_pdbx_audit_revision_details.type                'Initial release' 
_pdbx_audit_revision_details.description         ? 
_pdbx_audit_revision_details.details             ? 
# 
loop_
_pdbx_audit_revision_group.ordinal 
_pdbx_audit_revision_group.revision_ordinal 
_pdbx_audit_revision_group.data_content_type 
_pdbx_audit_revision_group.group 
1 2 'Structure model' 'Version format compliance' 
2 3 'Structure model' 'Version format compliance' 
3 4 'Structure model' 'Data collection'           
4 4 'Structure model' 'Database references'       
5 4 'Structure model' 'Derived calculations'      
6 4 'Structure model' 'Structure summary'         
7 5 'Structure model' 'Database references'       
# 
loop_
_pdbx_audit_revision_category.ordinal 
_pdbx_audit_revision_category.revision_ordinal 
_pdbx_audit_revision_category.data_content_type 
_pdbx_audit_revision_category.category 
1 4 'Structure model' chem_comp_atom            
2 4 'Structure model' chem_comp_bond            
3 4 'Structure model' database_2                
4 4 'Structure model' pdbx_entry_details        
5 4 'Structure model' pdbx_modification_feature 
6 4 'Structure model' struct_site               
7 5 'Structure model' citation                  
8 5 'Structure model' citation_author           
# 
loop_
_pdbx_audit_revision_item.ordinal 
_pdbx_audit_revision_item.revision_ordinal 
_pdbx_audit_revision_item.data_content_type 
_pdbx_audit_revision_item.item 
1  4 'Structure model' '_database_2.pdbx_DOI'                
2  4 'Structure model' '_database_2.pdbx_database_accession' 
3  4 'Structure model' '_struct_site.pdbx_auth_asym_id'      
4  4 'Structure model' '_struct_site.pdbx_auth_comp_id'      
5  4 'Structure model' '_struct_site.pdbx_auth_seq_id'       
6  5 'Structure model' '_citation.country'                   
7  5 'Structure model' '_citation.journal_abbrev'            
8  5 'Structure model' '_citation.journal_id_CSD'            
9  5 'Structure model' '_citation.journal_id_ISSN'           
10 5 'Structure model' '_citation.journal_volume'            
11 5 'Structure model' '_citation.page_first'                
12 5 'Structure model' '_citation.page_last'                 
13 5 'Structure model' '_citation.pdbx_database_id_DOI'      
14 5 'Structure model' '_citation.pdbx_database_id_PubMed'   
15 5 'Structure model' '_citation.title'                     
16 5 'Structure model' '_citation.year'                      
17 5 'Structure model' '_citation_author.name'               
# 
_pdbx_database_status.entry_id                        2GV0 
_pdbx_database_status.deposit_site                    RCSB 
_pdbx_database_status.process_site                    PDBJ 
_pdbx_database_status.recvd_initial_deposition_date   2006-05-02 
_pdbx_database_status.status_code                     REL 
_pdbx_database_status.status_code_sf                  REL 
_pdbx_database_status.status_code_mr                  ? 
_pdbx_database_status.SG_entry                        ? 
_pdbx_database_status.pdb_format_compatible           Y 
_pdbx_database_status.status_code_cs                  ? 
_pdbx_database_status.status_code_nmr_data            ? 
_pdbx_database_status.methods_development_category    ? 
# 
loop_
_audit_author.name 
_audit_author.pdbx_ordinal 
'Siritapetawee, J.' 1 
'Thammasirirak, S.' 2 
'Yuvaniyama, J.'    3 
'Robinson, R.C.'    4 
# 
loop_
_citation.id 
_citation.title 
_citation.journal_abbrev 
_citation.journal_volume 
_citation.page_first 
_citation.page_last 
_citation.year 
_citation.journal_id_ASTM 
_citation.country 
_citation.journal_id_ISSN 
_citation.journal_id_CSD 
_citation.book_publisher 
_citation.pdbx_database_id_PubMed 
_citation.pdbx_database_id_DOI 
primary 
;The 1.9 A X-ray structure of egg-white lysozyme from Taiwanese soft-shelled turtle (Trionyx Sinensis Wiegmann) exhibits structural differences from the standard chicken-type lysozyme.
;
J.Biochem.     145 193 198 2009 ?      JP 0021-924X ?    ? 19029145 10.1093/jb/mvn156 
1       'Crystal structures of pheasant and guinea fowl egg-white lysozymes' 'Protein Sci.' 3   788 798 1994 PRCIEI US 0961-8368 
0795 ? 8061608  ?                 
# 
loop_
_citation_author.citation_id 
_citation_author.name 
_citation_author.ordinal 
_citation_author.identifier_ORCID 
primary 'Siritapetawee, J.' 1 ? 
primary 'Thammasirirak, S.' 2 ? 
primary 'Robinson, R.C.'    3 ? 
primary 'Yuvaniyama, J.'    4 ? 
1       'Lescar, J.'        5 ? 
1       'Souchon, H.'       6 ? 
1       'Alzari, P.M.'      7 ? 
# 
loop_
_entity.id 
_entity.type 
_entity.src_method 
_entity.pdbx_description 
_entity.formula_weight 
_entity.pdbx_number_of_molecules 
_entity.pdbx_ec 
_entity.pdbx_mutation 
_entity.pdbx_fragment 
_entity.details 
1 polymer     nat 'Lysozyme C'  14753.702 1  3.2.1.17 ? ? ? 
2 non-polymer syn 'SULFATE ION' 96.063    1  ?        ? ? ? 
3 water       nat water         18.015    99 ?        ? ? ? 
# 
_entity_name_com.entity_id   1 
_entity_name_com.name        '1,4-beta-N-acetylmuramidase C' 
# 
_entity_poly.entity_id                      1 
_entity_poly.type                           'polypeptide(L)' 
_entity_poly.nstd_linkage                   no 
_entity_poly.nstd_monomer                   no 
_entity_poly.pdbx_seq_one_letter_code       
;GKIYEQCELAREFKRHGMDGYHGYSLGDWVCTAKHESNFNTAATNYNRGDQSTDYGILQINSRWWCNDGKTPKAKNACGI
ECSELLKADITAAVNCAKRIVRDPNGMGAWVAWTKYCKGKDVSQWIKGCKL
;
_entity_poly.pdbx_seq_one_letter_code_can   
;GKIYEQCELAREFKRHGMDGYHGYSLGDWVCTAKHESNFNTAATNYNRGDQSTDYGILQINSRWWCNDGKTPKAKNACGI
ECSELLKADITAAVNCAKRIVRDPNGMGAWVAWTKYCKGKDVSQWIKGCKL
;
_entity_poly.pdbx_strand_id                 A 
_entity_poly.pdbx_target_identifier         ? 
# 
loop_
_pdbx_entity_nonpoly.entity_id 
_pdbx_entity_nonpoly.name 
_pdbx_entity_nonpoly.comp_id 
2 'SULFATE ION' SO4 
3 water         HOH 
# 
loop_
_entity_poly_seq.entity_id 
_entity_poly_seq.num 
_entity_poly_seq.mon_id 
_entity_poly_seq.hetero 
1 1   GLY n 
1 2   LYS n 
1 3   ILE n 
1 4   TYR n 
1 5   GLU n 
1 6   GLN n 
1 7   CYS n 
1 8   GLU n 
1 9   LEU n 
1 10  ALA n 
1 11  ARG n 
1 12  GLU n 
1 13  PHE n 
1 14  LYS n 
1 15  ARG n 
1 16  HIS n 
1 17  GLY n 
1 18  MET n 
1 19  ASP n 
1 20  GLY n 
1 21  TYR n 
1 22  HIS n 
1 23  GLY n 
1 24  TYR n 
1 25  SER n 
1 26  LEU n 
1 27  GLY n 
1 28  ASP n 
1 29  TRP n 
1 30  VAL n 
1 31  CYS n 
1 32  THR n 
1 33  ALA n 
1 34  LYS n 
1 35  HIS n 
1 36  GLU n 
1 37  SER n 
1 38  ASN n 
1 39  PHE n 
1 40  ASN n 
1 41  THR n 
1 42  ALA n 
1 43  ALA n 
1 44  THR n 
1 45  ASN n 
1 46  TYR n 
1 47  ASN n 
1 48  ARG n 
1 49  GLY n 
1 50  ASP n 
1 51  GLN n 
1 52  SER n 
1 53  THR n 
1 54  ASP n 
1 55  TYR n 
1 56  GLY n 
1 57  ILE n 
1 58  LEU n 
1 59  GLN n 
1 60  ILE n 
1 61  ASN n 
1 62  SER n 
1 63  ARG n 
1 64  TRP n 
1 65  TRP n 
1 66  CYS n 
1 67  ASN n 
1 68  ASP n 
1 69  GLY n 
1 70  LYS n 
1 71  THR n 
1 72  PRO n 
1 73  LYS n 
1 74  ALA n 
1 75  LYS n 
1 76  ASN n 
1 77  ALA n 
1 78  CYS n 
1 79  GLY n 
1 80  ILE n 
1 81  GLU n 
1 82  CYS n 
1 83  SER n 
1 84  GLU n 
1 85  LEU n 
1 86  LEU n 
1 87  LYS n 
1 88  ALA n 
1 89  ASP n 
1 90  ILE n 
1 91  THR n 
1 92  ALA n 
1 93  ALA n 
1 94  VAL n 
1 95  ASN n 
1 96  CYS n 
1 97  ALA n 
1 98  LYS n 
1 99  ARG n 
1 100 ILE n 
1 101 VAL n 
1 102 ARG n 
1 103 ASP n 
1 104 PRO n 
1 105 ASN n 
1 106 GLY n 
1 107 MET n 
1 108 GLY n 
1 109 ALA n 
1 110 TRP n 
1 111 VAL n 
1 112 ALA n 
1 113 TRP n 
1 114 THR n 
1 115 LYS n 
1 116 TYR n 
1 117 CYS n 
1 118 LYS n 
1 119 GLY n 
1 120 LYS n 
1 121 ASP n 
1 122 VAL n 
1 123 SER n 
1 124 GLN n 
1 125 TRP n 
1 126 ILE n 
1 127 LYS n 
1 128 GLY n 
1 129 CYS n 
1 130 LYS n 
1 131 LEU n 
# 
_entity_src_nat.entity_id                  1 
_entity_src_nat.pdbx_src_id                1 
_entity_src_nat.pdbx_alt_source_flag       sample 
_entity_src_nat.pdbx_beg_seq_num           ? 
_entity_src_nat.pdbx_end_seq_num           ? 
_entity_src_nat.common_name                'Chinese softshell turtle' 
_entity_src_nat.pdbx_organism_scientific   'Pelodiscus sinensis' 
_entity_src_nat.pdbx_ncbi_taxonomy_id      13735 
_entity_src_nat.genus                      Pelodiscus 
_entity_src_nat.species                    ? 
_entity_src_nat.strain                     ? 
_entity_src_nat.tissue                     ? 
_entity_src_nat.tissue_fraction            ? 
_entity_src_nat.pdbx_secretion             ? 
_entity_src_nat.pdbx_fragment              ? 
_entity_src_nat.pdbx_variant               ? 
_entity_src_nat.pdbx_cell_line             ? 
_entity_src_nat.pdbx_atcc                  ? 
_entity_src_nat.pdbx_cellular_location     ? 
_entity_src_nat.pdbx_organ                 ? 
_entity_src_nat.pdbx_organelle             ? 
_entity_src_nat.pdbx_cell                  ? 
_entity_src_nat.pdbx_plasmid_name          ? 
_entity_src_nat.pdbx_plasmid_details       ? 
_entity_src_nat.details                    'the correct name of the source is Trionyx sinensis wiegmann' 
# 
loop_
_chem_comp.id 
_chem_comp.type 
_chem_comp.mon_nstd_flag 
_chem_comp.name 
_chem_comp.pdbx_synonyms 
_chem_comp.formula 
_chem_comp.formula_weight 
ALA 'L-peptide linking' y ALANINE         ? 'C3 H7 N O2'     89.093  
ARG 'L-peptide linking' y ARGININE        ? 'C6 H15 N4 O2 1' 175.209 
ASN 'L-peptide linking' y ASPARAGINE      ? 'C4 H8 N2 O3'    132.118 
ASP 'L-peptide linking' y 'ASPARTIC ACID' ? 'C4 H7 N O4'     133.103 
CYS 'L-peptide linking' y CYSTEINE        ? 'C3 H7 N O2 S'   121.158 
GLN 'L-peptide linking' y GLUTAMINE       ? 'C5 H10 N2 O3'   146.144 
GLU 'L-peptide linking' y 'GLUTAMIC ACID' ? 'C5 H9 N O4'     147.129 
GLY 'peptide linking'   y GLYCINE         ? 'C2 H5 N O2'     75.067  
HIS 'L-peptide linking' y HISTIDINE       ? 'C6 H10 N3 O2 1' 156.162 
HOH non-polymer         . WATER           ? 'H2 O'           18.015  
ILE 'L-peptide linking' y ISOLEUCINE      ? 'C6 H13 N O2'    131.173 
LEU 'L-peptide linking' y LEUCINE         ? 'C6 H13 N O2'    131.173 
LYS 'L-peptide linking' y LYSINE          ? 'C6 H15 N2 O2 1' 147.195 
MET 'L-peptide linking' y METHIONINE      ? 'C5 H11 N O2 S'  149.211 
PHE 'L-peptide linking' y PHENYLALANINE   ? 'C9 H11 N O2'    165.189 
PRO 'L-peptide linking' y PROLINE         ? 'C5 H9 N O2'     115.130 
SER 'L-peptide linking' y SERINE          ? 'C3 H7 N O3'     105.093 
SO4 non-polymer         . 'SULFATE ION'   ? 'O4 S -2'        96.063  
THR 'L-peptide linking' y THREONINE       ? 'C4 H9 N O3'     119.119 
TRP 'L-peptide linking' y TRYPTOPHAN      ? 'C11 H12 N2 O2'  204.225 
TYR 'L-peptide linking' y TYROSINE        ? 'C9 H11 N O3'    181.189 
VAL 'L-peptide linking' y VALINE          ? 'C5 H11 N O2'    117.146 
# 
loop_
_pdbx_poly_seq_scheme.asym_id 
_pdbx_poly_seq_scheme.entity_id 
_pdbx_poly_seq_scheme.seq_id 
_pdbx_poly_seq_scheme.mon_id 
_pdbx_poly_seq_scheme.ndb_seq_num 
_pdbx_poly_seq_scheme.pdb_seq_num 
_pdbx_poly_seq_scheme.auth_seq_num 
_pdbx_poly_seq_scheme.pdb_mon_id 
_pdbx_poly_seq_scheme.auth_mon_id 
_pdbx_poly_seq_scheme.pdb_strand_id 
_pdbx_poly_seq_scheme.pdb_ins_code 
_pdbx_poly_seq_scheme.hetero 
A 1 1   GLY 1   1   1   GLY GLY A . n 
A 1 2   LYS 2   2   2   LYS LYS A . n 
A 1 3   ILE 3   3   3   ILE ILE A . n 
A 1 4   TYR 4   4   4   TYR TYR A . n 
A 1 5   GLU 5   5   5   GLU GLU A . n 
A 1 6   GLN 6   6   6   GLN GLN A . n 
A 1 7   CYS 7   7   7   CYS CYS A . n 
A 1 8   GLU 8   8   8   GLU GLU A . n 
A 1 9   LEU 9   9   9   LEU LEU A . n 
A 1 10  ALA 10  10  10  ALA ALA A . n 
A 1 11  ARG 11  11  11  ARG ARG A . n 
A 1 12  GLU 12  12  12  GLU GLU A . n 
A 1 13  PHE 13  13  13  PHE PHE A . n 
A 1 14  LYS 14  14  14  LYS LYS A . n 
A 1 15  ARG 15  15  15  ARG ARG A . n 
A 1 16  HIS 16  16  16  HIS HIS A . n 
A 1 17  GLY 17  17  17  GLY GLY A . n 
A 1 18  MET 18  18  18  MET MET A . n 
A 1 19  ASP 19  19  19  ASP ASP A . n 
A 1 20  GLY 20  20  20  GLY GLY A . n 
A 1 21  TYR 21  21  21  TYR TYR A . n 
A 1 22  HIS 22  22  22  HIS HIS A . n 
A 1 23  GLY 23  23  23  GLY GLY A . n 
A 1 24  TYR 24  24  24  TYR TYR A . n 
A 1 25  SER 25  25  25  SER SER A . n 
A 1 26  LEU 26  26  26  LEU LEU A . n 
A 1 27  GLY 27  27  27  GLY GLY A . n 
A 1 28  ASP 28  28  28  ASP ASP A . n 
A 1 29  TRP 29  29  29  TRP TRP A . n 
A 1 30  VAL 30  30  30  VAL VAL A . n 
A 1 31  CYS 31  31  31  CYS CYS A . n 
A 1 32  THR 32  32  32  THR THR A . n 
A 1 33  ALA 33  33  33  ALA ALA A . n 
A 1 34  LYS 34  34  34  LYS LYS A . n 
A 1 35  HIS 35  35  35  HIS HIS A . n 
A 1 36  GLU 36  36  36  GLU GLU A . n 
A 1 37  SER 37  37  37  SER SER A . n 
A 1 38  ASN 38  38  38  ASN ASN A . n 
A 1 39  PHE 39  39  39  PHE PHE A . n 
A 1 40  ASN 40  40  40  ASN ASN A . n 
A 1 41  THR 41  41  41  THR THR A . n 
A 1 42  ALA 42  42  42  ALA ALA A . n 
A 1 43  ALA 43  43  43  ALA ALA A . n 
A 1 44  THR 44  44  44  THR THR A . n 
A 1 45  ASN 45  45  45  ASN ASN A . n 
A 1 46  TYR 46  46  46  TYR TYR A . n 
A 1 47  ASN 47  47  47  ASN ASN A . n 
A 1 48  ARG 48  48  48  ARG ARG A . n 
A 1 49  GLY 49  49  49  GLY GLY A . n 
A 1 50  ASP 50  50  50  ASP ASP A . n 
A 1 51  GLN 51  51  51  GLN GLN A . n 
A 1 52  SER 52  52  52  SER SER A . n 
A 1 53  THR 53  53  53  THR THR A . n 
A 1 54  ASP 54  54  54  ASP ASP A . n 
A 1 55  TYR 55  55  55  TYR TYR A . n 
A 1 56  GLY 56  56  56  GLY GLY A . n 
A 1 57  ILE 57  57  57  ILE ILE A . n 
A 1 58  LEU 58  58  58  LEU LEU A . n 
A 1 59  GLN 59  59  59  GLN GLN A . n 
A 1 60  ILE 60  60  60  ILE ILE A . n 
A 1 61  ASN 61  61  61  ASN ASN A . n 
A 1 62  SER 62  62  62  SER SER A . n 
A 1 63  ARG 63  63  63  ARG ARG A . n 
A 1 64  TRP 64  64  64  TRP TRP A . n 
A 1 65  TRP 65  65  65  TRP TRP A . n 
A 1 66  CYS 66  66  66  CYS CYS A . n 
A 1 67  ASN 67  67  67  ASN ASN A . n 
A 1 68  ASP 68  68  68  ASP ASP A . n 
A 1 69  GLY 69  69  69  GLY GLY A . n 
A 1 70  LYS 70  70  70  LYS LYS A . n 
A 1 71  THR 71  71  71  THR THR A . n 
A 1 72  PRO 72  72  72  PRO PRO A . n 
A 1 73  LYS 73  73  73  LYS LYS A . n 
A 1 74  ALA 74  74  74  ALA ALA A . n 
A 1 75  LYS 75  75  75  LYS LYS A . n 
A 1 76  ASN 76  76  76  ASN ASN A . n 
A 1 77  ALA 77  77  77  ALA ALA A . n 
A 1 78  CYS 78  78  78  CYS CYS A . n 
A 1 79  GLY 79  79  79  GLY GLY A . n 
A 1 80  ILE 80  80  80  ILE ILE A . n 
A 1 81  GLU 81  81  81  GLU GLU A . n 
A 1 82  CYS 82  82  82  CYS CYS A . n 
A 1 83  SER 83  83  83  SER SER A . n 
A 1 84  GLU 84  84  84  GLU GLU A . n 
A 1 85  LEU 85  85  85  LEU LEU A . n 
A 1 86  LEU 86  86  86  LEU LEU A . n 
A 1 87  LYS 87  87  87  LYS LYS A . n 
A 1 88  ALA 88  88  88  ALA ALA A . n 
A 1 89  ASP 89  89  89  ASP ASP A . n 
A 1 90  ILE 90  90  90  ILE ILE A . n 
A 1 91  THR 91  91  91  THR THR A . n 
A 1 92  ALA 92  92  92  ALA ALA A . n 
A 1 93  ALA 93  93  93  ALA ALA A . n 
A 1 94  VAL 94  94  94  VAL VAL A . n 
A 1 95  ASN 95  95  95  ASN ASN A . n 
A 1 96  CYS 96  96  96  CYS CYS A . n 
A 1 97  ALA 97  97  97  ALA ALA A . n 
A 1 98  LYS 98  98  98  LYS LYS A . n 
A 1 99  ARG 99  99  99  ARG ARG A . n 
A 1 100 ILE 100 100 100 ILE ILE A . n 
A 1 101 VAL 101 101 101 VAL VAL A . n 
A 1 102 ARG 102 102 102 ARG ARG A . n 
A 1 103 ASP 103 103 103 ASP ASP A . n 
A 1 104 PRO 104 104 104 PRO PRO A . n 
A 1 105 ASN 105 105 105 ASN ASN A . n 
A 1 106 GLY 106 106 106 GLY GLY A . n 
A 1 107 MET 107 107 107 MET MET A . n 
A 1 108 GLY 108 108 108 GLY GLY A . n 
A 1 109 ALA 109 109 109 ALA ALA A . n 
A 1 110 TRP 110 110 110 TRP TRP A . n 
A 1 111 VAL 111 111 111 VAL VAL A . n 
A 1 112 ALA 112 112 112 ALA ALA A . n 
A 1 113 TRP 113 113 113 TRP TRP A . n 
A 1 114 THR 114 114 114 THR THR A . n 
A 1 115 LYS 115 115 115 LYS LYS A . n 
A 1 116 TYR 116 116 116 TYR TYR A . n 
A 1 117 CYS 117 117 117 CYS CYS A . n 
A 1 118 LYS 118 118 118 LYS LYS A . n 
A 1 119 GLY 119 119 119 GLY GLY A . n 
A 1 120 LYS 120 120 120 LYS LYS A . n 
A 1 121 ASP 121 121 121 ASP ASP A . n 
A 1 122 VAL 122 122 122 VAL VAL A . n 
A 1 123 SER 123 123 123 SER SER A . n 
A 1 124 GLN 124 124 124 GLN GLN A . n 
A 1 125 TRP 125 125 125 TRP TRP A . n 
A 1 126 ILE 126 126 126 ILE ILE A . n 
A 1 127 LYS 127 127 127 LYS LYS A . n 
A 1 128 GLY 128 128 128 GLY GLY A . n 
A 1 129 CYS 129 129 129 CYS CYS A . n 
A 1 130 LYS 130 130 130 LYS LYS A . n 
A 1 131 LEU 131 131 131 LEU LEU A . n 
# 
loop_
_pdbx_nonpoly_scheme.asym_id 
_pdbx_nonpoly_scheme.entity_id 
_pdbx_nonpoly_scheme.mon_id 
_pdbx_nonpoly_scheme.ndb_seq_num 
_pdbx_nonpoly_scheme.pdb_seq_num 
_pdbx_nonpoly_scheme.auth_seq_num 
_pdbx_nonpoly_scheme.pdb_mon_id 
_pdbx_nonpoly_scheme.auth_mon_id 
_pdbx_nonpoly_scheme.pdb_strand_id 
_pdbx_nonpoly_scheme.pdb_ins_code 
B 2 SO4 1  157 157 SO4 SO4 A . 
C 3 HOH 1  158 1   HOH HOH A . 
C 3 HOH 2  159 2   HOH HOH A . 
C 3 HOH 3  160 3   HOH HOH A . 
C 3 HOH 4  161 4   HOH HOH A . 
C 3 HOH 5  162 5   HOH HOH A . 
C 3 HOH 6  163 6   HOH HOH A . 
C 3 HOH 7  164 7   HOH HOH A . 
C 3 HOH 8  165 8   HOH HOH A . 
C 3 HOH 9  166 9   HOH HOH A . 
C 3 HOH 10 167 10  HOH HOH A . 
C 3 HOH 11 168 11  HOH HOH A . 
C 3 HOH 12 169 12  HOH HOH A . 
C 3 HOH 13 170 13  HOH HOH A . 
C 3 HOH 14 171 14  HOH HOH A . 
C 3 HOH 15 172 15  HOH HOH A . 
C 3 HOH 16 173 16  HOH HOH A . 
C 3 HOH 17 174 17  HOH HOH A . 
C 3 HOH 18 175 18  HOH HOH A . 
C 3 HOH 19 176 19  HOH HOH A . 
C 3 HOH 20 177 20  HOH HOH A . 
C 3 HOH 21 178 21  HOH HOH A . 
C 3 HOH 22 179 22  HOH HOH A . 
C 3 HOH 23 180 23  HOH HOH A . 
C 3 HOH 24 181 24  HOH HOH A . 
C 3 HOH 25 182 25  HOH HOH A . 
C 3 HOH 26 183 26  HOH HOH A . 
C 3 HOH 27 184 27  HOH HOH A . 
C 3 HOH 28 185 28  HOH HOH A . 
C 3 HOH 29 186 29  HOH HOH A . 
C 3 HOH 30 187 30  HOH HOH A . 
C 3 HOH 31 188 31  HOH HOH A . 
C 3 HOH 32 189 32  HOH HOH A . 
C 3 HOH 33 190 33  HOH HOH A . 
C 3 HOH 34 191 34  HOH HOH A . 
C 3 HOH 35 192 35  HOH HOH A . 
C 3 HOH 36 193 36  HOH HOH A . 
C 3 HOH 37 194 37  HOH HOH A . 
C 3 HOH 38 195 38  HOH HOH A . 
C 3 HOH 39 196 39  HOH HOH A . 
C 3 HOH 40 197 40  HOH HOH A . 
C 3 HOH 41 198 41  HOH HOH A . 
C 3 HOH 42 199 42  HOH HOH A . 
C 3 HOH 43 200 43  HOH HOH A . 
C 3 HOH 44 201 44  HOH HOH A . 
C 3 HOH 45 202 45  HOH HOH A . 
C 3 HOH 46 203 46  HOH HOH A . 
C 3 HOH 47 204 47  HOH HOH A . 
C 3 HOH 48 205 48  HOH HOH A . 
C 3 HOH 49 206 49  HOH HOH A . 
C 3 HOH 50 207 50  HOH HOH A . 
C 3 HOH 51 208 51  HOH HOH A . 
C 3 HOH 52 209 52  HOH HOH A . 
C 3 HOH 53 210 53  HOH HOH A . 
C 3 HOH 54 211 54  HOH HOH A . 
C 3 HOH 55 212 55  HOH HOH A . 
C 3 HOH 56 213 56  HOH HOH A . 
C 3 HOH 57 214 57  HOH HOH A . 
C 3 HOH 58 215 58  HOH HOH A . 
C 3 HOH 59 216 59  HOH HOH A . 
C 3 HOH 60 217 60  HOH HOH A . 
C 3 HOH 61 218 61  HOH HOH A . 
C 3 HOH 62 219 62  HOH HOH A . 
C 3 HOH 63 220 63  HOH HOH A . 
C 3 HOH 64 221 64  HOH HOH A . 
C 3 HOH 65 222 65  HOH HOH A . 
C 3 HOH 66 223 66  HOH HOH A . 
C 3 HOH 67 224 67  HOH HOH A . 
C 3 HOH 68 225 68  HOH HOH A . 
C 3 HOH 69 226 69  HOH HOH A . 
C 3 HOH 70 227 70  HOH HOH A . 
C 3 HOH 71 228 71  HOH HOH A . 
C 3 HOH 72 229 72  HOH HOH A . 
C 3 HOH 73 230 73  HOH HOH A . 
C 3 HOH 74 231 74  HOH HOH A . 
C 3 HOH 75 232 75  HOH HOH A . 
C 3 HOH 76 233 76  HOH HOH A . 
C 3 HOH 77 234 77  HOH HOH A . 
C 3 HOH 78 235 78  HOH HOH A . 
C 3 HOH 79 236 79  HOH HOH A . 
C 3 HOH 80 237 80  HOH HOH A . 
C 3 HOH 81 238 81  HOH HOH A . 
C 3 HOH 82 239 82  HOH HOH A . 
C 3 HOH 83 240 83  HOH HOH A . 
C 3 HOH 84 241 84  HOH HOH A . 
C 3 HOH 85 242 85  HOH HOH A . 
C 3 HOH 86 243 86  HOH HOH A . 
C 3 HOH 87 244 87  HOH HOH A . 
C 3 HOH 88 245 88  HOH HOH A . 
C 3 HOH 89 246 89  HOH HOH A . 
C 3 HOH 90 247 90  HOH HOH A . 
C 3 HOH 91 248 91  HOH HOH A . 
C 3 HOH 92 249 92  HOH HOH A . 
C 3 HOH 93 250 93  HOH HOH A . 
C 3 HOH 94 251 94  HOH HOH A . 
C 3 HOH 95 252 95  HOH HOH A . 
C 3 HOH 96 253 96  HOH HOH A . 
C 3 HOH 97 254 97  HOH HOH A . 
C 3 HOH 98 255 98  HOH HOH A . 
C 3 HOH 99 256 99  HOH HOH A . 
# 
loop_
_software.name 
_software.version 
_software.date 
_software.type 
_software.contact_author 
_software.contact_author_email 
_software.classification 
_software.location 
_software.language 
_software.citation_id 
_software.pdbx_ordinal 
d*TREK       .              ?                package 'Pflugrath, J.W.' jwp@RigakuMSC.com        'data scaling'    
http://www.msc.com/protein/dtrek.html ?          ? 1 
AMoRE        .              ?                program 'Jorge Navaza'    ccp4@dl.ac.uk            phasing           
http://www.ccp4.ac.uk/main.html       Fortran_77 ? 2 
REFMAC       .              ?                program 'Murshudov, G.N.' ccp4@dl.ac.uk            refinement        
http://www.ccp4.ac.uk/main.html       Fortran_77 ? 3 
PDB_EXTRACT  2.000          'April. 3, 2006' package PDB               sw-help@rcsb.rutgers.edu 'data extraction' 
http://pdb.rutgers.edu/software/      C++        ? 4 
CrystalClear '(MSC/RIGAKU)' ?                ?       ?                 ?                        'data reduction'  ? ?          ? 5 
# 
_cell.entry_id           2GV0 
_cell.length_a           37.758 
_cell.length_b           55.561 
_cell.length_c           72.234 
_cell.angle_alpha        90.00 
_cell.angle_beta         90.00 
_cell.angle_gamma        90.00 
_cell.Z_PDB              4 
_cell.pdbx_unique_axis   ? 
_cell.length_a_esd       ? 
_cell.length_b_esd       ? 
_cell.length_c_esd       ? 
_cell.angle_alpha_esd    ? 
_cell.angle_beta_esd     ? 
_cell.angle_gamma_esd    ? 
# 
_symmetry.entry_id                         2GV0 
_symmetry.space_group_name_H-M             'P 21 21 21' 
_symmetry.pdbx_full_space_group_name_H-M   ? 
_symmetry.cell_setting                     ? 
_symmetry.Int_Tables_number                19 
_symmetry.space_group_name_Hall            ? 
# 
_exptl.crystals_number   1 
_exptl.entry_id          2GV0 
_exptl.method            'X-RAY DIFFRACTION' 
# 
_exptl_crystal.id                    1 
_exptl_crystal.density_meas          ? 
_exptl_crystal.density_percent_sol   52.15 
_exptl_crystal.density_Matthews      2.57 
_exptl_crystal.description           ? 
_exptl_crystal.F_000                 ? 
_exptl_crystal.preparation           ? 
# 
_exptl_crystal_grow.crystal_id      1 
_exptl_crystal_grow.method          'VAPOR DIFFUSION, SITTING DROP' 
_exptl_crystal_grow.pH              6.5 
_exptl_crystal_grow.temp            291 
_exptl_crystal_grow.temp_details    ? 
_exptl_crystal_grow.pdbx_details    'pH 6.5, VAPOR DIFFUSION, SITTING DROP, temperature 291K' 
_exptl_crystal_grow.pdbx_pH_range   . 
# 
_diffrn.id                     1 
_diffrn.ambient_temp           ? 
_diffrn.ambient_temp_details   ? 
_diffrn.crystal_id             1 
# 
_diffrn_detector.diffrn_id              1 
_diffrn_detector.detector               ? 
_diffrn_detector.type                   ? 
_diffrn_detector.pdbx_collection_date   2005-03-18 
_diffrn_detector.details                ? 
# 
_diffrn_radiation.diffrn_id                        1 
_diffrn_radiation.wavelength_id                    1 
_diffrn_radiation.pdbx_diffrn_protocol             'SINGLE WAVELENGTH' 
_diffrn_radiation.monochromator                    ? 
_diffrn_radiation.pdbx_monochromatic_or_laue_m_l   M 
_diffrn_radiation.pdbx_scattering_type             x-ray 
# 
_diffrn_radiation_wavelength.id           1 
_diffrn_radiation_wavelength.wavelength   . 
_diffrn_radiation_wavelength.wt           1.0 
# 
_diffrn_source.diffrn_id                   1 
_diffrn_source.source                      'ROTATING ANODE' 
_diffrn_source.type                        'RIGAKU RUH3R' 
_diffrn_source.pdbx_wavelength             ? 
_diffrn_source.pdbx_wavelength_list        ? 
_diffrn_source.pdbx_synchrotron_site       ? 
_diffrn_source.pdbx_synchrotron_beamline   ? 
# 
_reflns.entry_id                     2GV0 
_reflns.d_resolution_high            1.900 
_reflns.d_resolution_low             19.069 
_reflns.limit_h_max                  19 
_reflns.limit_h_min                  0 
_reflns.limit_k_max                  29 
_reflns.limit_k_min                  0 
_reflns.limit_l_max                  38 
_reflns.limit_l_min                  0 
_reflns.number_all                   12488 
_reflns.number_obs                   12433 
_reflns.observed_criterion_sigma_F   ? 
_reflns.observed_criterion_sigma_I   ? 
_reflns.percent_possible_obs         ? 
_reflns.pdbx_Rmerge_I_obs            ? 
_reflns.pdbx_Rsym_value              ? 
_reflns.pdbx_netI_over_sigmaI        ? 
_reflns.B_iso_Wilson_estimate        ? 
_reflns.pdbx_redundancy              ? 
_reflns.R_free_details               ? 
_reflns.observed_criterion_F_max     ? 
_reflns.observed_criterion_F_min     ? 
_reflns.pdbx_chi_squared             ? 
_reflns.pdbx_scaling_rejects         ? 
_reflns.pdbx_diffrn_id               1 
_reflns.pdbx_ordinal                 1 
# 
_reflns_shell.d_res_high             1.90 
_reflns_shell.d_res_low              1.97 
_reflns_shell.percent_possible_obs   ? 
_reflns_shell.percent_possible_all   99.4 
_reflns_shell.Rmerge_I_obs           0.046 
_reflns_shell.meanI_over_sigI_obs    2.5 
_reflns_shell.pdbx_Rsym_value        ? 
_reflns_shell.pdbx_redundancy        ? 
_reflns_shell.number_unique_all      12477 
_reflns_shell.number_measured_all    ? 
_reflns_shell.number_measured_obs    ? 
_reflns_shell.number_unique_obs      ? 
_reflns_shell.pdbx_chi_squared       ? 
_reflns_shell.pdbx_diffrn_id         ? 
_reflns_shell.pdbx_ordinal           1 
# 
_refine.entry_id                                 2GV0 
_refine.ls_d_res_high                            1.900 
_refine.ls_d_res_low                             17.2 
_refine.pdbx_ls_sigma_F                          0.00 
_refine.ls_percent_reflns_obs                    99.560 
_refine.ls_number_reflns_obs                     11835 
_refine.pdbx_ls_cross_valid_method               THROUGHOUT 
_refine.pdbx_R_Free_selection_details            RANDOM 
_refine.details                                  'HYDROGENS HAVE BEEN ADDED IN THE RIDING POSITIONS' 
_refine.ls_R_factor_all                          0.209 
_refine.ls_R_factor_R_work                       0.207 
_refine.ls_R_factor_R_free                       0.232 
_refine.ls_percent_reflns_R_free                 4.800 
_refine.ls_number_reflns_R_free                  599 
_refine.B_iso_mean                               21.154 
_refine.aniso_B[1][1]                            -0.200 
_refine.aniso_B[2][2]                            1.050 
_refine.aniso_B[3][3]                            -0.860 
_refine.aniso_B[1][2]                            0.000 
_refine.aniso_B[1][3]                            0.000 
_refine.aniso_B[2][3]                            0.000 
_refine.correlation_coeff_Fo_to_Fc               0.944 
_refine.correlation_coeff_Fo_to_Fc_free          0.930 
_refine.pdbx_overall_ESU_R                       0.158 
_refine.pdbx_overall_ESU_R_Free                  0.139 
_refine.overall_SU_ML                            0.092 
_refine.overall_SU_B                             3.130 
_refine.solvent_model_details                    MASK 
_refine.pdbx_solvent_vdw_probe_radii             1.400 
_refine.pdbx_solvent_ion_probe_radii             0.800 
_refine.pdbx_solvent_shrinkage_radii             0.800 
_refine.pdbx_stereochemistry_target_values       'MAXIMUM LIKELIHOOD' 
_refine.pdbx_ls_sigma_I                          ? 
_refine.ls_number_reflns_all                     ? 
_refine.ls_R_factor_obs                          ? 
_refine.ls_redundancy_reflns_obs                 ? 
_refine.pdbx_data_cutoff_high_absF               ? 
_refine.pdbx_data_cutoff_low_absF                ? 
_refine.ls_number_parameters                     ? 
_refine.ls_number_restraints                     ? 
_refine.ls_R_factor_R_free_error                 ? 
_refine.ls_R_factor_R_free_error_details         ? 
_refine.pdbx_method_to_determine_struct          'MOLECULAR REPLACEMENT' 
_refine.pdbx_starting_model                      ? 
_refine.pdbx_stereochem_target_val_spec_case     ? 
_refine.solvent_model_param_bsol                 ? 
_refine.solvent_model_param_ksol                 ? 
_refine.occupancy_max                            ? 
_refine.occupancy_min                            ? 
_refine.pdbx_isotropic_thermal_model             ? 
_refine.B_iso_min                                ? 
_refine.B_iso_max                                ? 
_refine.overall_SU_R_Cruickshank_DPI             ? 
_refine.overall_SU_R_free                        ? 
_refine.pdbx_data_cutoff_high_rms_absF           ? 
_refine.ls_wR_factor_R_free                      ? 
_refine.ls_wR_factor_R_work                      ? 
_refine.overall_FOM_free_R_set                   ? 
_refine.overall_FOM_work_R_set                   ? 
_refine.pdbx_refine_id                           'X-RAY DIFFRACTION' 
_refine.pdbx_diffrn_id                           1 
_refine.pdbx_TLS_residual_ADP_flag               ? 
_refine.pdbx_overall_phase_error                 ? 
_refine.pdbx_overall_SU_R_free_Cruickshank_DPI   ? 
_refine.pdbx_overall_SU_R_Blow_DPI               ? 
_refine.pdbx_overall_SU_R_free_Blow_DPI          ? 
# 
_refine_hist.pdbx_refine_id                   'X-RAY DIFFRACTION' 
_refine_hist.cycle_id                         LAST 
_refine_hist.pdbx_number_atoms_protein        1032 
_refine_hist.pdbx_number_atoms_nucleic_acid   0 
_refine_hist.pdbx_number_atoms_ligand         5 
_refine_hist.number_atoms_solvent             99 
_refine_hist.number_atoms_total               1136 
_refine_hist.d_res_high                       1.900 
_refine_hist.d_res_low                        17.2 
# 
loop_
_refine_ls_restr.type 
_refine_ls_restr.number 
_refine_ls_restr.dev_ideal 
_refine_ls_restr.dev_ideal_target 
_refine_ls_restr.weight 
_refine_ls_restr.pdbx_refine_id 
_refine_ls_restr.pdbx_restraint_function 
r_bond_refined_d         1064 0.014  0.021  ? 'X-RAY DIFFRACTION' ? 
r_angle_refined_deg      1438 1.327  1.916  ? 'X-RAY DIFFRACTION' ? 
r_dihedral_angle_1_deg   130  6.288  5.000  ? 'X-RAY DIFFRACTION' ? 
r_dihedral_angle_2_deg   50   37.673 24.2   ? 'X-RAY DIFFRACTION' ? 
r_dihedral_angle_3_deg   182  16.407 15.000 ? 'X-RAY DIFFRACTION' ? 
r_dihedral_angle_4_deg   6    20.965 15.000 ? 'X-RAY DIFFRACTION' ? 
r_chiral_restr           143  0.096  0.200  ? 'X-RAY DIFFRACTION' ? 
r_gen_planes_refined     810  0.005  0.020  ? 'X-RAY DIFFRACTION' ? 
r_nbd_refined            521  0.213  0.20   ? 'X-RAY DIFFRACTION' ? 
r_nbtor_refined          717  0.292  0.200  ? 'X-RAY DIFFRACTION' ? 
r_xyhbond_nbd_refined    89   0.163  0.200  ? 'X-RAY DIFFRACTION' ? 
r_symmetry_vdw_refined   37   0.167  0.200  ? 'X-RAY DIFFRACTION' ? 
r_symmetry_hbond_refined 12   0.136  0.200  ? 'X-RAY DIFFRACTION' ? 
r_mcbond_it              665  0.746  1.500  ? 'X-RAY DIFFRACTION' ? 
r_mcangle_it             1021 1.269  2.000  ? 'X-RAY DIFFRACTION' ? 
r_scbond_it              485  1.883  3.000  ? 'X-RAY DIFFRACTION' ? 
r_scangle_it             417  2.992  4.500  ? 'X-RAY DIFFRACTION' ? 
# 
_refine_ls_shell.d_res_high                       1.900 
_refine_ls_shell.d_res_low                        1.949 
_refine_ls_shell.pdbx_total_number_of_bins_used   20 
_refine_ls_shell.percent_reflns_obs               96.370 
_refine_ls_shell.number_reflns_R_work             818 
_refine_ls_shell.R_factor_all                     ? 
_refine_ls_shell.R_factor_R_work                  0.334 
_refine_ls_shell.R_factor_R_free                  0.323 
_refine_ls_shell.percent_reflns_R_free            ? 
_refine_ls_shell.number_reflns_R_free             31 
_refine_ls_shell.R_factor_R_free_error            ? 
_refine_ls_shell.number_reflns_all                ? 
_refine_ls_shell.number_reflns_obs                849 
_refine_ls_shell.redundancy_reflns_obs            ? 
_refine_ls_shell.pdbx_refine_id                   'X-RAY DIFFRACTION' 
# 
_struct.entry_id                  2GV0 
_struct.title                     
'The structure of the orthorhombic form of soft-shelled turtle lysozyme at 1.9 angstroms resolution' 
_struct.pdbx_model_details        ? 
_struct.pdbx_CASP_flag            ? 
_struct.pdbx_model_type_details   ? 
# 
_struct_keywords.entry_id        2GV0 
_struct_keywords.pdbx_keywords   HYDROLASE 
_struct_keywords.text            'LYSOZYME, HYDROLASE' 
# 
loop_
_struct_asym.id 
_struct_asym.pdbx_blank_PDB_chainid_flag 
_struct_asym.pdbx_modified 
_struct_asym.entity_id 
_struct_asym.details 
A N N 1 ? 
B N N 2 ? 
C N N 3 ? 
# 
_struct_ref.id                         1 
_struct_ref.db_name                    UNP 
_struct_ref.db_code                    LYSC_TRISI 
_struct_ref.pdbx_db_accession          Q7LZQ1 
_struct_ref.entity_id                  1 
_struct_ref.pdbx_seq_one_letter_code   
;GKIYEQCELAREFKRHGMDGYHGYSLGDWVCTAKHESNFNTAATNYNRGDQSTDYGILQINSRWWCNDGKTPKAKNACGI
ECSELLKADITAAVNCAKRIVRDPNGMGAWVAWTKYCKGKDVSQWIKGCKL
;
_struct_ref.pdbx_align_begin           1 
_struct_ref.pdbx_db_isoform            ? 
# 
_struct_ref_seq.align_id                      1 
_struct_ref_seq.ref_id                        1 
_struct_ref_seq.pdbx_PDB_id_code              2GV0 
_struct_ref_seq.pdbx_strand_id                A 
_struct_ref_seq.seq_align_beg                 1 
_struct_ref_seq.pdbx_seq_align_beg_ins_code   ? 
_struct_ref_seq.seq_align_end                 131 
_struct_ref_seq.pdbx_seq_align_end_ins_code   ? 
_struct_ref_seq.pdbx_db_accession             Q7LZQ1 
_struct_ref_seq.db_align_beg                  1 
_struct_ref_seq.pdbx_db_align_beg_ins_code    ? 
_struct_ref_seq.db_align_end                  131 
_struct_ref_seq.pdbx_db_align_end_ins_code    ? 
_struct_ref_seq.pdbx_auth_seq_align_beg       1 
_struct_ref_seq.pdbx_auth_seq_align_end       131 
# 
_pdbx_struct_assembly.id                   1 
_pdbx_struct_assembly.details              author_defined_assembly 
_pdbx_struct_assembly.method_details       ? 
_pdbx_struct_assembly.oligomeric_details   monomeric 
_pdbx_struct_assembly.oligomeric_count     1 
# 
_pdbx_struct_assembly_gen.assembly_id       1 
_pdbx_struct_assembly_gen.oper_expression   1 
_pdbx_struct_assembly_gen.asym_id_list      A,B,C 
# 
_pdbx_struct_oper_list.id                   1 
_pdbx_struct_oper_list.type                 'identity operation' 
_pdbx_struct_oper_list.name                 1_555 
_pdbx_struct_oper_list.symmetry_operation   x,y,z 
_pdbx_struct_oper_list.matrix[1][1]         1.0000000000 
_pdbx_struct_oper_list.matrix[1][2]         0.0000000000 
_pdbx_struct_oper_list.matrix[1][3]         0.0000000000 
_pdbx_struct_oper_list.vector[1]            0.0000000000 
_pdbx_struct_oper_list.matrix[2][1]         0.0000000000 
_pdbx_struct_oper_list.matrix[2][2]         1.0000000000 
_pdbx_struct_oper_list.matrix[2][3]         0.0000000000 
_pdbx_struct_oper_list.vector[2]            0.0000000000 
_pdbx_struct_oper_list.matrix[3][1]         0.0000000000 
_pdbx_struct_oper_list.matrix[3][2]         0.0000000000 
_pdbx_struct_oper_list.matrix[3][3]         1.0000000000 
_pdbx_struct_oper_list.vector[3]            0.0000000000 
# 
loop_
_struct_conf.conf_type_id 
_struct_conf.id 
_struct_conf.pdbx_PDB_helix_id 
_struct_conf.beg_label_comp_id 
_struct_conf.beg_label_asym_id 
_struct_conf.beg_label_seq_id 
_struct_conf.pdbx_beg_PDB_ins_code 
_struct_conf.end_label_comp_id 
_struct_conf.end_label_asym_id 
_struct_conf.end_label_seq_id 
_struct_conf.pdbx_end_PDB_ins_code 
_struct_conf.beg_auth_comp_id 
_struct_conf.beg_auth_asym_id 
_struct_conf.beg_auth_seq_id 
_struct_conf.end_auth_comp_id 
_struct_conf.end_auth_asym_id 
_struct_conf.end_auth_seq_id 
_struct_conf.pdbx_PDB_helix_class 
_struct_conf.details 
_struct_conf.pdbx_PDB_helix_length 
HELX_P HELX_P1 1 GLU A 5   ? HIS A 16  ? GLU A 5   HIS A 16  1 ? 12 
HELX_P HELX_P2 2 GLY A 20  ? TYR A 24  ? GLY A 20  TYR A 24  5 ? 5  
HELX_P HELX_P3 3 SER A 25  ? ASN A 38  ? SER A 25  ASN A 38  1 ? 14 
HELX_P HELX_P4 4 GLU A 81  ? LYS A 87  ? GLU A 81  LYS A 87  5 ? 7  
HELX_P HELX_P5 5 ILE A 90  ? ASP A 103 ? ILE A 90  ASP A 103 1 ? 14 
HELX_P HELX_P6 6 ASN A 105 ? ALA A 109 ? ASN A 105 ALA A 109 5 ? 5  
HELX_P HELX_P7 7 TRP A 110 ? CYS A 117 ? TRP A 110 CYS A 117 1 ? 8  
HELX_P HELX_P8 8 VAL A 122 ? ILE A 126 ? VAL A 122 ILE A 126 5 ? 5  
# 
_struct_conf_type.id          HELX_P 
_struct_conf_type.criteria    ? 
_struct_conf_type.reference   ? 
# 
loop_
_struct_conn.id 
_struct_conn.conn_type_id 
_struct_conn.pdbx_leaving_atom_flag 
_struct_conn.pdbx_PDB_id 
_struct_conn.ptnr1_label_asym_id 
_struct_conn.ptnr1_label_comp_id 
_struct_conn.ptnr1_label_seq_id 
_struct_conn.ptnr1_label_atom_id 
_struct_conn.pdbx_ptnr1_label_alt_id 
_struct_conn.pdbx_ptnr1_PDB_ins_code 
_struct_conn.pdbx_ptnr1_standard_comp_id 
_struct_conn.ptnr1_symmetry 
_struct_conn.ptnr2_label_asym_id 
_struct_conn.ptnr2_label_comp_id 
_struct_conn.ptnr2_label_seq_id 
_struct_conn.ptnr2_label_atom_id 
_struct_conn.pdbx_ptnr2_label_alt_id 
_struct_conn.pdbx_ptnr2_PDB_ins_code 
_struct_conn.ptnr1_auth_asym_id 
_struct_conn.ptnr1_auth_comp_id 
_struct_conn.ptnr1_auth_seq_id 
_struct_conn.ptnr2_auth_asym_id 
_struct_conn.ptnr2_auth_comp_id 
_struct_conn.ptnr2_auth_seq_id 
_struct_conn.ptnr2_symmetry 
_struct_conn.pdbx_ptnr3_label_atom_id 
_struct_conn.pdbx_ptnr3_label_seq_id 
_struct_conn.pdbx_ptnr3_label_comp_id 
_struct_conn.pdbx_ptnr3_label_asym_id 
_struct_conn.pdbx_ptnr3_label_alt_id 
_struct_conn.pdbx_ptnr3_PDB_ins_code 
_struct_conn.details 
_struct_conn.pdbx_dist_value 
_struct_conn.pdbx_value_order 
_struct_conn.pdbx_role 
disulf1 disulf ? ? A CYS 7  SG ? ? ? 1_555 A CYS 129 SG ? ? A CYS 7  A CYS 129 1_555 ? ? ? ? ? ? ? 2.017 ? ? 
disulf2 disulf ? ? A CYS 31 SG ? ? ? 1_555 A CYS 117 SG ? ? A CYS 31 A CYS 117 1_555 ? ? ? ? ? ? ? 2.022 ? ? 
disulf3 disulf ? ? A CYS 66 SG ? ? ? 1_555 A CYS 82  SG ? ? A CYS 66 A CYS 82  1_555 ? ? ? ? ? ? ? 2.064 ? ? 
disulf4 disulf ? ? A CYS 78 SG ? ? ? 1_555 A CYS 96  SG ? ? A CYS 78 A CYS 96  1_555 ? ? ? ? ? ? ? 2.044 ? ? 
# 
_struct_conn_type.id          disulf 
_struct_conn_type.criteria    ? 
_struct_conn_type.reference   ? 
# 
loop_
_pdbx_modification_feature.ordinal 
_pdbx_modification_feature.label_comp_id 
_pdbx_modification_feature.label_asym_id 
_pdbx_modification_feature.label_seq_id 
_pdbx_modification_feature.label_alt_id 
_pdbx_modification_feature.modified_residue_label_comp_id 
_pdbx_modification_feature.modified_residue_label_asym_id 
_pdbx_modification_feature.modified_residue_label_seq_id 
_pdbx_modification_feature.modified_residue_label_alt_id 
_pdbx_modification_feature.auth_comp_id 
_pdbx_modification_feature.auth_asym_id 
_pdbx_modification_feature.auth_seq_id 
_pdbx_modification_feature.PDB_ins_code 
_pdbx_modification_feature.symmetry 
_pdbx_modification_feature.modified_residue_auth_comp_id 
_pdbx_modification_feature.modified_residue_auth_asym_id 
_pdbx_modification_feature.modified_residue_auth_seq_id 
_pdbx_modification_feature.modified_residue_PDB_ins_code 
_pdbx_modification_feature.modified_residue_symmetry 
_pdbx_modification_feature.comp_id_linking_atom 
_pdbx_modification_feature.modified_residue_id_linking_atom 
_pdbx_modification_feature.modified_residue_id 
_pdbx_modification_feature.ref_pcm_id 
_pdbx_modification_feature.ref_comp_id 
_pdbx_modification_feature.type 
_pdbx_modification_feature.category 
1 CYS A 7  ? CYS A 129 ? CYS A 7  ? 1_555 CYS A 129 ? 1_555 SG SG . . . None 'Disulfide bridge' 
2 CYS A 31 ? CYS A 117 ? CYS A 31 ? 1_555 CYS A 117 ? 1_555 SG SG . . . None 'Disulfide bridge' 
3 CYS A 66 ? CYS A 82  ? CYS A 66 ? 1_555 CYS A 82  ? 1_555 SG SG . . . None 'Disulfide bridge' 
4 CYS A 78 ? CYS A 96  ? CYS A 78 ? 1_555 CYS A 96  ? 1_555 SG SG . . . None 'Disulfide bridge' 
# 
_struct_sheet.id               A 
_struct_sheet.type             ? 
_struct_sheet.number_strands   3 
_struct_sheet.details          ? 
# 
loop_
_struct_sheet_order.sheet_id 
_struct_sheet_order.range_id_1 
_struct_sheet_order.range_id_2 
_struct_sheet_order.offset 
_struct_sheet_order.sense 
A 1 2 ? anti-parallel 
A 2 3 ? anti-parallel 
# 
loop_
_struct_sheet_range.sheet_id 
_struct_sheet_range.id 
_struct_sheet_range.beg_label_comp_id 
_struct_sheet_range.beg_label_asym_id 
_struct_sheet_range.beg_label_seq_id 
_struct_sheet_range.pdbx_beg_PDB_ins_code 
_struct_sheet_range.end_label_comp_id 
_struct_sheet_range.end_label_asym_id 
_struct_sheet_range.end_label_seq_id 
_struct_sheet_range.pdbx_end_PDB_ins_code 
_struct_sheet_range.beg_auth_comp_id 
_struct_sheet_range.beg_auth_asym_id 
_struct_sheet_range.beg_auth_seq_id 
_struct_sheet_range.end_auth_comp_id 
_struct_sheet_range.end_auth_asym_id 
_struct_sheet_range.end_auth_seq_id 
A 1 THR A 44 ? ASN A 47 ? THR A 44 ASN A 47 
A 2 SER A 52 ? TYR A 55 ? SER A 52 TYR A 55 
A 3 ILE A 60 ? ASN A 61 ? ILE A 60 ASN A 61 
# 
loop_
_pdbx_struct_sheet_hbond.sheet_id 
_pdbx_struct_sheet_hbond.range_id_1 
_pdbx_struct_sheet_hbond.range_id_2 
_pdbx_struct_sheet_hbond.range_1_label_atom_id 
_pdbx_struct_sheet_hbond.range_1_label_comp_id 
_pdbx_struct_sheet_hbond.range_1_label_asym_id 
_pdbx_struct_sheet_hbond.range_1_label_seq_id 
_pdbx_struct_sheet_hbond.range_1_PDB_ins_code 
_pdbx_struct_sheet_hbond.range_1_auth_atom_id 
_pdbx_struct_sheet_hbond.range_1_auth_comp_id 
_pdbx_struct_sheet_hbond.range_1_auth_asym_id 
_pdbx_struct_sheet_hbond.range_1_auth_seq_id 
_pdbx_struct_sheet_hbond.range_2_label_atom_id 
_pdbx_struct_sheet_hbond.range_2_label_comp_id 
_pdbx_struct_sheet_hbond.range_2_label_asym_id 
_pdbx_struct_sheet_hbond.range_2_label_seq_id 
_pdbx_struct_sheet_hbond.range_2_PDB_ins_code 
_pdbx_struct_sheet_hbond.range_2_auth_atom_id 
_pdbx_struct_sheet_hbond.range_2_auth_comp_id 
_pdbx_struct_sheet_hbond.range_2_auth_asym_id 
_pdbx_struct_sheet_hbond.range_2_auth_seq_id 
A 1 2 N ASN A 47 ? N ASN A 47 O SER A 52 ? O SER A 52 
A 2 3 N TYR A 55 ? N TYR A 55 O ILE A 60 ? O ILE A 60 
# 
_struct_site.id                   AC1 
_struct_site.pdbx_evidence_code   Software 
_struct_site.pdbx_auth_asym_id    A 
_struct_site.pdbx_auth_comp_id    SO4 
_struct_site.pdbx_auth_seq_id     157 
_struct_site.pdbx_auth_ins_code   ? 
_struct_site.pdbx_num_residues    7 
_struct_site.details              'BINDING SITE FOR RESIDUE SO4 A 157' 
# 
loop_
_struct_site_gen.id 
_struct_site_gen.site_id 
_struct_site_gen.pdbx_num_res 
_struct_site_gen.label_comp_id 
_struct_site_gen.label_asym_id 
_struct_site_gen.label_seq_id 
_struct_site_gen.pdbx_auth_ins_code 
_struct_site_gen.auth_comp_id 
_struct_site_gen.auth_asym_id 
_struct_site_gen.auth_seq_id 
_struct_site_gen.label_atom_id 
_struct_site_gen.label_alt_id 
_struct_site_gen.symmetry 
_struct_site_gen.details 
1 AC1 7 GLY A 1   ? GLY A 1   . ? 4_556 ? 
2 AC1 7 LYS A 87  ? LYS A 87  . ? 4_556 ? 
3 AC1 7 ALA A 88  ? ALA A 88  . ? 4_556 ? 
4 AC1 7 GLN A 124 ? GLN A 124 . ? 1_555 ? 
5 AC1 7 HOH C .   ? HOH A 159 . ? 1_555 ? 
6 AC1 7 HOH C .   ? HOH A 185 . ? 1_555 ? 
7 AC1 7 HOH C .   ? HOH A 195 . ? 1_555 ? 
# 
_pdbx_entry_details.entry_id                   2GV0 
_pdbx_entry_details.compound_details           ? 
_pdbx_entry_details.source_details             ? 
_pdbx_entry_details.nonpolymer_details         ? 
_pdbx_entry_details.sequence_details           ? 
_pdbx_entry_details.has_ligand_of_interest     ? 
_pdbx_entry_details.has_protein_modification   Y 
# 
_pdbx_validate_close_contact.id               1 
_pdbx_validate_close_contact.PDB_model_num    1 
_pdbx_validate_close_contact.auth_atom_id_1   O 
_pdbx_validate_close_contact.auth_asym_id_1   A 
_pdbx_validate_close_contact.auth_comp_id_1   HOH 
_pdbx_validate_close_contact.auth_seq_id_1    167 
_pdbx_validate_close_contact.PDB_ins_code_1   ? 
_pdbx_validate_close_contact.label_alt_id_1   ? 
_pdbx_validate_close_contact.auth_atom_id_2   O 
_pdbx_validate_close_contact.auth_asym_id_2   A 
_pdbx_validate_close_contact.auth_comp_id_2   HOH 
_pdbx_validate_close_contact.auth_seq_id_2    250 
_pdbx_validate_close_contact.PDB_ins_code_2   ? 
_pdbx_validate_close_contact.label_alt_id_2   ? 
_pdbx_validate_close_contact.dist             2.11 
# 
_pdbx_validate_torsion.id              1 
_pdbx_validate_torsion.PDB_model_num   1 
_pdbx_validate_torsion.auth_comp_id    ASP 
_pdbx_validate_torsion.auth_asym_id    A 
_pdbx_validate_torsion.auth_seq_id     19 
_pdbx_validate_torsion.PDB_ins_code    ? 
_pdbx_validate_torsion.label_alt_id    ? 
_pdbx_validate_torsion.phi             -27.66 
_pdbx_validate_torsion.psi             91.45 
# 
loop_
_symmetry_equiv.id 
_symmetry_equiv.pos_as_xyz 
1 'X,  Y,  Z'           
2 '-X+1/2,  -Y,  Z+1/2' 
3 'X+1/2,  -Y+1/2,  -Z' 
4 '-X,  Y+1/2,  -Z+1/2' 
# 
_pdbx_phasing_MR.entry_id                     2GV0 
_pdbx_phasing_MR.method_rotation              ? 
_pdbx_phasing_MR.method_translation           ? 
_pdbx_phasing_MR.model_details                ? 
_pdbx_phasing_MR.R_factor                     0.451 
_pdbx_phasing_MR.R_rigid_body                 ? 
_pdbx_phasing_MR.correlation_coeff_Fo_to_Fc   0.496 
_pdbx_phasing_MR.correlation_coeff_Io_to_Ic   0.455 
_pdbx_phasing_MR.d_res_high_rotation          3.000 
_pdbx_phasing_MR.d_res_low_rotation           15.000 
_pdbx_phasing_MR.d_res_high_translation       3.000 
_pdbx_phasing_MR.d_res_low_translation        15.000 
_pdbx_phasing_MR.packing                      ? 
_pdbx_phasing_MR.reflns_percent_rotation      ? 
_pdbx_phasing_MR.reflns_percent_translation   ? 
_pdbx_phasing_MR.sigma_F_rotation             ? 
_pdbx_phasing_MR.sigma_F_translation          ? 
_pdbx_phasing_MR.sigma_I_rotation             ? 
_pdbx_phasing_MR.sigma_I_translation          ? 
# 
loop_
_chem_comp_atom.comp_id 
_chem_comp_atom.atom_id 
_chem_comp_atom.type_symbol 
_chem_comp_atom.pdbx_aromatic_flag 
_chem_comp_atom.pdbx_stereo_config 
_chem_comp_atom.pdbx_ordinal 
ALA N    N N N 1   
ALA CA   C N S 2   
ALA C    C N N 3   
ALA O    O N N 4   
ALA CB   C N N 5   
ALA OXT  O N N 6   
ALA H    H N N 7   
ALA H2   H N N 8   
ALA HA   H N N 9   
ALA HB1  H N N 10  
ALA HB2  H N N 11  
ALA HB3  H N N 12  
ALA HXT  H N N 13  
ARG N    N N N 14  
ARG CA   C N S 15  
ARG C    C N N 16  
ARG O    O N N 17  
ARG CB   C N N 18  
ARG CG   C N N 19  
ARG CD   C N N 20  
ARG NE   N N N 21  
ARG CZ   C N N 22  
ARG NH1  N N N 23  
ARG NH2  N N N 24  
ARG OXT  O N N 25  
ARG H    H N N 26  
ARG H2   H N N 27  
ARG HA   H N N 28  
ARG HB2  H N N 29  
ARG HB3  H N N 30  
ARG HG2  H N N 31  
ARG HG3  H N N 32  
ARG HD2  H N N 33  
ARG HD3  H N N 34  
ARG HE   H N N 35  
ARG HH11 H N N 36  
ARG HH12 H N N 37  
ARG HH21 H N N 38  
ARG HH22 H N N 39  
ARG HXT  H N N 40  
ASN N    N N N 41  
ASN CA   C N S 42  
ASN C    C N N 43  
ASN O    O N N 44  
ASN CB   C N N 45  
ASN CG   C N N 46  
ASN OD1  O N N 47  
ASN ND2  N N N 48  
ASN OXT  O N N 49  
ASN H    H N N 50  
ASN H2   H N N 51  
ASN HA   H N N 52  
ASN HB2  H N N 53  
ASN HB3  H N N 54  
ASN HD21 H N N 55  
ASN HD22 H N N 56  
ASN HXT  H N N 57  
ASP N    N N N 58  
ASP CA   C N S 59  
ASP C    C N N 60  
ASP O    O N N 61  
ASP CB   C N N 62  
ASP CG   C N N 63  
ASP OD1  O N N 64  
ASP OD2  O N N 65  
ASP OXT  O N N 66  
ASP H    H N N 67  
ASP H2   H N N 68  
ASP HA   H N N 69  
ASP HB2  H N N 70  
ASP HB3  H N N 71  
ASP HD2  H N N 72  
ASP HXT  H N N 73  
CYS N    N N N 74  
CYS CA   C N R 75  
CYS C    C N N 76  
CYS O    O N N 77  
CYS CB   C N N 78  
CYS SG   S N N 79  
CYS OXT  O N N 80  
CYS H    H N N 81  
CYS H2   H N N 82  
CYS HA   H N N 83  
CYS HB2  H N N 84  
CYS HB3  H N N 85  
CYS HG   H N N 86  
CYS HXT  H N N 87  
GLN N    N N N 88  
GLN CA   C N S 89  
GLN C    C N N 90  
GLN O    O N N 91  
GLN CB   C N N 92  
GLN CG   C N N 93  
GLN CD   C N N 94  
GLN OE1  O N N 95  
GLN NE2  N N N 96  
GLN OXT  O N N 97  
GLN H    H N N 98  
GLN H2   H N N 99  
GLN HA   H N N 100 
GLN HB2  H N N 101 
GLN HB3  H N N 102 
GLN HG2  H N N 103 
GLN HG3  H N N 104 
GLN HE21 H N N 105 
GLN HE22 H N N 106 
GLN HXT  H N N 107 
GLU N    N N N 108 
GLU CA   C N S 109 
GLU C    C N N 110 
GLU O    O N N 111 
GLU CB   C N N 112 
GLU CG   C N N 113 
GLU CD   C N N 114 
GLU OE1  O N N 115 
GLU OE2  O N N 116 
GLU OXT  O N N 117 
GLU H    H N N 118 
GLU H2   H N N 119 
GLU HA   H N N 120 
GLU HB2  H N N 121 
GLU HB3  H N N 122 
GLU HG2  H N N 123 
GLU HG3  H N N 124 
GLU HE2  H N N 125 
GLU HXT  H N N 126 
GLY N    N N N 127 
GLY CA   C N N 128 
GLY C    C N N 129 
GLY O    O N N 130 
GLY OXT  O N N 131 
GLY H    H N N 132 
GLY H2   H N N 133 
GLY HA2  H N N 134 
GLY HA3  H N N 135 
GLY HXT  H N N 136 
HIS N    N N N 137 
HIS CA   C N S 138 
HIS C    C N N 139 
HIS O    O N N 140 
HIS CB   C N N 141 
HIS CG   C Y N 142 
HIS ND1  N Y N 143 
HIS CD2  C Y N 144 
HIS CE1  C Y N 145 
HIS NE2  N Y N 146 
HIS OXT  O N N 147 
HIS H    H N N 148 
HIS H2   H N N 149 
HIS HA   H N N 150 
HIS HB2  H N N 151 
HIS HB3  H N N 152 
HIS HD1  H N N 153 
HIS HD2  H N N 154 
HIS HE1  H N N 155 
HIS HE2  H N N 156 
HIS HXT  H N N 157 
HOH O    O N N 158 
HOH H1   H N N 159 
HOH H2   H N N 160 
ILE N    N N N 161 
ILE CA   C N S 162 
ILE C    C N N 163 
ILE O    O N N 164 
ILE CB   C N S 165 
ILE CG1  C N N 166 
ILE CG2  C N N 167 
ILE CD1  C N N 168 
ILE OXT  O N N 169 
ILE H    H N N 170 
ILE H2   H N N 171 
ILE HA   H N N 172 
ILE HB   H N N 173 
ILE HG12 H N N 174 
ILE HG13 H N N 175 
ILE HG21 H N N 176 
ILE HG22 H N N 177 
ILE HG23 H N N 178 
ILE HD11 H N N 179 
ILE HD12 H N N 180 
ILE HD13 H N N 181 
ILE HXT  H N N 182 
LEU N    N N N 183 
LEU CA   C N S 184 
LEU C    C N N 185 
LEU O    O N N 186 
LEU CB   C N N 187 
LEU CG   C N N 188 
LEU CD1  C N N 189 
LEU CD2  C N N 190 
LEU OXT  O N N 191 
LEU H    H N N 192 
LEU H2   H N N 193 
LEU HA   H N N 194 
LEU HB2  H N N 195 
LEU HB3  H N N 196 
LEU HG   H N N 197 
LEU HD11 H N N 198 
LEU HD12 H N N 199 
LEU HD13 H N N 200 
LEU HD21 H N N 201 
LEU HD22 H N N 202 
LEU HD23 H N N 203 
LEU HXT  H N N 204 
LYS N    N N N 205 
LYS CA   C N S 206 
LYS C    C N N 207 
LYS O    O N N 208 
LYS CB   C N N 209 
LYS CG   C N N 210 
LYS CD   C N N 211 
LYS CE   C N N 212 
LYS NZ   N N N 213 
LYS OXT  O N N 214 
LYS H    H N N 215 
LYS H2   H N N 216 
LYS HA   H N N 217 
LYS HB2  H N N 218 
LYS HB3  H N N 219 
LYS HG2  H N N 220 
LYS HG3  H N N 221 
LYS HD2  H N N 222 
LYS HD3  H N N 223 
LYS HE2  H N N 224 
LYS HE3  H N N 225 
LYS HZ1  H N N 226 
LYS HZ2  H N N 227 
LYS HZ3  H N N 228 
LYS HXT  H N N 229 
MET N    N N N 230 
MET CA   C N S 231 
MET C    C N N 232 
MET O    O N N 233 
MET CB   C N N 234 
MET CG   C N N 235 
MET SD   S N N 236 
MET CE   C N N 237 
MET OXT  O N N 238 
MET H    H N N 239 
MET H2   H N N 240 
MET HA   H N N 241 
MET HB2  H N N 242 
MET HB3  H N N 243 
MET HG2  H N N 244 
MET HG3  H N N 245 
MET HE1  H N N 246 
MET HE2  H N N 247 
MET HE3  H N N 248 
MET HXT  H N N 249 
PHE N    N N N 250 
PHE CA   C N S 251 
PHE C    C N N 252 
PHE O    O N N 253 
PHE CB   C N N 254 
PHE CG   C Y N 255 
PHE CD1  C Y N 256 
PHE CD2  C Y N 257 
PHE CE1  C Y N 258 
PHE CE2  C Y N 259 
PHE CZ   C Y N 260 
PHE OXT  O N N 261 
PHE H    H N N 262 
PHE H2   H N N 263 
PHE HA   H N N 264 
PHE HB2  H N N 265 
PHE HB3  H N N 266 
PHE HD1  H N N 267 
PHE HD2  H N N 268 
PHE HE1  H N N 269 
PHE HE2  H N N 270 
PHE HZ   H N N 271 
PHE HXT  H N N 272 
PRO N    N N N 273 
PRO CA   C N S 274 
PRO C    C N N 275 
PRO O    O N N 276 
PRO CB   C N N 277 
PRO CG   C N N 278 
PRO CD   C N N 279 
PRO OXT  O N N 280 
PRO H    H N N 281 
PRO HA   H N N 282 
PRO HB2  H N N 283 
PRO HB3  H N N 284 
PRO HG2  H N N 285 
PRO HG3  H N N 286 
PRO HD2  H N N 287 
PRO HD3  H N N 288 
PRO HXT  H N N 289 
SER N    N N N 290 
SER CA   C N S 291 
SER C    C N N 292 
SER O    O N N 293 
SER CB   C N N 294 
SER OG   O N N 295 
SER OXT  O N N 296 
SER H    H N N 297 
SER H2   H N N 298 
SER HA   H N N 299 
SER HB2  H N N 300 
SER HB3  H N N 301 
SER HG   H N N 302 
SER HXT  H N N 303 
SO4 S    S N N 304 
SO4 O1   O N N 305 
SO4 O2   O N N 306 
SO4 O3   O N N 307 
SO4 O4   O N N 308 
THR N    N N N 309 
THR CA   C N S 310 
THR C    C N N 311 
THR O    O N N 312 
THR CB   C N R 313 
THR OG1  O N N 314 
THR CG2  C N N 315 
THR OXT  O N N 316 
THR H    H N N 317 
THR H2   H N N 318 
THR HA   H N N 319 
THR HB   H N N 320 
THR HG1  H N N 321 
THR HG21 H N N 322 
THR HG22 H N N 323 
THR HG23 H N N 324 
THR HXT  H N N 325 
TRP N    N N N 326 
TRP CA   C N S 327 
TRP C    C N N 328 
TRP O    O N N 329 
TRP CB   C N N 330 
TRP CG   C Y N 331 
TRP CD1  C Y N 332 
TRP CD2  C Y N 333 
TRP NE1  N Y N 334 
TRP CE2  C Y N 335 
TRP CE3  C Y N 336 
TRP CZ2  C Y N 337 
TRP CZ3  C Y N 338 
TRP CH2  C Y N 339 
TRP OXT  O N N 340 
TRP H    H N N 341 
TRP H2   H N N 342 
TRP HA   H N N 343 
TRP HB2  H N N 344 
TRP HB3  H N N 345 
TRP HD1  H N N 346 
TRP HE1  H N N 347 
TRP HE3  H N N 348 
TRP HZ2  H N N 349 
TRP HZ3  H N N 350 
TRP HH2  H N N 351 
TRP HXT  H N N 352 
TYR N    N N N 353 
TYR CA   C N S 354 
TYR C    C N N 355 
TYR O    O N N 356 
TYR CB   C N N 357 
TYR CG   C Y N 358 
TYR CD1  C Y N 359 
TYR CD2  C Y N 360 
TYR CE1  C Y N 361 
TYR CE2  C Y N 362 
TYR CZ   C Y N 363 
TYR OH   O N N 364 
TYR OXT  O N N 365 
TYR H    H N N 366 
TYR H2   H N N 367 
TYR HA   H N N 368 
TYR HB2  H N N 369 
TYR HB3  H N N 370 
TYR HD1  H N N 371 
TYR HD2  H N N 372 
TYR HE1  H N N 373 
TYR HE2  H N N 374 
TYR HH   H N N 375 
TYR HXT  H N N 376 
VAL N    N N N 377 
VAL CA   C N S 378 
VAL C    C N N 379 
VAL O    O N N 380 
VAL CB   C N N 381 
VAL CG1  C N N 382 
VAL CG2  C N N 383 
VAL OXT  O N N 384 
VAL H    H N N 385 
VAL H2   H N N 386 
VAL HA   H N N 387 
VAL HB   H N N 388 
VAL HG11 H N N 389 
VAL HG12 H N N 390 
VAL HG13 H N N 391 
VAL HG21 H N N 392 
VAL HG22 H N N 393 
VAL HG23 H N N 394 
VAL HXT  H N N 395 
# 
loop_
_chem_comp_bond.comp_id 
_chem_comp_bond.atom_id_1 
_chem_comp_bond.atom_id_2 
_chem_comp_bond.value_order 
_chem_comp_bond.pdbx_aromatic_flag 
_chem_comp_bond.pdbx_stereo_config 
_chem_comp_bond.pdbx_ordinal 
ALA N   CA   sing N N 1   
ALA N   H    sing N N 2   
ALA N   H2   sing N N 3   
ALA CA  C    sing N N 4   
ALA CA  CB   sing N N 5   
ALA CA  HA   sing N N 6   
ALA C   O    doub N N 7   
ALA C   OXT  sing N N 8   
ALA CB  HB1  sing N N 9   
ALA CB  HB2  sing N N 10  
ALA CB  HB3  sing N N 11  
ALA OXT HXT  sing N N 12  
ARG N   CA   sing N N 13  
ARG N   H    sing N N 14  
ARG N   H2   sing N N 15  
ARG CA  C    sing N N 16  
ARG CA  CB   sing N N 17  
ARG CA  HA   sing N N 18  
ARG C   O    doub N N 19  
ARG C   OXT  sing N N 20  
ARG CB  CG   sing N N 21  
ARG CB  HB2  sing N N 22  
ARG CB  HB3  sing N N 23  
ARG CG  CD   sing N N 24  
ARG CG  HG2  sing N N 25  
ARG CG  HG3  sing N N 26  
ARG CD  NE   sing N N 27  
ARG CD  HD2  sing N N 28  
ARG CD  HD3  sing N N 29  
ARG NE  CZ   sing N N 30  
ARG NE  HE   sing N N 31  
ARG CZ  NH1  sing N N 32  
ARG CZ  NH2  doub N N 33  
ARG NH1 HH11 sing N N 34  
ARG NH1 HH12 sing N N 35  
ARG NH2 HH21 sing N N 36  
ARG NH2 HH22 sing N N 37  
ARG OXT HXT  sing N N 38  
ASN N   CA   sing N N 39  
ASN N   H    sing N N 40  
ASN N   H2   sing N N 41  
ASN CA  C    sing N N 42  
ASN CA  CB   sing N N 43  
ASN CA  HA   sing N N 44  
ASN C   O    doub N N 45  
ASN C   OXT  sing N N 46  
ASN CB  CG   sing N N 47  
ASN CB  HB2  sing N N 48  
ASN CB  HB3  sing N N 49  
ASN CG  OD1  doub N N 50  
ASN CG  ND2  sing N N 51  
ASN ND2 HD21 sing N N 52  
ASN ND2 HD22 sing N N 53  
ASN OXT HXT  sing N N 54  
ASP N   CA   sing N N 55  
ASP N   H    sing N N 56  
ASP N   H2   sing N N 57  
ASP CA  C    sing N N 58  
ASP CA  CB   sing N N 59  
ASP CA  HA   sing N N 60  
ASP C   O    doub N N 61  
ASP C   OXT  sing N N 62  
ASP CB  CG   sing N N 63  
ASP CB  HB2  sing N N 64  
ASP CB  HB3  sing N N 65  
ASP CG  OD1  doub N N 66  
ASP CG  OD2  sing N N 67  
ASP OD2 HD2  sing N N 68  
ASP OXT HXT  sing N N 69  
CYS N   CA   sing N N 70  
CYS N   H    sing N N 71  
CYS N   H2   sing N N 72  
CYS CA  C    sing N N 73  
CYS CA  CB   sing N N 74  
CYS CA  HA   sing N N 75  
CYS C   O    doub N N 76  
CYS C   OXT  sing N N 77  
CYS CB  SG   sing N N 78  
CYS CB  HB2  sing N N 79  
CYS CB  HB3  sing N N 80  
CYS SG  HG   sing N N 81  
CYS OXT HXT  sing N N 82  
GLN N   CA   sing N N 83  
GLN N   H    sing N N 84  
GLN N   H2   sing N N 85  
GLN CA  C    sing N N 86  
GLN CA  CB   sing N N 87  
GLN CA  HA   sing N N 88  
GLN C   O    doub N N 89  
GLN C   OXT  sing N N 90  
GLN CB  CG   sing N N 91  
GLN CB  HB2  sing N N 92  
GLN CB  HB3  sing N N 93  
GLN CG  CD   sing N N 94  
GLN CG  HG2  sing N N 95  
GLN CG  HG3  sing N N 96  
GLN CD  OE1  doub N N 97  
GLN CD  NE2  sing N N 98  
GLN NE2 HE21 sing N N 99  
GLN NE2 HE22 sing N N 100 
GLN OXT HXT  sing N N 101 
GLU N   CA   sing N N 102 
GLU N   H    sing N N 103 
GLU N   H2   sing N N 104 
GLU CA  C    sing N N 105 
GLU CA  CB   sing N N 106 
GLU CA  HA   sing N N 107 
GLU C   O    doub N N 108 
GLU C   OXT  sing N N 109 
GLU CB  CG   sing N N 110 
GLU CB  HB2  sing N N 111 
GLU CB  HB3  sing N N 112 
GLU CG  CD   sing N N 113 
GLU CG  HG2  sing N N 114 
GLU CG  HG3  sing N N 115 
GLU CD  OE1  doub N N 116 
GLU CD  OE2  sing N N 117 
GLU OE2 HE2  sing N N 118 
GLU OXT HXT  sing N N 119 
GLY N   CA   sing N N 120 
GLY N   H    sing N N 121 
GLY N   H2   sing N N 122 
GLY CA  C    sing N N 123 
GLY CA  HA2  sing N N 124 
GLY CA  HA3  sing N N 125 
GLY C   O    doub N N 126 
GLY C   OXT  sing N N 127 
GLY OXT HXT  sing N N 128 
HIS N   CA   sing N N 129 
HIS N   H    sing N N 130 
HIS N   H2   sing N N 131 
HIS CA  C    sing N N 132 
HIS CA  CB   sing N N 133 
HIS CA  HA   sing N N 134 
HIS C   O    doub N N 135 
HIS C   OXT  sing N N 136 
HIS CB  CG   sing N N 137 
HIS CB  HB2  sing N N 138 
HIS CB  HB3  sing N N 139 
HIS CG  ND1  sing Y N 140 
HIS CG  CD2  doub Y N 141 
HIS ND1 CE1  doub Y N 142 
HIS ND1 HD1  sing N N 143 
HIS CD2 NE2  sing Y N 144 
HIS CD2 HD2  sing N N 145 
HIS CE1 NE2  sing Y N 146 
HIS CE1 HE1  sing N N 147 
HIS NE2 HE2  sing N N 148 
HIS OXT HXT  sing N N 149 
HOH O   H1   sing N N 150 
HOH O   H2   sing N N 151 
ILE N   CA   sing N N 152 
ILE N   H    sing N N 153 
ILE N   H2   sing N N 154 
ILE CA  C    sing N N 155 
ILE CA  CB   sing N N 156 
ILE CA  HA   sing N N 157 
ILE C   O    doub N N 158 
ILE C   OXT  sing N N 159 
ILE CB  CG1  sing N N 160 
ILE CB  CG2  sing N N 161 
ILE CB  HB   sing N N 162 
ILE CG1 CD1  sing N N 163 
ILE CG1 HG12 sing N N 164 
ILE CG1 HG13 sing N N 165 
ILE CG2 HG21 sing N N 166 
ILE CG2 HG22 sing N N 167 
ILE CG2 HG23 sing N N 168 
ILE CD1 HD11 sing N N 169 
ILE CD1 HD12 sing N N 170 
ILE CD1 HD13 sing N N 171 
ILE OXT HXT  sing N N 172 
LEU N   CA   sing N N 173 
LEU N   H    sing N N 174 
LEU N   H2   sing N N 175 
LEU CA  C    sing N N 176 
LEU CA  CB   sing N N 177 
LEU CA  HA   sing N N 178 
LEU C   O    doub N N 179 
LEU C   OXT  sing N N 180 
LEU CB  CG   sing N N 181 
LEU CB  HB2  sing N N 182 
LEU CB  HB3  sing N N 183 
LEU CG  CD1  sing N N 184 
LEU CG  CD2  sing N N 185 
LEU CG  HG   sing N N 186 
LEU CD1 HD11 sing N N 187 
LEU CD1 HD12 sing N N 188 
LEU CD1 HD13 sing N N 189 
LEU CD2 HD21 sing N N 190 
LEU CD2 HD22 sing N N 191 
LEU CD2 HD23 sing N N 192 
LEU OXT HXT  sing N N 193 
LYS N   CA   sing N N 194 
LYS N   H    sing N N 195 
LYS N   H2   sing N N 196 
LYS CA  C    sing N N 197 
LYS CA  CB   sing N N 198 
LYS CA  HA   sing N N 199 
LYS C   O    doub N N 200 
LYS C   OXT  sing N N 201 
LYS CB  CG   sing N N 202 
LYS CB  HB2  sing N N 203 
LYS CB  HB3  sing N N 204 
LYS CG  CD   sing N N 205 
LYS CG  HG2  sing N N 206 
LYS CG  HG3  sing N N 207 
LYS CD  CE   sing N N 208 
LYS CD  HD2  sing N N 209 
LYS CD  HD3  sing N N 210 
LYS CE  NZ   sing N N 211 
LYS CE  HE2  sing N N 212 
LYS CE  HE3  sing N N 213 
LYS NZ  HZ1  sing N N 214 
LYS NZ  HZ2  sing N N 215 
LYS NZ  HZ3  sing N N 216 
LYS OXT HXT  sing N N 217 
MET N   CA   sing N N 218 
MET N   H    sing N N 219 
MET N   H2   sing N N 220 
MET CA  C    sing N N 221 
MET CA  CB   sing N N 222 
MET CA  HA   sing N N 223 
MET C   O    doub N N 224 
MET C   OXT  sing N N 225 
MET CB  CG   sing N N 226 
MET CB  HB2  sing N N 227 
MET CB  HB3  sing N N 228 
MET CG  SD   sing N N 229 
MET CG  HG2  sing N N 230 
MET CG  HG3  sing N N 231 
MET SD  CE   sing N N 232 
MET CE  HE1  sing N N 233 
MET CE  HE2  sing N N 234 
MET CE  HE3  sing N N 235 
MET OXT HXT  sing N N 236 
PHE N   CA   sing N N 237 
PHE N   H    sing N N 238 
PHE N   H2   sing N N 239 
PHE CA  C    sing N N 240 
PHE CA  CB   sing N N 241 
PHE CA  HA   sing N N 242 
PHE C   O    doub N N 243 
PHE C   OXT  sing N N 244 
PHE CB  CG   sing N N 245 
PHE CB  HB2  sing N N 246 
PHE CB  HB3  sing N N 247 
PHE CG  CD1  doub Y N 248 
PHE CG  CD2  sing Y N 249 
PHE CD1 CE1  sing Y N 250 
PHE CD1 HD1  sing N N 251 
PHE CD2 CE2  doub Y N 252 
PHE CD2 HD2  sing N N 253 
PHE CE1 CZ   doub Y N 254 
PHE CE1 HE1  sing N N 255 
PHE CE2 CZ   sing Y N 256 
PHE CE2 HE2  sing N N 257 
PHE CZ  HZ   sing N N 258 
PHE OXT HXT  sing N N 259 
PRO N   CA   sing N N 260 
PRO N   CD   sing N N 261 
PRO N   H    sing N N 262 
PRO CA  C    sing N N 263 
PRO CA  CB   sing N N 264 
PRO CA  HA   sing N N 265 
PRO C   O    doub N N 266 
PRO C   OXT  sing N N 267 
PRO CB  CG   sing N N 268 
PRO CB  HB2  sing N N 269 
PRO CB  HB3  sing N N 270 
PRO CG  CD   sing N N 271 
PRO CG  HG2  sing N N 272 
PRO CG  HG3  sing N N 273 
PRO CD  HD2  sing N N 274 
PRO CD  HD3  sing N N 275 
PRO OXT HXT  sing N N 276 
SER N   CA   sing N N 277 
SER N   H    sing N N 278 
SER N   H2   sing N N 279 
SER CA  C    sing N N 280 
SER CA  CB   sing N N 281 
SER CA  HA   sing N N 282 
SER C   O    doub N N 283 
SER C   OXT  sing N N 284 
SER CB  OG   sing N N 285 
SER CB  HB2  sing N N 286 
SER CB  HB3  sing N N 287 
SER OG  HG   sing N N 288 
SER OXT HXT  sing N N 289 
SO4 S   O1   doub N N 290 
SO4 S   O2   doub N N 291 
SO4 S   O3   sing N N 292 
SO4 S   O4   sing N N 293 
THR N   CA   sing N N 294 
THR N   H    sing N N 295 
THR N   H2   sing N N 296 
THR CA  C    sing N N 297 
THR CA  CB   sing N N 298 
THR CA  HA   sing N N 299 
THR C   O    doub N N 300 
THR C   OXT  sing N N 301 
THR CB  OG1  sing N N 302 
THR CB  CG2  sing N N 303 
THR CB  HB   sing N N 304 
THR OG1 HG1  sing N N 305 
THR CG2 HG21 sing N N 306 
THR CG2 HG22 sing N N 307 
THR CG2 HG23 sing N N 308 
THR OXT HXT  sing N N 309 
TRP N   CA   sing N N 310 
TRP N   H    sing N N 311 
TRP N   H2   sing N N 312 
TRP CA  C    sing N N 313 
TRP CA  CB   sing N N 314 
TRP CA  HA   sing N N 315 
TRP C   O    doub N N 316 
TRP C   OXT  sing N N 317 
TRP CB  CG   sing N N 318 
TRP CB  HB2  sing N N 319 
TRP CB  HB3  sing N N 320 
TRP CG  CD1  doub Y N 321 
TRP CG  CD2  sing Y N 322 
TRP CD1 NE1  sing Y N 323 
TRP CD1 HD1  sing N N 324 
TRP CD2 CE2  doub Y N 325 
TRP CD2 CE3  sing Y N 326 
TRP NE1 CE2  sing Y N 327 
TRP NE1 HE1  sing N N 328 
TRP CE2 CZ2  sing Y N 329 
TRP CE3 CZ3  doub Y N 330 
TRP CE3 HE3  sing N N 331 
TRP CZ2 CH2  doub Y N 332 
TRP CZ2 HZ2  sing N N 333 
TRP CZ3 CH2  sing Y N 334 
TRP CZ3 HZ3  sing N N 335 
TRP CH2 HH2  sing N N 336 
TRP OXT HXT  sing N N 337 
TYR N   CA   sing N N 338 
TYR N   H    sing N N 339 
TYR N   H2   sing N N 340 
TYR CA  C    sing N N 341 
TYR CA  CB   sing N N 342 
TYR CA  HA   sing N N 343 
TYR C   O    doub N N 344 
TYR C   OXT  sing N N 345 
TYR CB  CG   sing N N 346 
TYR CB  HB2  sing N N 347 
TYR CB  HB3  sing N N 348 
TYR CG  CD1  doub Y N 349 
TYR CG  CD2  sing Y N 350 
TYR CD1 CE1  sing Y N 351 
TYR CD1 HD1  sing N N 352 
TYR CD2 CE2  doub Y N 353 
TYR CD2 HD2  sing N N 354 
TYR CE1 CZ   doub Y N 355 
TYR CE1 HE1  sing N N 356 
TYR CE2 CZ   sing Y N 357 
TYR CE2 HE2  sing N N 358 
TYR CZ  OH   sing N N 359 
TYR OH  HH   sing N N 360 
TYR OXT HXT  sing N N 361 
VAL N   CA   sing N N 362 
VAL N   H    sing N N 363 
VAL N   H2   sing N N 364 
VAL CA  C    sing N N 365 
VAL CA  CB   sing N N 366 
VAL CA  HA   sing N N 367 
VAL C   O    doub N N 368 
VAL C   OXT  sing N N 369 
VAL CB  CG1  sing N N 370 
VAL CB  CG2  sing N N 371 
VAL CB  HB   sing N N 372 
VAL CG1 HG11 sing N N 373 
VAL CG1 HG12 sing N N 374 
VAL CG1 HG13 sing N N 375 
VAL CG2 HG21 sing N N 376 
VAL CG2 HG22 sing N N 377 
VAL CG2 HG23 sing N N 378 
VAL OXT HXT  sing N N 379 
# 
_reflns_scale.group_code   1 
# 
_atom_sites.entry_id                    2GV0 
_atom_sites.fract_transf_matrix[1][1]   0.01762232 
_atom_sites.fract_transf_matrix[1][2]   -0.00404779 
_atom_sites.fract_transf_matrix[1][3]   -0.01935126 
_atom_sites.fract_transf_matrix[2][1]   0.01300261 
_atom_sites.fract_transf_matrix[2][2]   -0.00206214 
_atom_sites.fract_transf_matrix[2][3]   0.01227224 
_atom_sites.fract_transf_matrix[3][1]   -0.00260176 
_atom_sites.fract_transf_matrix[3][2]   -0.01358909 
_atom_sites.fract_transf_matrix[3][3]   0.00047319 
_atom_sites.fract_transf_vector[1]      0.245167 
_atom_sites.fract_transf_vector[2]      0.453215 
_atom_sites.fract_transf_vector[3]      0.496898 
# 
loop_
_atom_type.symbol 
C 
N 
O 
S 
# 
loop_
_atom_site.group_PDB 
_atom_site.id 
_atom_site.type_symbol 
_atom_site.label_atom_id 
_atom_site.label_alt_id 
_atom_site.label_comp_id 
_atom_site.label_asym_id 
_atom_site.label_entity_id 
_atom_site.label_seq_id 
_atom_site.pdbx_PDB_ins_code 
_atom_site.Cartn_x 
_atom_site.Cartn_y 
_atom_site.Cartn_z 
_atom_site.occupancy 
_atom_site.B_iso_or_equiv 
_atom_site.pdbx_formal_charge 
_atom_site.auth_seq_id 
_atom_site.auth_comp_id 
_atom_site.auth_asym_id 
_atom_site.auth_atom_id 
_atom_site.pdbx_PDB_model_num 
ATOM   1    N N   . GLY A 1 1   ? -10.408 -9.218  -8.271  1.00 15.30 ? 1   GLY A N   1 
ATOM   2    C CA  . GLY A 1 1   ? -9.472  -8.067  -8.114  1.00 14.15 ? 1   GLY A CA  1 
ATOM   3    C C   . GLY A 1 1   ? -9.369  -7.230  -9.365  1.00 14.39 ? 1   GLY A C   1 
ATOM   4    O O   . GLY A 1 1   ? -10.075 -7.467  -10.341 1.00 14.17 ? 1   GLY A O   1 
ATOM   5    N N   . LYS A 1 2   ? -8.508  -6.213  -9.327  1.00 14.69 ? 2   LYS A N   1 
ATOM   6    C CA  . LYS A 1 2   ? -8.266  -5.405  -10.497 1.00 14.59 ? 2   LYS A CA  1 
ATOM   7    C C   . LYS A 1 2   ? -6.845  -4.835  -10.545 1.00 14.26 ? 2   LYS A C   1 
ATOM   8    O O   . LYS A 1 2   ? -6.193  -4.651  -9.508  1.00 13.92 ? 2   LYS A O   1 
ATOM   9    C CB  . LYS A 1 2   ? -9.345  -4.311  -10.623 1.00 15.51 ? 2   LYS A CB  1 
ATOM   10   C CG  . LYS A 1 2   ? -8.972  -2.948  -10.186 1.00 16.04 ? 2   LYS A CG  1 
ATOM   11   C CD  . LYS A 1 2   ? -10.092 -1.972  -10.524 1.00 17.36 ? 2   LYS A CD  1 
ATOM   12   C CE  . LYS A 1 2   ? -9.530  -0.677  -11.041 1.00 15.87 ? 2   LYS A CE  1 
ATOM   13   N NZ  . LYS A 1 2   ? -10.609 0.090   -11.645 1.00 16.49 ? 2   LYS A NZ  1 
ATOM   14   N N   . ILE A 1 3   ? -6.372  -4.608  -11.771 1.00 13.67 ? 3   ILE A N   1 
ATOM   15   C CA  . ILE A 1 3   ? -5.125  -3.896  -12.025 1.00 13.29 ? 3   ILE A CA  1 
ATOM   16   C C   . ILE A 1 3   ? -5.520  -2.474  -12.376 1.00 13.11 ? 3   ILE A C   1 
ATOM   17   O O   . ILE A 1 3   ? -6.196  -2.237  -13.370 1.00 12.16 ? 3   ILE A O   1 
ATOM   18   C CB  . ILE A 1 3   ? -4.303  -4.541  -13.177 1.00 13.21 ? 3   ILE A CB  1 
ATOM   19   C CG1 . ILE A 1 3   ? -3.951  -5.997  -12.815 1.00 13.34 ? 3   ILE A CG1 1 
ATOM   20   C CG2 . ILE A 1 3   ? -3.066  -3.663  -13.539 1.00 13.56 ? 3   ILE A CG2 1 
ATOM   21   C CD1 . ILE A 1 3   ? -3.483  -6.862  -14.009 1.00 12.84 ? 3   ILE A CD1 1 
ATOM   22   N N   . TYR A 1 4   ? -5.091  -1.540  -11.532 1.00 13.55 ? 4   TYR A N   1 
ATOM   23   C CA  . TYR A 1 4   ? -5.349  -0.131  -11.705 1.00 14.85 ? 4   TYR A CA  1 
ATOM   24   C C   . TYR A 1 4   ? -4.486  0.445   -12.842 1.00 15.09 ? 4   TYR A C   1 
ATOM   25   O O   . TYR A 1 4   ? -3.285  0.110   -12.965 1.00 17.06 ? 4   TYR A O   1 
ATOM   26   C CB  . TYR A 1 4   ? -5.029  0.638   -10.367 1.00 14.83 ? 4   TYR A CB  1 
ATOM   27   C CG  . TYR A 1 4   ? -6.222  0.640   -9.421  1.00 16.30 ? 4   TYR A CG  1 
ATOM   28   C CD1 . TYR A 1 4   ? -6.564  -0.516  -8.721  1.00 9.90  ? 4   TYR A CD1 1 
ATOM   29   C CD2 . TYR A 1 4   ? -7.083  1.778   -9.321  1.00 13.48 ? 4   TYR A CD2 1 
ATOM   30   C CE1 . TYR A 1 4   ? -7.697  -0.555  -7.873  1.00 11.07 ? 4   TYR A CE1 1 
ATOM   31   C CE2 . TYR A 1 4   ? -8.206  1.762   -8.495  1.00 13.94 ? 4   TYR A CE2 1 
ATOM   32   C CZ  . TYR A 1 4   ? -8.513  0.572   -7.771  1.00 16.66 ? 4   TYR A CZ  1 
ATOM   33   O OH  . TYR A 1 4   ? -9.606  0.521   -6.924  1.00 15.62 ? 4   TYR A OH  1 
ATOM   34   N N   . GLU A 1 5   ? -5.070  1.342   -13.617 1.00 14.03 ? 5   GLU A N   1 
ATOM   35   C CA  . GLU A 1 5   ? -4.268  2.276   -14.398 1.00 14.03 ? 5   GLU A CA  1 
ATOM   36   C C   . GLU A 1 5   ? -3.439  3.145   -13.456 1.00 13.03 ? 5   GLU A C   1 
ATOM   37   O O   . GLU A 1 5   ? -3.883  3.492   -12.353 1.00 12.11 ? 5   GLU A O   1 
ATOM   38   C CB  . GLU A 1 5   ? -5.158  3.178   -15.248 1.00 13.86 ? 5   GLU A CB  1 
ATOM   39   C CG  . GLU A 1 5   ? -6.173  2.450   -16.112 1.00 14.51 ? 5   GLU A CG  1 
ATOM   40   C CD  . GLU A 1 5   ? -7.278  3.399   -16.611 1.00 16.01 ? 5   GLU A CD  1 
ATOM   41   O OE1 . GLU A 1 5   ? -7.189  4.638   -16.379 1.00 19.08 ? 5   GLU A OE1 1 
ATOM   42   O OE2 . GLU A 1 5   ? -8.221  2.893   -17.253 1.00 18.85 ? 5   GLU A OE2 1 
ATOM   43   N N   . GLN A 1 6   ? -2.239  3.485   -13.891 1.00 12.50 ? 6   GLN A N   1 
ATOM   44   C CA  . GLN A 1 6   ? -1.334  4.346   -13.116 1.00 12.86 ? 6   GLN A CA  1 
ATOM   45   C C   . GLN A 1 6   ? -2.019  5.654   -12.659 1.00 13.18 ? 6   GLN A C   1 
ATOM   46   O O   . GLN A 1 6   ? -2.036  5.951   -11.456 1.00 12.54 ? 6   GLN A O   1 
ATOM   47   C CB  . GLN A 1 6   ? -0.056  4.664   -13.903 1.00 12.14 ? 6   GLN A CB  1 
ATOM   48   C CG  . GLN A 1 6   ? 0.946   5.421   -13.023 1.00 13.33 ? 6   GLN A CG  1 
ATOM   49   C CD  . GLN A 1 6   ? 2.349   5.433   -13.538 1.00 13.42 ? 6   GLN A CD  1 
ATOM   50   O OE1 . GLN A 1 6   ? 2.865   4.422   -14.019 1.00 13.96 ? 6   GLN A OE1 1 
ATOM   51   N NE2 . GLN A 1 6   ? 3.012   6.573   -13.374 1.00 14.15 ? 6   GLN A NE2 1 
ATOM   52   N N   . CYS A 1 7   ? -2.599  6.400   -13.609 1.00 13.46 ? 7   CYS A N   1 
ATOM   53   C CA  . CYS A 1 7   ? -3.278  7.676   -13.297 1.00 14.63 ? 7   CYS A CA  1 
ATOM   54   C C   . CYS A 1 7   ? -4.599  7.506   -12.542 1.00 13.59 ? 7   CYS A C   1 
ATOM   55   O O   . CYS A 1 7   ? -4.982  8.378   -11.773 1.00 13.08 ? 7   CYS A O   1 
ATOM   56   C CB  . CYS A 1 7   ? -3.497  8.520   -14.561 1.00 14.52 ? 7   CYS A CB  1 
ATOM   57   S SG  . CYS A 1 7   ? -1.979  9.083   -15.347 1.00 18.03 ? 7   CYS A SG  1 
ATOM   58   N N   . GLU A 1 8   ? -5.296  6.409   -12.809 1.00 14.23 ? 8   GLU A N   1 
ATOM   59   C CA  . GLU A 1 8   ? -6.509  6.019   -12.050 1.00 15.39 ? 8   GLU A CA  1 
ATOM   60   C C   . GLU A 1 8   ? -6.190  5.844   -10.554 1.00 14.29 ? 8   GLU A C   1 
ATOM   61   O O   . GLU A 1 8   ? -6.937  6.299   -9.667  1.00 14.40 ? 8   GLU A O   1 
ATOM   62   C CB  . GLU A 1 8   ? -7.075  4.719   -12.641 1.00 14.83 ? 8   GLU A CB  1 
ATOM   63   C CG  . GLU A 1 8   ? -8.395  4.258   -12.084 1.00 16.69 ? 8   GLU A CG  1 
ATOM   64   C CD  . GLU A 1 8   ? -8.696  2.789   -12.453 1.00 17.23 ? 8   GLU A CD  1 
ATOM   65   O OE1 . GLU A 1 8   ? -7.795  2.035   -12.912 1.00 15.03 ? 8   GLU A OE1 1 
ATOM   66   O OE2 . GLU A 1 8   ? -9.857  2.390   -12.286 1.00 21.24 ? 8   GLU A OE2 1 
ATOM   67   N N   . LEU A 1 9   ? -5.089  5.162   -10.271 1.00 14.03 ? 9   LEU A N   1 
ATOM   68   C CA  . LEU A 1 9   ? -4.630  4.994   -8.895  1.00 14.16 ? 9   LEU A CA  1 
ATOM   69   C C   . LEU A 1 9   ? -4.282  6.335   -8.246  1.00 14.35 ? 9   LEU A C   1 
ATOM   70   O O   . LEU A 1 9   ? -4.676  6.604   -7.098  1.00 13.39 ? 9   LEU A O   1 
ATOM   71   C CB  . LEU A 1 9   ? -3.427  4.038   -8.826  1.00 14.21 ? 9   LEU A CB  1 
ATOM   72   C CG  . LEU A 1 9   ? -2.860  3.776   -7.431  1.00 14.18 ? 9   LEU A CG  1 
ATOM   73   C CD1 . LEU A 1 9   ? -3.945  3.185   -6.485  1.00 13.53 ? 9   LEU A CD1 1 
ATOM   74   C CD2 . LEU A 1 9   ? -1.630  2.854   -7.513  1.00 13.82 ? 9   LEU A CD2 1 
ATOM   75   N N   . ALA A 1 10  ? -3.527  7.166   -8.968  1.00 14.34 ? 10  ALA A N   1 
ATOM   76   C CA  . ALA A 1 10  ? -3.170  8.510   -8.461  1.00 14.53 ? 10  ALA A CA  1 
ATOM   77   C C   . ALA A 1 10  ? -4.431  9.293   -8.046  1.00 14.42 ? 10  ALA A C   1 
ATOM   78   O O   . ALA A 1 10  ? -4.463  9.907   -6.964  1.00 14.28 ? 10  ALA A O   1 
ATOM   79   C CB  . ALA A 1 10  ? -2.386  9.283   -9.492  1.00 14.45 ? 10  ALA A CB  1 
ATOM   80   N N   . ARG A 1 11  ? -5.440  9.253   -8.911  1.00 14.90 ? 11  ARG A N   1 
ATOM   81   C CA  . ARG A 1 11  ? -6.733  9.908   -8.675  1.00 16.01 ? 11  ARG A CA  1 
ATOM   82   C C   . ARG A 1 11  ? -7.427  9.337   -7.415  1.00 15.74 ? 11  ARG A C   1 
ATOM   83   O O   . ARG A 1 11  ? -7.979  10.096  -6.609  1.00 15.39 ? 11  ARG A O   1 
ATOM   84   C CB  . ARG A 1 11  ? -7.652  9.759   -9.892  1.00 16.28 ? 11  ARG A CB  1 
ATOM   85   C CG  . ARG A 1 11  ? -7.444  10.808  -10.975 1.00 16.29 ? 11  ARG A CG  1 
ATOM   86   C CD  . ARG A 1 11  ? -8.524  10.705  -12.061 1.00 16.92 ? 11  ARG A CD  1 
ATOM   87   N NE  . ARG A 1 11  ? -8.286  9.602   -13.000 1.00 18.26 ? 11  ARG A NE  1 
ATOM   88   C CZ  . ARG A 1 11  ? -7.404  9.620   -14.000 1.00 16.52 ? 11  ARG A CZ  1 
ATOM   89   N NH1 . ARG A 1 11  ? -6.633  10.677  -14.211 1.00 15.88 ? 11  ARG A NH1 1 
ATOM   90   N NH2 . ARG A 1 11  ? -7.294  8.556   -14.790 1.00 17.67 ? 11  ARG A NH2 1 
ATOM   91   N N   . GLU A 1 12  ? -7.369  8.017   -7.243  1.00 14.69 ? 12  GLU A N   1 
ATOM   92   C CA  . GLU A 1 12  ? -7.909  7.381   -6.023  1.00 15.68 ? 12  GLU A CA  1 
ATOM   93   C C   . GLU A 1 12  ? -7.163  7.799   -4.755  1.00 14.84 ? 12  GLU A C   1 
ATOM   94   O O   . GLU A 1 12  ? -7.797  8.090   -3.715  1.00 13.99 ? 12  GLU A O   1 
ATOM   95   C CB  . GLU A 1 12  ? -7.923  5.852   -6.127  1.00 15.36 ? 12  GLU A CB  1 
ATOM   96   C CG  . GLU A 1 12  ? -9.030  5.296   -6.988  1.00 20.50 ? 12  GLU A CG  1 
ATOM   97   C CD  . GLU A 1 12  ? -10.450 5.614   -6.502  1.00 24.47 ? 12  GLU A CD  1 
ATOM   98   O OE1 . GLU A 1 12  ? -10.657 6.142   -5.385  1.00 22.78 ? 12  GLU A OE1 1 
ATOM   99   O OE2 . GLU A 1 12  ? -11.375 5.307   -7.282  1.00 31.30 ? 12  GLU A OE2 1 
ATOM   100  N N   . PHE A 1 13  ? -5.830  7.850   -4.832  1.00 14.09 ? 13  PHE A N   1 
ATOM   101  C CA  . PHE A 1 13  ? -5.039  8.342   -3.699  1.00 14.65 ? 13  PHE A CA  1 
ATOM   102  C C   . PHE A 1 13  ? -5.441  9.785   -3.354  1.00 14.95 ? 13  PHE A C   1 
ATOM   103  O O   . PHE A 1 13  ? -5.628  10.115  -2.173  1.00 13.94 ? 13  PHE A O   1 
ATOM   104  C CB  . PHE A 1 13  ? -3.518  8.233   -3.934  1.00 14.52 ? 13  PHE A CB  1 
ATOM   105  C CG  . PHE A 1 13  ? -2.967  6.808   -3.835  1.00 15.83 ? 13  PHE A CG  1 
ATOM   106  C CD1 . PHE A 1 13  ? -1.946  6.393   -4.687  1.00 14.74 ? 13  PHE A CD1 1 
ATOM   107  C CD2 . PHE A 1 13  ? -3.464  5.900   -2.892  1.00 17.88 ? 13  PHE A CD2 1 
ATOM   108  C CE1 . PHE A 1 13  ? -1.401  5.090   -4.600  1.00 16.40 ? 13  PHE A CE1 1 
ATOM   109  C CE2 . PHE A 1 13  ? -2.942  4.593   -2.792  1.00 18.73 ? 13  PHE A CE2 1 
ATOM   110  C CZ  . PHE A 1 13  ? -1.900  4.187   -3.672  1.00 15.55 ? 13  PHE A CZ  1 
ATOM   111  N N   . LYS A 1 14  ? -5.536  10.640  -4.375  1.00 15.07 ? 14  LYS A N   1 
ATOM   112  C CA  . LYS A 1 14  ? -5.953  12.048  -4.173  1.00 16.28 ? 14  LYS A CA  1 
ATOM   113  C C   . LYS A 1 14  ? -7.348  12.163  -3.554  1.00 16.02 ? 14  LYS A C   1 
ATOM   114  O O   . LYS A 1 14  ? -7.579  12.974  -2.659  1.00 15.85 ? 14  LYS A O   1 
ATOM   115  C CB  . LYS A 1 14  ? -5.856  12.853  -5.467  1.00 16.25 ? 14  LYS A CB  1 
ATOM   116  C CG  . LYS A 1 14  ? -6.367  14.279  -5.317  1.00 20.31 ? 14  LYS A CG  1 
ATOM   117  C CD  . LYS A 1 14  ? -6.040  15.133  -6.504  1.00 25.54 ? 14  LYS A CD  1 
ATOM   118  C CE  . LYS A 1 14  ? -6.425  16.580  -6.215  1.00 27.59 ? 14  LYS A CE  1 
ATOM   119  N NZ  . LYS A 1 14  ? -5.985  17.410  -7.353  1.00 32.32 ? 14  LYS A NZ  1 
ATOM   120  N N   . ARG A 1 15  ? -8.260  11.311  -4.007  1.00 16.16 ? 15  ARG A N   1 
ATOM   121  C CA  . ARG A 1 15  ? -9.602  11.237  -3.456  1.00 16.51 ? 15  ARG A CA  1 
ATOM   122  C C   . ARG A 1 15  ? -9.577  11.027  -1.937  1.00 16.01 ? 15  ARG A C   1 
ATOM   123  O O   . ARG A 1 15  ? -10.417 11.557  -1.203  1.00 15.94 ? 15  ARG A O   1 
ATOM   124  C CB  . ARG A 1 15  ? -10.307 10.047  -4.095  1.00 16.87 ? 15  ARG A CB  1 
ATOM   125  C CG  . ARG A 1 15  ? -11.611 10.360  -4.637  1.00 20.46 ? 15  ARG A CG  1 
ATOM   126  C CD  . ARG A 1 15  ? -12.220 9.164   -5.326  1.00 20.27 ? 15  ARG A CD  1 
ATOM   127  N NE  . ARG A 1 15  ? -13.552 9.015   -4.789  1.00 19.85 ? 15  ARG A NE  1 
ATOM   128  C CZ  . ARG A 1 15  ? -14.055 7.898   -4.265  1.00 17.97 ? 15  ARG A CZ  1 
ATOM   129  N NH1 . ARG A 1 15  ? -13.361 6.760   -4.224  1.00 16.99 ? 15  ARG A NH1 1 
ATOM   130  N NH2 . ARG A 1 15  ? -15.276 7.933   -3.804  1.00 14.27 ? 15  ARG A NH2 1 
ATOM   131  N N   . HIS A 1 16  ? -8.612  10.247  -1.482  1.00 14.76 ? 16  HIS A N   1 
ATOM   132  C CA  . HIS A 1 16  ? -8.483  9.916   -0.092  1.00 16.23 ? 16  HIS A CA  1 
ATOM   133  C C   . HIS A 1 16  ? -7.579  10.861  0.723   1.00 16.74 ? 16  HIS A C   1 
ATOM   134  O O   . HIS A 1 16  ? -7.280  10.567  1.870   1.00 17.20 ? 16  HIS A O   1 
ATOM   135  C CB  . HIS A 1 16  ? -8.023  8.460   0.028   1.00 16.03 ? 16  HIS A CB  1 
ATOM   136  C CG  . HIS A 1 16  ? -9.088  7.474   -0.351  1.00 16.84 ? 16  HIS A CG  1 
ATOM   137  N ND1 . HIS A 1 16  ? -10.193 7.238   0.443   1.00 18.38 ? 16  HIS A ND1 1 
ATOM   138  C CD2 . HIS A 1 16  ? -9.238  6.691   -1.447  1.00 17.61 ? 16  HIS A CD2 1 
ATOM   139  C CE1 . HIS A 1 16  ? -10.971 6.343   -0.142  1.00 18.61 ? 16  HIS A CE1 1 
ATOM   140  N NE2 . HIS A 1 16  ? -10.410 5.982   -1.284  1.00 18.49 ? 16  HIS A NE2 1 
ATOM   141  N N   . GLY A 1 17  ? -7.135  11.963  0.123   1.00 17.10 ? 17  GLY A N   1 
ATOM   142  C CA  . GLY A 1 17  ? -6.197  12.888  0.785   1.00 18.75 ? 17  GLY A CA  1 
ATOM   143  C C   . GLY A 1 17  ? -4.833  12.325  1.166   1.00 19.78 ? 17  GLY A C   1 
ATOM   144  O O   . GLY A 1 17  ? -4.204  12.779  2.139   1.00 19.10 ? 17  GLY A O   1 
ATOM   145  N N   . MET A 1 18  ? -4.365  11.334  0.401   1.00 21.10 ? 18  MET A N   1 
ATOM   146  C CA  . MET A 1 18  ? -3.042  10.721  0.600   1.00 23.79 ? 18  MET A CA  1 
ATOM   147  C C   . MET A 1 18  ? -1.948  11.700  0.201   1.00 25.15 ? 18  MET A C   1 
ATOM   148  O O   . MET A 1 18  ? -0.821  11.677  0.701   1.00 25.82 ? 18  MET A O   1 
ATOM   149  C CB  . MET A 1 18  ? -2.916  9.442   -0.237  1.00 23.63 ? 18  MET A CB  1 
ATOM   150  C CG  . MET A 1 18  ? -3.761  8.296   0.294   1.00 26.64 ? 18  MET A CG  1 
ATOM   151  S SD  . MET A 1 18  ? -3.132  7.612   1.859   1.00 33.26 ? 18  MET A SD  1 
ATOM   152  C CE  . MET A 1 18  ? -2.928  9.027   2.902   1.00 35.60 ? 18  MET A CE  1 
ATOM   153  N N   . ASP A 1 19  ? -2.323  12.457  -0.815  1.00 26.38 ? 19  ASP A N   1 
ATOM   154  C CA  . ASP A 1 19  ? -1.880  13.774  -1.182  1.00 27.67 ? 19  ASP A CA  1 
ATOM   155  C C   . ASP A 1 19  ? -1.366  14.690  -0.036  1.00 27.64 ? 19  ASP A C   1 
ATOM   156  O O   . ASP A 1 19  ? -2.138  15.421  0.561   1.00 27.39 ? 19  ASP A O   1 
ATOM   157  C CB  . ASP A 1 19  ? -3.167  14.362  -1.770  1.00 28.30 ? 19  ASP A CB  1 
ATOM   158  C CG  . ASP A 1 19  ? -2.953  15.626  -2.433  1.00 29.66 ? 19  ASP A CG  1 
ATOM   159  O OD1 . ASP A 1 19  ? -2.181  15.613  -3.397  1.00 35.09 ? 19  ASP A OD1 1 
ATOM   160  O OD2 . ASP A 1 19  ? -3.550  16.638  -2.001  1.00 33.86 ? 19  ASP A OD2 1 
ATOM   161  N N   . GLY A 1 20  ? -0.069  14.681  0.259   1.00 28.54 ? 20  GLY A N   1 
ATOM   162  C CA  . GLY A 1 20  ? 0.454   15.527  1.354   1.00 28.56 ? 20  GLY A CA  1 
ATOM   163  C C   . GLY A 1 20  ? 0.242   14.957  2.750   1.00 29.04 ? 20  GLY A C   1 
ATOM   164  O O   . GLY A 1 20  ? 0.649   15.556  3.744   1.00 28.64 ? 20  GLY A O   1 
ATOM   165  N N   . TYR A 1 21  ? -0.392  13.784  2.829   1.00 29.50 ? 21  TYR A N   1 
ATOM   166  C CA  . TYR A 1 21  ? -0.656  13.131  4.112   1.00 29.37 ? 21  TYR A CA  1 
ATOM   167  C C   . TYR A 1 21  ? 0.671   12.787  4.793   1.00 29.47 ? 21  TYR A C   1 
ATOM   168  O O   . TYR A 1 21  ? 1.500   12.051  4.246   1.00 29.35 ? 21  TYR A O   1 
ATOM   169  C CB  . TYR A 1 21  ? -1.551  11.886  3.951   1.00 29.36 ? 21  TYR A CB  1 
ATOM   170  C CG  . TYR A 1 21  ? -1.987  11.269  5.267   1.00 28.86 ? 21  TYR A CG  1 
ATOM   171  C CD1 . TYR A 1 21  ? -3.024  11.836  6.006   1.00 29.06 ? 21  TYR A CD1 1 
ATOM   172  C CD2 . TYR A 1 21  ? -1.349  10.140  5.785   1.00 27.47 ? 21  TYR A CD2 1 
ATOM   173  C CE1 . TYR A 1 21  ? -3.422  11.301  7.222   1.00 28.83 ? 21  TYR A CE1 1 
ATOM   174  C CE2 . TYR A 1 21  ? -1.749  9.583   7.016   1.00 28.50 ? 21  TYR A CE2 1 
ATOM   175  C CZ  . TYR A 1 21  ? -2.785  10.180  7.724   1.00 29.29 ? 21  TYR A CZ  1 
ATOM   176  O OH  . TYR A 1 21  ? -3.208  9.654   8.923   1.00 28.90 ? 21  TYR A OH  1 
ATOM   177  N N   . HIS A 1 22  ? 0.865   13.355  5.982   1.00 29.19 ? 22  HIS A N   1 
ATOM   178  C CA  . HIS A 1 22  ? 2.112   13.223  6.745   1.00 29.25 ? 22  HIS A CA  1 
ATOM   179  C C   . HIS A 1 22  ? 3.398   13.584  5.988   1.00 28.44 ? 22  HIS A C   1 
ATOM   180  O O   . HIS A 1 22  ? 4.465   13.059  6.300   1.00 28.53 ? 22  HIS A O   1 
ATOM   181  C CB  . HIS A 1 22  ? 2.208   11.834  7.386   1.00 29.60 ? 22  HIS A CB  1 
ATOM   182  C CG  . HIS A 1 22  ? 1.417   11.707  8.649   1.00 31.70 ? 22  HIS A CG  1 
ATOM   183  N ND1 . HIS A 1 22  ? 1.947   11.191  9.813   1.00 33.54 ? 22  HIS A ND1 1 
ATOM   184  C CD2 . HIS A 1 22  ? 0.137   12.050  8.938   1.00 33.08 ? 22  HIS A CD2 1 
ATOM   185  C CE1 . HIS A 1 22  ? 1.022   11.200  10.756  1.00 33.86 ? 22  HIS A CE1 1 
ATOM   186  N NE2 . HIS A 1 22  ? -0.085  11.716  10.252  1.00 34.10 ? 22  HIS A NE2 1 
ATOM   187  N N   . GLY A 1 23  ? 3.293   14.493  5.019   1.00 27.77 ? 23  GLY A N   1 
ATOM   188  C CA  . GLY A 1 23  ? 4.461   14.976  4.253   1.00 27.21 ? 23  GLY A CA  1 
ATOM   189  C C   . GLY A 1 23  ? 4.754   14.222  2.962   1.00 26.65 ? 23  GLY A C   1 
ATOM   190  O O   . GLY A 1 23  ? 5.608   14.632  2.176   1.00 26.82 ? 23  GLY A O   1 
ATOM   191  N N   . TYR A 1 24  ? 4.042   13.123  2.731   1.00 25.53 ? 24  TYR A N   1 
ATOM   192  C CA  . TYR A 1 24  ? 4.277   12.291  1.550   1.00 24.45 ? 24  TYR A CA  1 
ATOM   193  C C   . TYR A 1 24  ? 3.412   12.739  0.365   1.00 23.88 ? 24  TYR A C   1 
ATOM   194  O O   . TYR A 1 24  ? 2.372   13.385  0.557   1.00 24.72 ? 24  TYR A O   1 
ATOM   195  C CB  . TYR A 1 24  ? 4.066   10.815  1.905   1.00 24.24 ? 24  TYR A CB  1 
ATOM   196  C CG  . TYR A 1 24  ? 5.027   10.313  2.964   1.00 23.80 ? 24  TYR A CG  1 
ATOM   197  C CD1 . TYR A 1 24  ? 6.379   10.095  2.658   1.00 23.02 ? 24  TYR A CD1 1 
ATOM   198  C CD2 . TYR A 1 24  ? 4.592   10.062  4.272   1.00 23.94 ? 24  TYR A CD2 1 
ATOM   199  C CE1 . TYR A 1 24  ? 7.264   9.642   3.617   1.00 24.71 ? 24  TYR A CE1 1 
ATOM   200  C CE2 . TYR A 1 24  ? 5.477   9.604   5.254   1.00 24.55 ? 24  TYR A CE2 1 
ATOM   201  C CZ  . TYR A 1 24  ? 6.809   9.397   4.919   1.00 24.14 ? 24  TYR A CZ  1 
ATOM   202  O OH  . TYR A 1 24  ? 7.687   8.938   5.861   1.00 23.29 ? 24  TYR A OH  1 
ATOM   203  N N   . SER A 1 25  ? 3.865   12.456  -0.857  1.00 22.52 ? 25  SER A N   1 
ATOM   204  C CA  . SER A 1 25  ? 3.183   12.942  -2.065  1.00 21.40 ? 25  SER A CA  1 
ATOM   205  C C   . SER A 1 25  ? 2.466   11.828  -2.824  1.00 20.50 ? 25  SER A C   1 
ATOM   206  O O   . SER A 1 25  ? 2.721   10.638  -2.580  1.00 19.07 ? 25  SER A O   1 
ATOM   207  C CB  . SER A 1 25  ? 4.189   13.637  -2.995  1.00 21.88 ? 25  SER A CB  1 
ATOM   208  O OG  . SER A 1 25  ? 5.188   12.722  -3.448  1.00 22.96 ? 25  SER A OG  1 
ATOM   209  N N   . LEU A 1 26  ? 1.587   12.219  -3.747  1.00 19.13 ? 26  LEU A N   1 
ATOM   210  C CA  . LEU A 1 26  ? 0.948   11.271  -4.657  1.00 18.79 ? 26  LEU A CA  1 
ATOM   211  C C   . LEU A 1 26  ? 1.977   10.397  -5.354  1.00 17.98 ? 26  LEU A C   1 
ATOM   212  O O   . LEU A 1 26  ? 1.812   9.194   -5.393  1.00 16.68 ? 26  LEU A O   1 
ATOM   213  C CB  . LEU A 1 26  ? 0.113   11.985  -5.713  1.00 19.42 ? 26  LEU A CB  1 
ATOM   214  C CG  . LEU A 1 26  ? -1.411  11.910  -5.718  1.00 21.28 ? 26  LEU A CG  1 
ATOM   215  C CD1 . LEU A 1 26  ? -2.069  11.860  -4.319  1.00 21.61 ? 26  LEU A CD1 1 
ATOM   216  C CD2 . LEU A 1 26  ? -1.936  13.073  -6.550  1.00 19.72 ? 26  LEU A CD2 1 
ATOM   217  N N   . GLY A 1 27  ? 3.040   11.012  -5.882  1.00 16.61 ? 27  GLY A N   1 
ATOM   218  C CA  . GLY A 1 27  ? 4.109   10.263  -6.538  1.00 16.78 ? 27  GLY A CA  1 
ATOM   219  C C   . GLY A 1 27  ? 4.701   9.158   -5.666  1.00 16.47 ? 27  GLY A C   1 
ATOM   220  O O   . GLY A 1 27  ? 4.893   8.032   -6.138  1.00 16.00 ? 27  GLY A O   1 
ATOM   221  N N   . ASP A 1 28  ? 4.998   9.489   -4.405  1.00 15.79 ? 28  ASP A N   1 
ATOM   222  C CA  . ASP A 1 28  ? 5.475   8.503   -3.431  1.00 16.15 ? 28  ASP A CA  1 
ATOM   223  C C   . ASP A 1 28  ? 4.581   7.274   -3.365  1.00 15.38 ? 28  ASP A C   1 
ATOM   224  O O   . ASP A 1 28  ? 5.070   6.140   -3.454  1.00 13.58 ? 28  ASP A O   1 
ATOM   225  C CB  . ASP A 1 28  ? 5.598   9.107   -2.028  1.00 16.35 ? 28  ASP A CB  1 
ATOM   226  C CG  . ASP A 1 28  ? 6.743   10.098  -1.922  1.00 19.05 ? 28  ASP A CG  1 
ATOM   227  O OD1 . ASP A 1 28  ? 7.908   9.681   -2.078  1.00 18.74 ? 28  ASP A OD1 1 
ATOM   228  O OD2 . ASP A 1 28  ? 6.461   11.292  -1.678  1.00 21.61 ? 28  ASP A OD2 1 
ATOM   229  N N   . TRP A 1 29  ? 3.273   7.513   -3.222  1.00 14.94 ? 29  TRP A N   1 
ATOM   230  C CA  . TRP A 1 29  ? 2.297   6.415   -3.096  1.00 14.81 ? 29  TRP A CA  1 
ATOM   231  C C   . TRP A 1 29  ? 2.191   5.560   -4.367  1.00 14.84 ? 29  TRP A C   1 
ATOM   232  O O   . TRP A 1 29  ? 2.150   4.329   -4.280  1.00 14.46 ? 29  TRP A O   1 
ATOM   233  C CB  . TRP A 1 29  ? 0.926   6.932   -2.615  1.00 14.98 ? 29  TRP A CB  1 
ATOM   234  C CG  . TRP A 1 29  ? 0.984   7.347   -1.190  1.00 16.13 ? 29  TRP A CG  1 
ATOM   235  C CD1 . TRP A 1 29  ? 1.028   8.625   -0.706  1.00 16.36 ? 29  TRP A CD1 1 
ATOM   236  C CD2 . TRP A 1 29  ? 1.090   6.479   -0.055  1.00 14.81 ? 29  TRP A CD2 1 
ATOM   237  N NE1 . TRP A 1 29  ? 1.136   8.604   0.672   1.00 16.24 ? 29  TRP A NE1 1 
ATOM   238  C CE2 . TRP A 1 29  ? 1.159   7.299   1.096   1.00 17.35 ? 29  TRP A CE2 1 
ATOM   239  C CE3 . TRP A 1 29  ? 1.109   5.082   0.104   1.00 16.58 ? 29  TRP A CE3 1 
ATOM   240  C CZ2 . TRP A 1 29  ? 1.265   6.763   2.403   1.00 15.10 ? 29  TRP A CZ2 1 
ATOM   241  C CZ3 . TRP A 1 29  ? 1.198   4.551   1.396   1.00 15.06 ? 29  TRP A CZ3 1 
ATOM   242  C CH2 . TRP A 1 29  ? 1.287   5.393   2.523   1.00 15.98 ? 29  TRP A CH2 1 
ATOM   243  N N   . VAL A 1 30  ? 2.171   6.214   -5.528  1.00 14.44 ? 30  VAL A N   1 
ATOM   244  C CA  . VAL A 1 30  ? 2.063   5.511   -6.812  1.00 14.46 ? 30  VAL A CA  1 
ATOM   245  C C   . VAL A 1 30  ? 3.343   4.702   -7.086  1.00 14.51 ? 30  VAL A C   1 
ATOM   246  O O   . VAL A 1 30  ? 3.266   3.536   -7.462  1.00 13.46 ? 30  VAL A O   1 
ATOM   247  C CB  . VAL A 1 30  ? 1.718   6.479   -7.989  1.00 14.64 ? 30  VAL A CB  1 
ATOM   248  C CG1 . VAL A 1 30  ? 1.759   5.732   -9.350  1.00 13.93 ? 30  VAL A CG1 1 
ATOM   249  C CG2 . VAL A 1 30  ? 0.312   7.130   -7.775  1.00 14.43 ? 30  VAL A CG2 1 
ATOM   250  N N   . CYS A 1 31  ? 4.503   5.331   -6.881  1.00 14.79 ? 31  CYS A N   1 
ATOM   251  C CA  . CYS A 1 31  ? 5.808   4.657   -6.957  1.00 14.60 ? 31  CYS A CA  1 
ATOM   252  C C   . CYS A 1 31  ? 5.830   3.384   -6.090  1.00 14.05 ? 31  CYS A C   1 
ATOM   253  O O   . CYS A 1 31  ? 6.184   2.294   -6.573  1.00 14.46 ? 31  CYS A O   1 
ATOM   254  C CB  . CYS A 1 31  ? 6.945   5.635   -6.558  1.00 14.66 ? 31  CYS A CB  1 
ATOM   255  S SG  . CYS A 1 31  ? 8.606   4.920   -6.695  1.00 16.98 ? 31  CYS A SG  1 
ATOM   256  N N   . THR A 1 32  ? 5.431   3.512   -4.826  1.00 13.43 ? 32  THR A N   1 
ATOM   257  C CA  . THR A 1 32  ? 5.347   2.364   -3.915  1.00 13.46 ? 32  THR A CA  1 
ATOM   258  C C   . THR A 1 32  ? 4.435   1.247   -4.452  1.00 12.99 ? 32  THR A C   1 
ATOM   259  O O   . THR A 1 32  ? 4.853   0.092   -4.502  1.00 13.65 ? 32  THR A O   1 
ATOM   260  C CB  . THR A 1 32  ? 4.864   2.780   -2.509  1.00 13.01 ? 32  THR A CB  1 
ATOM   261  O OG1 . THR A 1 32  ? 5.701   3.836   -2.023  1.00 16.16 ? 32  THR A OG1 1 
ATOM   262  C CG2 . THR A 1 32  ? 4.894   1.582   -1.532  1.00 13.73 ? 32  THR A CG2 1 
ATOM   263  N N   . ALA A 1 33  ? 3.211   1.594   -4.852  1.00 12.50 ? 33  ALA A N   1 
ATOM   264  C CA  . ALA A 1 33  ? 2.249   0.591   -5.344  1.00 12.98 ? 33  ALA A CA  1 
ATOM   265  C C   . ALA A 1 33  ? 2.813   -0.139  -6.568  1.00 12.88 ? 33  ALA A C   1 
ATOM   266  O O   . ALA A 1 33  ? 2.668   -1.371  -6.677  1.00 12.40 ? 33  ALA A O   1 
ATOM   267  C CB  . ALA A 1 33  ? 0.893   1.229   -5.668  1.00 12.83 ? 33  ALA A CB  1 
ATOM   268  N N   . LYS A 1 34  ? 3.475   0.601   -7.462  1.00 12.66 ? 34  LYS A N   1 
ATOM   269  C CA  . LYS A 1 34  ? 4.084   -0.047  -8.637  1.00 13.50 ? 34  LYS A CA  1 
ATOM   270  C C   . LYS A 1 34  ? 5.018   -1.170  -8.205  1.00 13.20 ? 34  LYS A C   1 
ATOM   271  O O   . LYS A 1 34  ? 4.900   -2.328  -8.648  1.00 12.41 ? 34  LYS A O   1 
ATOM   272  C CB  . LYS A 1 34  ? 4.840   0.960   -9.533  1.00 13.23 ? 34  LYS A CB  1 
ATOM   273  C CG  . LYS A 1 34  ? 5.651   0.312   -10.699 1.00 13.13 ? 34  LYS A CG  1 
ATOM   274  C CD  . LYS A 1 34  ? 4.755   -0.477  -11.705 1.00 12.64 ? 34  LYS A CD  1 
ATOM   275  C CE  . LYS A 1 34  ? 5.581   -0.977  -12.906 1.00 12.09 ? 34  LYS A CE  1 
ATOM   276  N NZ  . LYS A 1 34  ? 4.754   -1.788  -13.882 1.00 13.52 ? 34  LYS A NZ  1 
ATOM   277  N N   . HIS A 1 35  ? 5.940   -0.822  -7.316  1.00 14.00 ? 35  HIS A N   1 
ATOM   278  C CA  . HIS A 1 35  ? 6.975   -1.747  -6.894  1.00 15.11 ? 35  HIS A CA  1 
ATOM   279  C C   . HIS A 1 35  ? 6.470   -2.851  -5.964  1.00 15.62 ? 35  HIS A C   1 
ATOM   280  O O   . HIS A 1 35  ? 7.006   -3.960  -5.982  1.00 15.47 ? 35  HIS A O   1 
ATOM   281  C CB  . HIS A 1 35  ? 8.169   -0.987  -6.321  1.00 14.76 ? 35  HIS A CB  1 
ATOM   282  C CG  . HIS A 1 35  ? 8.949   -0.274  -7.378  1.00 16.59 ? 35  HIS A CG  1 
ATOM   283  N ND1 . HIS A 1 35  ? 9.855   -0.920  -8.196  1.00 18.68 ? 35  HIS A ND1 1 
ATOM   284  C CD2 . HIS A 1 35  ? 8.905   1.009   -7.808  1.00 16.60 ? 35  HIS A CD2 1 
ATOM   285  C CE1 . HIS A 1 35  ? 10.355  -0.058  -9.062  1.00 19.51 ? 35  HIS A CE1 1 
ATOM   286  N NE2 . HIS A 1 35  ? 9.808   1.124   -8.838  1.00 17.66 ? 35  HIS A NE2 1 
ATOM   287  N N   . GLU A 1 36  ? 5.432   -2.554  -5.182  1.00 15.06 ? 36  GLU A N   1 
ATOM   288  C CA  . GLU A 1 36  ? 4.843   -3.554  -4.286  1.00 15.65 ? 36  GLU A CA  1 
ATOM   289  C C   . GLU A 1 36  ? 3.977   -4.618  -4.987  1.00 15.40 ? 36  GLU A C   1 
ATOM   290  O O   . GLU A 1 36  ? 4.133   -5.836  -4.744  1.00 14.54 ? 36  GLU A O   1 
ATOM   291  C CB  . GLU A 1 36  ? 4.028   -2.869  -3.187  1.00 16.27 ? 36  GLU A CB  1 
ATOM   292  C CG  . GLU A 1 36  ? 4.871   -2.090  -2.145  1.00 18.41 ? 36  GLU A CG  1 
ATOM   293  C CD  . GLU A 1 36  ? 5.803   -2.961  -1.315  1.00 22.77 ? 36  GLU A CD  1 
ATOM   294  O OE1 . GLU A 1 36  ? 5.542   -4.175  -1.117  1.00 22.40 ? 36  GLU A OE1 1 
ATOM   295  O OE2 . GLU A 1 36  ? 6.811   -2.402  -0.842  1.00 24.70 ? 36  GLU A OE2 1 
ATOM   296  N N   . SER A 1 37  ? 3.076   -4.165  -5.856  1.00 14.78 ? 37  SER A N   1 
ATOM   297  C CA  . SER A 1 37  ? 2.000   -5.020  -6.367  1.00 14.79 ? 37  SER A CA  1 
ATOM   298  C C   . SER A 1 37  ? 1.839   -4.999  -7.879  1.00 14.57 ? 37  SER A C   1 
ATOM   299  O O   . SER A 1 37  ? 0.920   -5.645  -8.409  1.00 14.94 ? 37  SER A O   1 
ATOM   300  C CB  . SER A 1 37  ? 0.671   -4.552  -5.774  1.00 14.38 ? 37  SER A CB  1 
ATOM   301  O OG  . SER A 1 37  ? 0.355   -3.257  -6.303  1.00 12.84 ? 37  SER A OG  1 
ATOM   302  N N   . ASN A 1 38  ? 2.673   -4.221  -8.577  1.00 14.27 ? 38  ASN A N   1 
ATOM   303  C CA  . ASN A 1 38  ? 2.440   -3.944  -9.977  1.00 14.19 ? 38  ASN A CA  1 
ATOM   304  C C   . ASN A 1 38  ? 1.006   -3.423  -10.215 1.00 13.76 ? 38  ASN A C   1 
ATOM   305  O O   . ASN A 1 38  ? 0.376   -3.742  -11.230 1.00 12.78 ? 38  ASN A O   1 
ATOM   306  C CB  . ASN A 1 38  ? 2.733   -5.190  -10.836 1.00 15.25 ? 38  ASN A CB  1 
ATOM   307  C CG  . ASN A 1 38  ? 3.102   -4.838  -12.263 1.00 15.70 ? 38  ASN A CG  1 
ATOM   308  O OD1 . ASN A 1 38  ? 3.207   -3.664  -12.618 1.00 17.65 ? 38  ASN A OD1 1 
ATOM   309  N ND2 . ASN A 1 38  ? 3.340   -5.859  -13.081 1.00 16.51 ? 38  ASN A ND2 1 
ATOM   310  N N   . PHE A 1 39  ? 0.506   -2.618  -9.264  1.00 12.52 ? 39  PHE A N   1 
ATOM   311  C CA  . PHE A 1 39  ? -0.813  -1.983  -9.347  1.00 12.65 ? 39  PHE A CA  1 
ATOM   312  C C   . PHE A 1 39  ? -1.981  -2.988  -9.267  1.00 12.99 ? 39  PHE A C   1 
ATOM   313  O O   . PHE A 1 39  ? -3.114  -2.652  -9.617  1.00 13.89 ? 39  PHE A O   1 
ATOM   314  C CB  . PHE A 1 39  ? -0.945  -1.108  -10.614 1.00 12.76 ? 39  PHE A CB  1 
ATOM   315  C CG  . PHE A 1 39  ? 0.019   0.062   -10.677 1.00 13.73 ? 39  PHE A CG  1 
ATOM   316  C CD1 . PHE A 1 39  ? 0.376   0.778   -9.515  1.00 13.12 ? 39  PHE A CD1 1 
ATOM   317  C CD2 . PHE A 1 39  ? 0.522   0.494   -11.910 1.00 11.94 ? 39  PHE A CD2 1 
ATOM   318  C CE1 . PHE A 1 39  ? 1.241   1.881   -9.595  1.00 12.26 ? 39  PHE A CE1 1 
ATOM   319  C CE2 . PHE A 1 39  ? 1.398   1.584   -12.002 1.00 10.39 ? 39  PHE A CE2 1 
ATOM   320  C CZ  . PHE A 1 39  ? 1.747   2.283   -10.860 1.00 12.33 ? 39  PHE A CZ  1 
ATOM   321  N N   . ASN A 1 40  ? -1.701  -4.202  -8.787  1.00 13.21 ? 40  ASN A N   1 
ATOM   322  C CA  . ASN A 1 40  ? -2.681  -5.310  -8.814  1.00 13.72 ? 40  ASN A CA  1 
ATOM   323  C C   . ASN A 1 40  ? -3.208  -5.597  -7.398  1.00 13.26 ? 40  ASN A C   1 
ATOM   324  O O   . ASN A 1 40  ? -2.440  -5.969  -6.517  1.00 13.45 ? 40  ASN A O   1 
ATOM   325  C CB  . ASN A 1 40  ? -2.043  -6.573  -9.441  1.00 13.58 ? 40  ASN A CB  1 
ATOM   326  C CG  . ASN A 1 40  ? -3.061  -7.679  -9.747  1.00 15.81 ? 40  ASN A CG  1 
ATOM   327  O OD1 . ASN A 1 40  ? -4.265  -7.568  -9.449  1.00 13.02 ? 40  ASN A OD1 1 
ATOM   328  N ND2 . ASN A 1 40  ? -2.575  -8.743  -10.377 1.00 17.63 ? 40  ASN A ND2 1 
ATOM   329  N N   . THR A 1 41  ? -4.509  -5.396  -7.186  1.00 13.91 ? 41  THR A N   1 
ATOM   330  C CA  . THR A 1 41  ? -5.121  -5.648  -5.867  1.00 14.09 ? 41  THR A CA  1 
ATOM   331  C C   . THR A 1 41  ? -5.047  -7.133  -5.471  1.00 13.66 ? 41  THR A C   1 
ATOM   332  O O   . THR A 1 41  ? -5.088  -7.452  -4.299  1.00 12.91 ? 41  THR A O   1 
ATOM   333  C CB  . THR A 1 41  ? -6.612  -5.181  -5.768  1.00 14.22 ? 41  THR A CB  1 
ATOM   334  O OG1 . THR A 1 41  ? -7.466  -6.013  -6.577  1.00 12.19 ? 41  THR A OG1 1 
ATOM   335  C CG2 . THR A 1 41  ? -6.785  -3.717  -6.162  1.00 13.90 ? 41  THR A CG2 1 
ATOM   336  N N   . ALA A 1 42  ? -4.953  -8.014  -6.471  1.00 14.50 ? 42  ALA A N   1 
ATOM   337  C CA  . ALA A 1 42  ? -4.896  -9.464  -6.257  1.00 14.80 ? 42  ALA A CA  1 
ATOM   338  C C   . ALA A 1 42  ? -3.525  -9.971  -5.813  1.00 15.50 ? 42  ALA A C   1 
ATOM   339  O O   . ALA A 1 42  ? -3.396  -11.134 -5.415  1.00 14.69 ? 42  ALA A O   1 
ATOM   340  C CB  . ALA A 1 42  ? -5.352  -10.195 -7.522  1.00 14.93 ? 42  ALA A CB  1 
ATOM   341  N N   . ALA A 1 43  ? -2.502  -9.109  -5.867  1.00 16.16 ? 43  ALA A N   1 
ATOM   342  C CA  . ALA A 1 43  ? -1.139  -9.492  -5.469  1.00 16.44 ? 43  ALA A CA  1 
ATOM   343  C C   . ALA A 1 43  ? -1.067  -10.045 -4.048  1.00 17.32 ? 43  ALA A C   1 
ATOM   344  O O   . ALA A 1 43  ? -1.661  -9.480  -3.117  1.00 16.15 ? 43  ALA A O   1 
ATOM   345  C CB  . ALA A 1 43  ? -0.173  -8.308  -5.616  1.00 17.15 ? 43  ALA A CB  1 
ATOM   346  N N   . THR A 1 44  ? -0.368  -11.169 -3.904  1.00 16.80 ? 44  THR A N   1 
ATOM   347  C CA  . THR A 1 44  ? -0.036  -11.734 -2.609  1.00 18.75 ? 44  THR A CA  1 
ATOM   348  C C   . THR A 1 44  ? 1.418   -12.192 -2.604  1.00 19.70 ? 44  THR A C   1 
ATOM   349  O O   . THR A 1 44  ? 1.975   -12.548 -3.654  1.00 19.31 ? 44  THR A O   1 
ATOM   350  C CB  . THR A 1 44  ? -0.913  -12.974 -2.226  1.00 19.00 ? 44  THR A CB  1 
ATOM   351  O OG1 . THR A 1 44  ? -0.753  -14.007 -3.216  1.00 18.60 ? 44  THR A OG1 1 
ATOM   352  C CG2 . THR A 1 44  ? -2.378  -12.609 -2.106  1.00 18.87 ? 44  THR A CG2 1 
ATOM   353  N N   . ASN A 1 45  ? 2.011   -12.223 -1.413  1.00 21.12 ? 45  ASN A N   1 
ATOM   354  C CA  . ASN A 1 45  ? 3.377   -12.694 -1.227  1.00 22.88 ? 45  ASN A CA  1 
ATOM   355  C C   . ASN A 1 45  ? 3.518   -13.415 0.103   1.00 23.17 ? 45  ASN A C   1 
ATOM   356  O O   . ASN A 1 45  ? 3.238   -12.852 1.163   1.00 23.42 ? 45  ASN A O   1 
ATOM   357  C CB  . ASN A 1 45  ? 4.392   -11.535 -1.313  1.00 23.39 ? 45  ASN A CB  1 
ATOM   358  C CG  . ASN A 1 45  ? 5.808   -11.951 -0.872  1.00 26.15 ? 45  ASN A CG  1 
ATOM   359  O OD1 . ASN A 1 45  ? 6.519   -12.640 -1.605  1.00 26.84 ? 45  ASN A OD1 1 
ATOM   360  N ND2 . ASN A 1 45  ? 6.214   -11.531 0.330   1.00 29.22 ? 45  ASN A ND2 1 
ATOM   361  N N   . TYR A 1 46  ? 3.962   -14.666 0.041   1.00 23.71 ? 46  TYR A N   1 
ATOM   362  C CA  . TYR A 1 46  ? 4.227   -15.447 1.248   1.00 24.28 ? 46  TYR A CA  1 
ATOM   363  C C   . TYR A 1 46  ? 5.633   -15.199 1.790   1.00 24.14 ? 46  TYR A C   1 
ATOM   364  O O   . TYR A 1 46  ? 6.609   -15.191 1.029   1.00 23.98 ? 46  TYR A O   1 
ATOM   365  C CB  . TYR A 1 46  ? 4.040   -16.949 0.993   1.00 24.66 ? 46  TYR A CB  1 
ATOM   366  C CG  . TYR A 1 46  ? 4.126   -17.776 2.250   1.00 25.16 ? 46  TYR A CG  1 
ATOM   367  C CD1 . TYR A 1 46  ? 3.154   -17.655 3.237   1.00 25.00 ? 46  TYR A CD1 1 
ATOM   368  C CD2 . TYR A 1 46  ? 5.177   -18.686 2.454   1.00 27.07 ? 46  TYR A CD2 1 
ATOM   369  C CE1 . TYR A 1 46  ? 3.210   -18.384 4.393   1.00 26.07 ? 46  TYR A CE1 1 
ATOM   370  C CE2 . TYR A 1 46  ? 5.243   -19.447 3.629   1.00 26.30 ? 46  TYR A CE2 1 
ATOM   371  C CZ  . TYR A 1 46  ? 4.254   -19.285 4.587   1.00 26.23 ? 46  TYR A CZ  1 
ATOM   372  O OH  . TYR A 1 46  ? 4.251   -20.010 5.746   1.00 26.32 ? 46  TYR A OH  1 
ATOM   373  N N   . ASN A 1 47  ? 5.698   -15.021 3.110   1.00 24.26 ? 47  ASN A N   1 
ATOM   374  C CA  . ASN A 1 47  ? 6.933   -14.836 3.880   1.00 24.84 ? 47  ASN A CA  1 
ATOM   375  C C   . ASN A 1 47  ? 7.205   -16.032 4.804   1.00 25.18 ? 47  ASN A C   1 
ATOM   376  O O   . ASN A 1 47  ? 6.567   -16.197 5.850   1.00 24.58 ? 47  ASN A O   1 
ATOM   377  C CB  . ASN A 1 47  ? 6.842   -13.552 4.727   1.00 24.77 ? 47  ASN A CB  1 
ATOM   378  C CG  . ASN A 1 47  ? 6.462   -12.333 3.913   1.00 24.45 ? 47  ASN A CG  1 
ATOM   379  O OD1 . ASN A 1 47  ? 7.172   -11.940 2.987   1.00 25.23 ? 47  ASN A OD1 1 
ATOM   380  N ND2 . ASN A 1 47  ? 5.336   -11.721 4.257   1.00 24.18 ? 47  ASN A ND2 1 
ATOM   381  N N   . ARG A 1 48  ? 8.154   -16.873 4.401   1.00 26.40 ? 48  ARG A N   1 
ATOM   382  C CA  . ARG A 1 48  ? 8.544   -18.054 5.179   1.00 27.75 ? 48  ARG A CA  1 
ATOM   383  C C   . ARG A 1 48  ? 9.007   -17.735 6.593   1.00 27.67 ? 48  ARG A C   1 
ATOM   384  O O   . ARG A 1 48  ? 8.726   -18.500 7.520   1.00 28.04 ? 48  ARG A O   1 
ATOM   385  C CB  . ARG A 1 48  ? 9.652   -18.829 4.464   1.00 28.24 ? 48  ARG A CB  1 
ATOM   386  C CG  . ARG A 1 48  ? 9.124   -19.686 3.368   1.00 32.08 ? 48  ARG A CG  1 
ATOM   387  C CD  . ARG A 1 48  ? 9.929   -20.974 3.198   1.00 36.19 ? 48  ARG A CD  1 
ATOM   388  N NE  . ARG A 1 48  ? 9.047   -22.121 3.363   1.00 39.82 ? 48  ARG A NE  1 
ATOM   389  C CZ  . ARG A 1 48  ? 7.977   -22.370 2.604   1.00 42.75 ? 48  ARG A CZ  1 
ATOM   390  N NH1 . ARG A 1 48  ? 7.629   -21.570 1.597   1.00 42.94 ? 48  ARG A NH1 1 
ATOM   391  N NH2 . ARG A 1 48  ? 7.244   -23.434 2.854   1.00 44.16 ? 48  ARG A NH2 1 
ATOM   392  N N   . GLY A 1 49  ? 9.701   -16.607 6.752   1.00 27.97 ? 49  GLY A N   1 
ATOM   393  C CA  . GLY A 1 49  ? 10.327  -16.251 8.035   1.00 27.93 ? 49  GLY A CA  1 
ATOM   394  C C   . GLY A 1 49  ? 9.361   -16.254 9.202   1.00 27.64 ? 49  GLY A C   1 
ATOM   395  O O   . GLY A 1 49  ? 9.703   -16.686 10.301  1.00 27.96 ? 49  GLY A O   1 
ATOM   396  N N   . ASP A 1 50  ? 8.143   -15.771 8.974   1.00 26.89 ? 50  ASP A N   1 
ATOM   397  C CA  . ASP A 1 50  ? 7.165   -15.714 10.053  1.00 26.02 ? 50  ASP A CA  1 
ATOM   398  C C   . ASP A 1 50  ? 5.764   -16.231 9.695   1.00 25.34 ? 50  ASP A C   1 
ATOM   399  O O   . ASP A 1 50  ? 4.817   -16.042 10.463  1.00 25.38 ? 50  ASP A O   1 
ATOM   400  C CB  . ASP A 1 50  ? 7.123   -14.302 10.656  1.00 25.72 ? 50  ASP A CB  1 
ATOM   401  C CG  . ASP A 1 50  ? 6.569   -13.250 9.692   1.00 26.54 ? 50  ASP A CG  1 
ATOM   402  O OD1 . ASP A 1 50  ? 6.372   -13.516 8.477   1.00 25.76 ? 50  ASP A OD1 1 
ATOM   403  O OD2 . ASP A 1 50  ? 6.309   -12.135 10.178  1.00 26.92 ? 50  ASP A OD2 1 
ATOM   404  N N   . GLN A 1 51  ? 5.651   -16.912 8.553   1.00 25.10 ? 51  GLN A N   1 
ATOM   405  C CA  . GLN A 1 51  ? 4.381   -17.529 8.108   1.00 24.78 ? 51  GLN A CA  1 
ATOM   406  C C   . GLN A 1 51  ? 3.323   -16.484 7.753   1.00 23.41 ? 51  GLN A C   1 
ATOM   407  O O   . GLN A 1 51  ? 2.124   -16.769 7.810   1.00 22.47 ? 51  GLN A O   1 
ATOM   408  C CB  . GLN A 1 51  ? 3.786   -18.460 9.179   1.00 25.38 ? 51  GLN A CB  1 
ATOM   409  C CG  . GLN A 1 51  ? 4.192   -19.928 9.118   1.00 29.16 ? 51  GLN A CG  1 
ATOM   410  C CD  . GLN A 1 51  ? 5.667   -20.117 9.243   1.00 32.68 ? 51  GLN A CD  1 
ATOM   411  O OE1 . GLN A 1 51  ? 6.414   -19.902 8.284   1.00 37.78 ? 51  GLN A OE1 1 
ATOM   412  N NE2 . GLN A 1 51  ? 6.112   -20.531 10.421  1.00 33.45 ? 51  GLN A NE2 1 
ATOM   413  N N   . SER A 1 52  ? 3.774   -15.277 7.409   1.00 22.09 ? 52  SER A N   1 
ATOM   414  C CA  . SER A 1 52  ? 2.843   -14.184 7.107   1.00 20.38 ? 52  SER A CA  1 
ATOM   415  C C   . SER A 1 52  ? 2.720   -13.987 5.602   1.00 19.98 ? 52  SER A C   1 
ATOM   416  O O   . SER A 1 52  ? 3.549   -14.470 4.817   1.00 19.39 ? 52  SER A O   1 
ATOM   417  C CB  . SER A 1 52  ? 3.250   -12.882 7.834   1.00 19.79 ? 52  SER A CB  1 
ATOM   418  O OG  . SER A 1 52  ? 4.372   -12.283 7.218   1.00 19.76 ? 52  SER A OG  1 
ATOM   419  N N   . THR A 1 53  ? 1.674   -13.274 5.198   1.00 19.57 ? 53  THR A N   1 
ATOM   420  C CA  . THR A 1 53  ? 1.405   -13.015 3.794   1.00 18.83 ? 53  THR A CA  1 
ATOM   421  C C   . THR A 1 53  ? 1.134   -11.523 3.652   1.00 18.59 ? 53  THR A C   1 
ATOM   422  O O   . THR A 1 53  ? 0.473   -10.908 4.499   1.00 18.30 ? 53  THR A O   1 
ATOM   423  C CB  . THR A 1 53  ? 0.190   -13.842 3.287   1.00 19.03 ? 53  THR A CB  1 
ATOM   424  O OG1 . THR A 1 53  ? 0.401   -15.241 3.555   1.00 19.57 ? 53  THR A OG1 1 
ATOM   425  C CG2 . THR A 1 53  ? -0.086  -13.617 1.784   1.00 18.42 ? 53  THR A CG2 1 
ATOM   426  N N   . ASP A 1 54  ? 1.676   -10.953 2.585   1.00 18.67 ? 54  ASP A N   1 
ATOM   427  C CA  . ASP A 1 54  ? 1.372   -9.577  2.177   1.00 18.07 ? 54  ASP A CA  1 
ATOM   428  C C   . ASP A 1 54  ? 0.240   -9.556  1.158   1.00 17.25 ? 54  ASP A C   1 
ATOM   429  O O   . ASP A 1 54  ? 0.262   -10.301 0.167   1.00 16.46 ? 54  ASP A O   1 
ATOM   430  C CB  . ASP A 1 54  ? 2.611   -8.915  1.592   1.00 18.30 ? 54  ASP A CB  1 
ATOM   431  C CG  . ASP A 1 54  ? 3.793   -8.970  2.536   1.00 20.45 ? 54  ASP A CG  1 
ATOM   432  O OD1 . ASP A 1 54  ? 3.634   -8.670  3.746   1.00 21.61 ? 54  ASP A OD1 1 
ATOM   433  O OD2 . ASP A 1 54  ? 4.891   -9.321  2.065   1.00 25.09 ? 54  ASP A OD2 1 
ATOM   434  N N   . TYR A 1 55  ? -0.741  -8.679  1.401   1.00 16.22 ? 55  TYR A N   1 
ATOM   435  C CA  . TYR A 1 55  ? -1.962  -8.641  0.608   1.00 15.29 ? 55  TYR A CA  1 
ATOM   436  C C   . TYR A 1 55  ? -2.213  -7.321  -0.093  1.00 15.49 ? 55  TYR A C   1 
ATOM   437  O O   . TYR A 1 55  ? -2.101  -6.241  0.523   1.00 14.35 ? 55  TYR A O   1 
ATOM   438  C CB  . TYR A 1 55  ? -3.177  -8.911  1.491   1.00 15.45 ? 55  TYR A CB  1 
ATOM   439  C CG  . TYR A 1 55  ? -3.224  -10.313 2.038   1.00 16.26 ? 55  TYR A CG  1 
ATOM   440  C CD1 . TYR A 1 55  ? -2.599  -10.639 3.239   1.00 15.32 ? 55  TYR A CD1 1 
ATOM   441  C CD2 . TYR A 1 55  ? -3.902  -11.312 1.344   1.00 16.27 ? 55  TYR A CD2 1 
ATOM   442  C CE1 . TYR A 1 55  ? -2.660  -11.955 3.751   1.00 15.56 ? 55  TYR A CE1 1 
ATOM   443  C CE2 . TYR A 1 55  ? -3.966  -12.600 1.819   1.00 16.81 ? 55  TYR A CE2 1 
ATOM   444  C CZ  . TYR A 1 55  ? -3.360  -12.925 3.024   1.00 16.87 ? 55  TYR A CZ  1 
ATOM   445  O OH  . TYR A 1 55  ? -3.431  -14.237 3.459   1.00 17.16 ? 55  TYR A OH  1 
ATOM   446  N N   . GLY A 1 56  ? -2.581  -7.437  -1.369  1.00 14.40 ? 56  GLY A N   1 
ATOM   447  C CA  . GLY A 1 56  ? -3.180  -6.345  -2.120  1.00 14.79 ? 56  GLY A CA  1 
ATOM   448  C C   . GLY A 1 56  ? -2.228  -5.299  -2.703  1.00 13.91 ? 56  GLY A C   1 
ATOM   449  O O   . GLY A 1 56  ? -1.007  -5.510  -2.804  1.00 13.85 ? 56  GLY A O   1 
ATOM   450  N N   . ILE A 1 57  ? -2.804  -4.161  -3.070  1.00 14.15 ? 57  ILE A N   1 
ATOM   451  C CA  . ILE A 1 57  ? -2.101  -3.142  -3.873  1.00 14.07 ? 57  ILE A CA  1 
ATOM   452  C C   . ILE A 1 57  ? -0.907  -2.478  -3.138  1.00 14.11 ? 57  ILE A C   1 
ATOM   453  O O   . ILE A 1 57  ? 0.050   -2.015  -3.778  1.00 13.98 ? 57  ILE A O   1 
ATOM   454  C CB  . ILE A 1 57  ? -3.103  -2.093  -4.465  1.00 13.97 ? 57  ILE A CB  1 
ATOM   455  C CG1 . ILE A 1 57  ? -2.522  -1.432  -5.735  1.00 14.50 ? 57  ILE A CG1 1 
ATOM   456  C CG2 . ILE A 1 57  ? -3.560  -1.100  -3.411  1.00 12.99 ? 57  ILE A CG2 1 
ATOM   457  C CD1 . ILE A 1 57  ? -3.543  -0.738  -6.618  1.00 14.07 ? 57  ILE A CD1 1 
ATOM   458  N N   . LEU A 1 58  ? -0.966  -2.451  -1.810  1.00 13.78 ? 58  LEU A N   1 
ATOM   459  C CA  . LEU A 1 58  ? 0.157   -1.962  -0.982  1.00 14.26 ? 58  LEU A CA  1 
ATOM   460  C C   . LEU A 1 58  ? 0.786   -3.075  -0.119  1.00 14.60 ? 58  LEU A C   1 
ATOM   461  O O   . LEU A 1 58  ? 1.538   -2.810  0.821   1.00 15.10 ? 58  LEU A O   1 
ATOM   462  C CB  . LEU A 1 58  ? -0.297  -0.759  -0.143  1.00 14.30 ? 58  LEU A CB  1 
ATOM   463  C CG  . LEU A 1 58  ? -0.471  0.574   -0.917  1.00 14.79 ? 58  LEU A CG  1 
ATOM   464  C CD1 . LEU A 1 58  ? -1.185  1.614   -0.044  1.00 13.55 ? 58  LEU A CD1 1 
ATOM   465  C CD2 . LEU A 1 58  ? 0.902   1.107   -1.397  1.00 14.70 ? 58  LEU A CD2 1 
ATOM   466  N N   . GLN A 1 59  ? 0.453   -4.325  -0.444  1.00 15.41 ? 59  GLN A N   1 
ATOM   467  C CA  . GLN A 1 59  ? 1.126   -5.494  0.134   1.00 14.79 ? 59  GLN A CA  1 
ATOM   468  C C   . GLN A 1 59  ? 1.163   -5.410  1.653   1.00 14.91 ? 59  GLN A C   1 
ATOM   469  O O   . GLN A 1 59  ? 2.229   -5.450  2.289   1.00 14.61 ? 59  GLN A O   1 
ATOM   470  C CB  . GLN A 1 59  ? 2.538   -5.639  -0.462  1.00 15.19 ? 59  GLN A CB  1 
ATOM   471  C CG  . GLN A 1 59  ? 2.534   -6.084  -1.895  1.00 15.28 ? 59  GLN A CG  1 
ATOM   472  C CD  . GLN A 1 59  ? 2.076   -7.534  -2.012  1.00 17.75 ? 59  GLN A CD  1 
ATOM   473  O OE1 . GLN A 1 59  ? 2.869   -8.455  -1.844  1.00 18.53 ? 59  GLN A OE1 1 
ATOM   474  N NE2 . GLN A 1 59  ? 0.788   -7.734  -2.263  1.00 15.44 ? 59  GLN A NE2 1 
ATOM   475  N N   . ILE A 1 60  ? -0.026  -5.273  2.219   1.00 15.06 ? 60  ILE A N   1 
ATOM   476  C CA  . ILE A 1 60  ? -0.202  -5.128  3.648   1.00 15.68 ? 60  ILE A CA  1 
ATOM   477  C C   . ILE A 1 60  ? -0.069  -6.492  4.342   1.00 15.48 ? 60  ILE A C   1 
ATOM   478  O O   . ILE A 1 60  ? -0.677  -7.488  3.910   1.00 15.58 ? 60  ILE A O   1 
ATOM   479  C CB  . ILE A 1 60  ? -1.530  -4.404  3.963   1.00 15.57 ? 60  ILE A CB  1 
ATOM   480  C CG1 . ILE A 1 60  ? -1.413  -2.910  3.510   1.00 16.81 ? 60  ILE A CG1 1 
ATOM   481  C CG2 . ILE A 1 60  ? -1.871  -4.519  5.447   1.00 14.48 ? 60  ILE A CG2 1 
ATOM   482  C CD1 . ILE A 1 60  ? -2.753  -2.148  3.419   1.00 17.46 ? 60  ILE A CD1 1 
ATOM   483  N N   . ASN A 1 61  ? 0.729   -6.505  5.409   1.00 16.02 ? 61  ASN A N   1 
ATOM   484  C CA  . ASN A 1 61  ? 1.175   -7.754  6.094   1.00 16.21 ? 61  ASN A CA  1 
ATOM   485  C C   . ASN A 1 61  ? 0.185   -8.320  7.144   1.00 16.33 ? 61  ASN A C   1 
ATOM   486  O O   . ASN A 1 61  ? -0.365  -7.570  7.981   1.00 16.29 ? 61  ASN A O   1 
ATOM   487  C CB  . ASN A 1 61  ? 2.595   -7.537  6.673   1.00 16.22 ? 61  ASN A CB  1 
ATOM   488  C CG  . ASN A 1 61  ? 3.191   -8.799  7.285   1.00 16.43 ? 61  ASN A CG  1 
ATOM   489  O OD1 . ASN A 1 61  ? 3.034   -9.035  8.478   1.00 15.45 ? 61  ASN A OD1 1 
ATOM   490  N ND2 . ASN A 1 61  ? 3.864   -9.622  6.458   1.00 16.05 ? 61  ASN A ND2 1 
ATOM   491  N N   . SER A 1 62  ? -0.013  -9.645  7.095   1.00 17.24 ? 62  SER A N   1 
ATOM   492  C CA  . SER A 1 62  ? -0.947  -10.389 7.960   1.00 17.86 ? 62  SER A CA  1 
ATOM   493  C C   . SER A 1 62  ? -0.478  -10.623 9.407   1.00 19.23 ? 62  SER A C   1 
ATOM   494  O O   . SER A 1 62  ? -1.244  -11.088 10.264  1.00 19.09 ? 62  SER A O   1 
ATOM   495  C CB  . SER A 1 62  ? -1.274  -11.738 7.323   1.00 18.31 ? 62  SER A CB  1 
ATOM   496  O OG  . SER A 1 62  ? -0.167  -12.631 7.377   1.00 15.63 ? 62  SER A OG  1 
ATOM   497  N N   . ARG A 1 63  ? 0.789   -10.333 9.673   1.00 20.52 ? 63  ARG A N   1 
ATOM   498  C CA  . ARG A 1 63  ? 1.291   -10.421 11.020  1.00 22.14 ? 63  ARG A CA  1 
ATOM   499  C C   . ARG A 1 63  ? 0.819   -9.212  11.824  1.00 21.81 ? 63  ARG A C   1 
ATOM   500  O O   . ARG A 1 63  ? 0.175   -9.354  12.880  1.00 21.99 ? 63  ARG A O   1 
ATOM   501  C CB  . ARG A 1 63  ? 2.812   -10.497 10.982  1.00 22.66 ? 63  ARG A CB  1 
ATOM   502  C CG  . ARG A 1 63  ? 3.494   -10.230 12.296  1.00 27.07 ? 63  ARG A CG  1 
ATOM   503  C CD  . ARG A 1 63  ? 3.523   -11.453 13.132  1.00 31.17 ? 63  ARG A CD  1 
ATOM   504  N NE  . ARG A 1 63  ? 4.866   -11.660 13.642  1.00 34.64 ? 63  ARG A NE  1 
ATOM   505  C CZ  . ARG A 1 63  ? 5.241   -11.407 14.888  1.00 36.03 ? 63  ARG A CZ  1 
ATOM   506  N NH1 . ARG A 1 63  ? 4.364   -10.926 15.762  1.00 39.42 ? 63  ARG A NH1 1 
ATOM   507  N NH2 . ARG A 1 63  ? 6.496   -11.628 15.253  1.00 35.76 ? 63  ARG A NH2 1 
ATOM   508  N N   . TRP A 1 64  ? 1.112   -8.028  11.303  1.00 21.10 ? 64  TRP A N   1 
ATOM   509  C CA  . TRP A 1 64  ? 0.915   -6.787  12.055  1.00 21.45 ? 64  TRP A CA  1 
ATOM   510  C C   . TRP A 1 64  ? -0.407  -6.095  11.782  1.00 20.04 ? 64  TRP A C   1 
ATOM   511  O O   . TRP A 1 64  ? -1.009  -5.510  12.690  1.00 19.60 ? 64  TRP A O   1 
ATOM   512  C CB  . TRP A 1 64  ? 2.069   -5.814  11.766  1.00 22.47 ? 64  TRP A CB  1 
ATOM   513  C CG  . TRP A 1 64  ? 3.415   -6.454  12.009  1.00 24.64 ? 64  TRP A CG  1 
ATOM   514  C CD1 . TRP A 1 64  ? 4.344   -6.829  11.063  1.00 25.56 ? 64  TRP A CD1 1 
ATOM   515  C CD2 . TRP A 1 64  ? 3.962   -6.830  13.281  1.00 25.68 ? 64  TRP A CD2 1 
ATOM   516  N NE1 . TRP A 1 64  ? 5.444   -7.391  11.682  1.00 25.69 ? 64  TRP A NE1 1 
ATOM   517  C CE2 . TRP A 1 64  ? 5.233   -7.404  13.039  1.00 26.21 ? 64  TRP A CE2 1 
ATOM   518  C CE3 . TRP A 1 64  ? 3.510   -6.719  14.605  1.00 27.04 ? 64  TRP A CE3 1 
ATOM   519  C CZ2 . TRP A 1 64  ? 6.052   -7.884  14.076  1.00 26.64 ? 64  TRP A CZ2 1 
ATOM   520  C CZ3 . TRP A 1 64  ? 4.336   -7.193  15.640  1.00 26.11 ? 64  TRP A CZ3 1 
ATOM   521  C CH2 . TRP A 1 64  ? 5.587   -7.767  15.360  1.00 25.98 ? 64  TRP A CH2 1 
ATOM   522  N N   . TRP A 1 65  ? -0.867  -6.169  10.539  1.00 18.52 ? 65  TRP A N   1 
ATOM   523  C CA  . TRP A 1 65  ? -1.830  -5.186  10.040  1.00 17.03 ? 65  TRP A CA  1 
ATOM   524  C C   . TRP A 1 65  ? -3.244  -5.683  9.722   1.00 16.62 ? 65  TRP A C   1 
ATOM   525  O O   . TRP A 1 65  ? -4.232  -5.068  10.122  1.00 15.72 ? 65  TRP A O   1 
ATOM   526  C CB  . TRP A 1 65  ? -1.222  -4.427  8.851   1.00 17.42 ? 65  TRP A CB  1 
ATOM   527  C CG  . TRP A 1 65  ? 0.077   -3.750  9.191   1.00 16.43 ? 65  TRP A CG  1 
ATOM   528  C CD1 . TRP A 1 65  ? 1.309   -4.049  8.700   1.00 17.35 ? 65  TRP A CD1 1 
ATOM   529  C CD2 . TRP A 1 65  ? 0.268   -2.659  10.120  1.00 16.81 ? 65  TRP A CD2 1 
ATOM   530  N NE1 . TRP A 1 65  ? 2.262   -3.214  9.262   1.00 17.55 ? 65  TRP A NE1 1 
ATOM   531  C CE2 . TRP A 1 65  ? 1.643   -2.349  10.127  1.00 17.35 ? 65  TRP A CE2 1 
ATOM   532  C CE3 . TRP A 1 65  ? -0.601  -1.901  10.921  1.00 16.37 ? 65  TRP A CE3 1 
ATOM   533  C CZ2 . TRP A 1 65  ? 2.182   -1.314  10.915  1.00 18.75 ? 65  TRP A CZ2 1 
ATOM   534  C CZ3 . TRP A 1 65  ? -0.065  -0.878  11.712  1.00 18.10 ? 65  TRP A CZ3 1 
ATOM   535  C CH2 . TRP A 1 65  ? 1.307   -0.592  11.695  1.00 18.23 ? 65  TRP A CH2 1 
ATOM   536  N N   . CYS A 1 66  ? -3.351  -6.781  8.993   1.00 15.98 ? 66  CYS A N   1 
ATOM   537  C CA  . CYS A 1 66  ? -4.660  -7.324  8.691   1.00 16.32 ? 66  CYS A CA  1 
ATOM   538  C C   . CYS A 1 66  ? -4.784  -8.775  9.205   1.00 16.19 ? 66  CYS A C   1 
ATOM   539  O O   . CYS A 1 66  ? -3.785  -9.470  9.395   1.00 15.64 ? 66  CYS A O   1 
ATOM   540  C CB  . CYS A 1 66  ? -4.928  -7.259  7.167   1.00 15.50 ? 66  CYS A CB  1 
ATOM   541  S SG  . CYS A 1 66  ? -3.773  -8.204  6.169   1.00 16.85 ? 66  CYS A SG  1 
ATOM   542  N N   . ASN A 1 67  ? -6.015  -9.231  9.375   1.00 16.56 ? 67  ASN A N   1 
ATOM   543  C CA  . ASN A 1 67  ? -6.243  -10.622 9.764   1.00 16.79 ? 67  ASN A CA  1 
ATOM   544  C C   . ASN A 1 67  ? -6.498  -11.537 8.567   1.00 16.31 ? 67  ASN A C   1 
ATOM   545  O O   . ASN A 1 67  ? -7.445  -11.314 7.796   1.00 16.90 ? 67  ASN A O   1 
ATOM   546  C CB  . ASN A 1 67  ? -7.409  -10.721 10.750  1.00 16.56 ? 67  ASN A CB  1 
ATOM   547  C CG  . ASN A 1 67  ? -7.668  -12.147 11.185  1.00 18.37 ? 67  ASN A CG  1 
ATOM   548  O OD1 . ASN A 1 67  ? -6.781  -12.800 11.741  1.00 18.87 ? 67  ASN A OD1 1 
ATOM   549  N ND2 . ASN A 1 67  ? -8.863  -12.652 10.900  1.00 18.34 ? 67  ASN A ND2 1 
ATOM   550  N N   . ASP A 1 68  ? -5.651  -12.559 8.416   1.00 16.93 ? 68  ASP A N   1 
ATOM   551  C CA  . ASP A 1 68  ? -5.909  -13.637 7.460   1.00 17.48 ? 68  ASP A CA  1 
ATOM   552  C C   . ASP A 1 68  ? -6.278  -15.017 8.074   1.00 18.41 ? 68  ASP A C   1 
ATOM   553  O O   . ASP A 1 68  ? -6.476  -15.985 7.343   1.00 18.52 ? 68  ASP A O   1 
ATOM   554  C CB  . ASP A 1 68  ? -4.809  -13.731 6.387   1.00 16.89 ? 68  ASP A CB  1 
ATOM   555  C CG  . ASP A 1 68  ? -3.512  -14.424 6.862   1.00 16.12 ? 68  ASP A CG  1 
ATOM   556  O OD1 . ASP A 1 68  ? -3.351  -14.806 8.052   1.00 17.69 ? 68  ASP A OD1 1 
ATOM   557  O OD2 . ASP A 1 68  ? -2.626  -14.573 5.998   1.00 15.59 ? 68  ASP A OD2 1 
ATOM   558  N N   . GLY A 1 69  ? -6.371  -15.101 9.401   1.00 19.28 ? 69  GLY A N   1 
ATOM   559  C CA  . GLY A 1 69  ? -6.799  -16.355 10.066  1.00 20.61 ? 69  GLY A CA  1 
ATOM   560  C C   . GLY A 1 69  ? -5.770  -17.489 10.090  1.00 21.88 ? 69  GLY A C   1 
ATOM   561  O O   . GLY A 1 69  ? -6.078  -18.616 10.534  1.00 21.88 ? 69  GLY A O   1 
ATOM   562  N N   . LYS A 1 70  ? -4.555  -17.214 9.622   1.00 22.58 ? 70  LYS A N   1 
ATOM   563  C CA  . LYS A 1 70  ? -3.557  -18.279 9.470   1.00 24.26 ? 70  LYS A CA  1 
ATOM   564  C C   . LYS A 1 70  ? -2.117  -17.887 9.806   1.00 24.34 ? 70  LYS A C   1 
ATOM   565  O O   . LYS A 1 70  ? -1.189  -18.678 9.592   1.00 24.83 ? 70  LYS A O   1 
ATOM   566  C CB  . LYS A 1 70  ? -3.668  -18.947 8.078   1.00 24.85 ? 70  LYS A CB  1 
ATOM   567  C CG  . LYS A 1 70  ? -3.504  -18.047 6.871   1.00 27.48 ? 70  LYS A CG  1 
ATOM   568  C CD  . LYS A 1 70  ? -4.213  -18.653 5.656   1.00 28.47 ? 70  LYS A CD  1 
ATOM   569  C CE  . LYS A 1 70  ? -3.815  -17.930 4.350   1.00 32.01 ? 70  LYS A CE  1 
ATOM   570  N NZ  . LYS A 1 70  ? -4.419  -18.543 3.101   1.00 31.30 ? 70  LYS A NZ  1 
ATOM   571  N N   . THR A 1 71  ? -1.940  -16.687 10.361  1.00 23.30 ? 71  THR A N   1 
ATOM   572  C CA  . THR A 1 71  ? -0.613  -16.177 10.709  1.00 23.04 ? 71  THR A CA  1 
ATOM   573  C C   . THR A 1 71  ? -0.370  -16.228 12.218  1.00 24.03 ? 71  THR A C   1 
ATOM   574  O O   . THR A 1 71  ? -1.188  -15.740 12.990  1.00 23.77 ? 71  THR A O   1 
ATOM   575  C CB  . THR A 1 71  ? -0.392  -14.718 10.192  1.00 22.38 ? 71  THR A CB  1 
ATOM   576  O OG1 . THR A 1 71  ? -0.611  -14.675 8.781   1.00 20.48 ? 71  THR A OG1 1 
ATOM   577  C CG2 . THR A 1 71  ? 1.021   -14.255 10.466  1.00 21.16 ? 71  THR A CG2 1 
ATOM   578  N N   . PRO A 1 72  ? 0.763   -16.825 12.640  1.00 25.24 ? 72  PRO A N   1 
ATOM   579  C CA  . PRO A 1 72  ? 1.093   -16.881 14.062  1.00 26.12 ? 72  PRO A CA  1 
ATOM   580  C C   . PRO A 1 72  ? 1.488   -15.500 14.617  1.00 26.82 ? 72  PRO A C   1 
ATOM   581  O O   . PRO A 1 72  ? 1.978   -14.653 13.869  1.00 26.91 ? 72  PRO A O   1 
ATOM   582  C CB  . PRO A 1 72  ? 2.272   -17.855 14.105  1.00 26.49 ? 72  PRO A CB  1 
ATOM   583  C CG  . PRO A 1 72  ? 2.895   -17.747 12.772  1.00 26.11 ? 72  PRO A CG  1 
ATOM   584  C CD  . PRO A 1 72  ? 1.777   -17.497 11.809  1.00 25.44 ? 72  PRO A CD  1 
ATOM   585  N N   . LYS A 1 73  ? 1.230   -15.288 15.906  1.00 27.60 ? 73  LYS A N   1 
ATOM   586  C CA  . LYS A 1 73  ? 1.593   -14.052 16.626  1.00 28.84 ? 73  LYS A CA  1 
ATOM   587  C C   . LYS A 1 73  ? 1.009   -12.766 15.987  1.00 28.84 ? 73  LYS A C   1 
ATOM   588  O O   . LYS A 1 73  ? 1.646   -11.714 16.008  1.00 29.43 ? 73  LYS A O   1 
ATOM   589  C CB  . LYS A 1 73  ? 3.120   -13.955 16.804  1.00 28.83 ? 73  LYS A CB  1 
ATOM   590  C CG  . LYS A 1 73  ? 3.758   -15.093 17.612  1.00 30.21 ? 73  LYS A CG  1 
ATOM   591  C CD  . LYS A 1 73  ? 5.270   -14.936 17.642  1.00 30.52 ? 73  LYS A CD  1 
ATOM   592  C CE  . LYS A 1 73  ? 5.968   -16.205 18.099  1.00 34.23 ? 73  LYS A CE  1 
ATOM   593  N NZ  . LYS A 1 73  ? 7.342   -16.288 17.505  1.00 36.63 ? 73  LYS A NZ  1 
ATOM   594  N N   . ALA A 1 74  ? -0.210  -12.870 15.449  1.00 28.62 ? 74  ALA A N   1 
ATOM   595  C CA  . ALA A 1 74  ? -0.850  -11.801 14.651  1.00 28.36 ? 74  ALA A CA  1 
ATOM   596  C C   . ALA A 1 74  ? -1.557  -10.740 15.495  1.00 28.00 ? 74  ALA A C   1 
ATOM   597  O O   . ALA A 1 74  ? -2.044  -11.033 16.593  1.00 27.76 ? 74  ALA A O   1 
ATOM   598  C CB  . ALA A 1 74  ? -1.822  -12.402 13.636  1.00 27.96 ? 74  ALA A CB  1 
ATOM   599  N N   . LYS A 1 75  ? -1.629  -9.511  14.971  1.00 27.55 ? 75  LYS A N   1 
ATOM   600  C CA  . LYS A 1 75  ? -2.116  -8.365  15.761  1.00 27.34 ? 75  LYS A CA  1 
ATOM   601  C C   . LYS A 1 75  ? -3.284  -7.584  15.147  1.00 25.53 ? 75  LYS A C   1 
ATOM   602  O O   . LYS A 1 75  ? -4.013  -6.912  15.868  1.00 25.28 ? 75  LYS A O   1 
ATOM   603  C CB  . LYS A 1 75  ? -0.956  -7.418  16.115  1.00 27.86 ? 75  LYS A CB  1 
ATOM   604  C CG  . LYS A 1 75  ? 0.035   -8.025  17.128  1.00 28.92 ? 75  LYS A CG  1 
ATOM   605  C CD  . LYS A 1 75  ? 1.314   -7.201  17.253  1.00 31.02 ? 75  LYS A CD  1 
ATOM   606  C CE  . LYS A 1 75  ? 1.214   -6.075  18.311  1.00 35.78 ? 75  LYS A CE  1 
ATOM   607  N NZ  . LYS A 1 75  ? 2.357   -5.092  18.211  1.00 36.68 ? 75  LYS A NZ  1 
ATOM   608  N N   . ASN A 1 76  ? -3.466  -7.682  13.831  1.00 23.74 ? 76  ASN A N   1 
ATOM   609  C CA  . ASN A 1 76  ? -4.563  -6.994  13.133  1.00 22.20 ? 76  ASN A CA  1 
ATOM   610  C C   . ASN A 1 76  ? -4.746  -5.531  13.573  1.00 20.97 ? 76  ASN A C   1 
ATOM   611  O O   . ASN A 1 76  ? -5.855  -5.119  13.929  1.00 20.07 ? 76  ASN A O   1 
ATOM   612  C CB  . ASN A 1 76  ? -5.887  -7.772  13.273  1.00 21.95 ? 76  ASN A CB  1 
ATOM   613  C CG  . ASN A 1 76  ? -6.954  -7.295  12.294  1.00 21.31 ? 76  ASN A CG  1 
ATOM   614  O OD1 . ASN A 1 76  ? -6.658  -6.565  11.345  1.00 18.00 ? 76  ASN A OD1 1 
ATOM   615  N ND2 . ASN A 1 76  ? -8.196  -7.716  12.513  1.00 20.09 ? 76  ASN A ND2 1 
ATOM   616  N N   . ALA A 1 77  ? -3.659  -4.760  13.545  1.00 20.50 ? 77  ALA A N   1 
ATOM   617  C CA  . ALA A 1 77  ? -3.722  -3.341  13.963  1.00 20.23 ? 77  ALA A CA  1 
ATOM   618  C C   . ALA A 1 77  ? -4.666  -2.482  13.126  1.00 19.89 ? 77  ALA A C   1 
ATOM   619  O O   . ALA A 1 77  ? -5.235  -1.515  13.648  1.00 20.23 ? 77  ALA A O   1 
ATOM   620  C CB  . ALA A 1 77  ? -2.312  -2.707  14.061  1.00 19.62 ? 77  ALA A CB  1 
ATOM   621  N N   . CYS A 1 78  ? -4.858  -2.831  11.843  1.00 19.62 ? 78  CYS A N   1 
ATOM   622  C CA  . CYS A 1 78  ? -5.807  -2.101  10.980  1.00 18.90 ? 78  CYS A CA  1 
ATOM   623  C C   . CYS A 1 78  ? -7.277  -2.507  11.163  1.00 18.97 ? 78  CYS A C   1 
ATOM   624  O O   . CYS A 1 78  ? -8.173  -1.841  10.639  1.00 18.75 ? 78  CYS A O   1 
ATOM   625  C CB  . CYS A 1 78  ? -5.407  -2.192  9.501   1.00 19.05 ? 78  CYS A CB  1 
ATOM   626  S SG  . CYS A 1 78  ? -3.937  -1.229  9.095   1.00 17.37 ? 78  CYS A SG  1 
ATOM   627  N N   . GLY A 1 79  ? -7.526  -3.595  11.892  1.00 18.61 ? 79  GLY A N   1 
ATOM   628  C CA  . GLY A 1 79  ? -8.900  -4.079  12.110  1.00 19.19 ? 79  GLY A CA  1 
ATOM   629  C C   . GLY A 1 79  ? -9.617  -4.417  10.816  1.00 19.25 ? 79  GLY A C   1 
ATOM   630  O O   . GLY A 1 79  ? -10.724 -3.961  10.575  1.00 20.08 ? 79  GLY A O   1 
ATOM   631  N N   . ILE A 1 80  ? -8.964  -5.201  9.962   1.00 19.15 ? 80  ILE A N   1 
ATOM   632  C CA  . ILE A 1 80  ? -9.515  -5.556  8.655   1.00 19.00 ? 80  ILE A CA  1 
ATOM   633  C C   . ILE A 1 80  ? -9.149  -6.997  8.263   1.00 18.49 ? 80  ILE A C   1 
ATOM   634  O O   . ILE A 1 80  ? -8.067  -7.457  8.578   1.00 18.37 ? 80  ILE A O   1 
ATOM   635  C CB  . ILE A 1 80  ? -9.045  -4.548  7.542   1.00 19.05 ? 80  ILE A CB  1 
ATOM   636  C CG1 . ILE A 1 80  ? -9.846  -4.804  6.256   1.00 22.32 ? 80  ILE A CG1 1 
ATOM   637  C CG2 . ILE A 1 80  ? -7.516  -4.599  7.335   1.00 19.53 ? 80  ILE A CG2 1 
ATOM   638  C CD1 . ILE A 1 80  ? -9.952  -3.647  5.319   1.00 26.62 ? 80  ILE A CD1 1 
ATOM   639  N N   . GLU A 1 81  ? -10.059 -7.700  7.590   1.00 18.43 ? 81  GLU A N   1 
ATOM   640  C CA  . GLU A 1 81  ? -9.727  -8.993  6.961   1.00 18.08 ? 81  GLU A CA  1 
ATOM   641  C C   . GLU A 1 81  ? -8.829  -8.791  5.747   1.00 17.48 ? 81  GLU A C   1 
ATOM   642  O O   . GLU A 1 81  ? -9.175  -8.018  4.828   1.00 16.15 ? 81  GLU A O   1 
ATOM   643  C CB  . GLU A 1 81  ? -10.996 -9.731  6.537   1.00 18.19 ? 81  GLU A CB  1 
ATOM   644  C CG  . GLU A 1 81  ? -11.814 -10.175 7.705   1.00 21.34 ? 81  GLU A CG  1 
ATOM   645  C CD  . GLU A 1 81  ? -11.046 -11.148 8.612   1.00 23.14 ? 81  GLU A CD  1 
ATOM   646  O OE1 . GLU A 1 81  ? -10.650 -12.236 8.135   1.00 23.25 ? 81  GLU A OE1 1 
ATOM   647  O OE2 . GLU A 1 81  ? -10.847 -10.800 9.787   1.00 23.10 ? 81  GLU A OE2 1 
ATOM   648  N N   . CYS A 1 82  ? -7.671  -9.461  5.762   1.00 16.83 ? 82  CYS A N   1 
ATOM   649  C CA  . CYS A 1 82  ? -6.699  -9.393  4.664   1.00 16.40 ? 82  CYS A CA  1 
ATOM   650  C C   . CYS A 1 82  ? -7.330  -9.670  3.304   1.00 16.17 ? 82  CYS A C   1 
ATOM   651  O O   . CYS A 1 82  ? -6.971  -9.026  2.309   1.00 15.45 ? 82  CYS A O   1 
ATOM   652  C CB  . CYS A 1 82  ? -5.539  -10.381 4.876   1.00 16.21 ? 82  CYS A CB  1 
ATOM   653  S SG  . CYS A 1 82  ? -4.497  -10.134 6.284   1.00 16.05 ? 82  CYS A SG  1 
ATOM   654  N N   . SER A 1 83  ? -8.259  -10.629 3.263   1.00 16.49 ? 83  SER A N   1 
ATOM   655  C CA  . SER A 1 83  ? -8.913  -11.027 2.005   1.00 17.22 ? 83  SER A CA  1 
ATOM   656  C C   . SER A 1 83  ? -9.673  -9.874  1.334   1.00 17.24 ? 83  SER A C   1 
ATOM   657  O O   . SER A 1 83  ? -9.767  -9.823  0.101   1.00 17.18 ? 83  SER A O   1 
ATOM   658  C CB  . SER A 1 83  ? -9.811  -12.273 2.189   1.00 17.25 ? 83  SER A CB  1 
ATOM   659  O OG  . SER A 1 83  ? -11.094 -11.922 2.671   1.00 19.60 ? 83  SER A OG  1 
ATOM   660  N N   . GLU A 1 84  ? -10.183 -8.930  2.135   1.00 16.50 ? 84  GLU A N   1 
ATOM   661  C CA  . GLU A 1 84  ? -10.861 -7.770  1.575   1.00 16.56 ? 84  GLU A CA  1 
ATOM   662  C C   . GLU A 1 84  ? -9.909  -6.834  0.790   1.00 16.21 ? 84  GLU A C   1 
ATOM   663  O O   . GLU A 1 84  ? -10.327 -6.150  -0.147  1.00 15.75 ? 84  GLU A O   1 
ATOM   664  C CB  . GLU A 1 84  ? -11.669 -7.044  2.645   1.00 16.51 ? 84  GLU A CB  1 
ATOM   665  C CG  . GLU A 1 84  ? -12.744 -7.966  3.275   1.00 16.55 ? 84  GLU A CG  1 
ATOM   666  C CD  . GLU A 1 84  ? -13.559 -7.313  4.381   1.00 17.02 ? 84  GLU A CD  1 
ATOM   667  O OE1 . GLU A 1 84  ? -13.346 -6.137  4.726   1.00 17.26 ? 84  GLU A OE1 1 
ATOM   668  O OE2 . GLU A 1 84  ? -14.449 -8.001  4.913   1.00 20.82 ? 84  GLU A OE2 1 
ATOM   669  N N   . LEU A 1 85  ? -8.631  -6.879  1.151   1.00 15.96 ? 85  LEU A N   1 
ATOM   670  C CA  . LEU A 1 85  ? -7.584  -6.114  0.477   1.00 15.80 ? 85  LEU A CA  1 
ATOM   671  C C   . LEU A 1 85  ? -7.286  -6.650  -0.942  1.00 16.12 ? 85  LEU A C   1 
ATOM   672  O O   . LEU A 1 85  ? -6.580  -6.003  -1.728  1.00 16.80 ? 85  LEU A O   1 
ATOM   673  C CB  . LEU A 1 85  ? -6.322  -6.050  1.356   1.00 15.98 ? 85  LEU A CB  1 
ATOM   674  C CG  . LEU A 1 85  ? -6.425  -5.424  2.769   1.00 15.57 ? 85  LEU A CG  1 
ATOM   675  C CD1 . LEU A 1 85  ? -5.100  -5.536  3.515   1.00 15.83 ? 85  LEU A CD1 1 
ATOM   676  C CD2 . LEU A 1 85  ? -6.916  -3.945  2.707   1.00 13.89 ? 85  LEU A CD2 1 
ATOM   677  N N   . LEU A 1 86  ? -7.847  -7.811  -1.282  1.00 16.03 ? 86  LEU A N   1 
ATOM   678  C CA  . LEU A 1 86  ? -7.656  -8.392  -2.627  1.00 16.21 ? 86  LEU A CA  1 
ATOM   679  C C   . LEU A 1 86  ? -8.688  -7.924  -3.662  1.00 16.01 ? 86  LEU A C   1 
ATOM   680  O O   . LEU A 1 86  ? -8.478  -8.082  -4.870  1.00 15.64 ? 86  LEU A O   1 
ATOM   681  C CB  . LEU A 1 86  ? -7.642  -9.922  -2.553  1.00 16.32 ? 86  LEU A CB  1 
ATOM   682  C CG  . LEU A 1 86  ? -6.524  -10.576 -1.718  1.00 16.78 ? 86  LEU A CG  1 
ATOM   683  C CD1 . LEU A 1 86  ? -6.651  -12.101 -1.790  1.00 16.17 ? 86  LEU A CD1 1 
ATOM   684  C CD2 . LEU A 1 86  ? -5.087  -10.120 -2.120  1.00 14.80 ? 86  LEU A CD2 1 
ATOM   685  N N   . LYS A 1 87  ? -9.799  -7.364  -3.178  1.00 15.52 ? 87  LYS A N   1 
ATOM   686  C CA  . LYS A 1 87  ? -10.879 -6.865  -4.039  1.00 15.69 ? 87  LYS A CA  1 
ATOM   687  C C   . LYS A 1 87  ? -10.451 -5.576  -4.750  1.00 14.83 ? 87  LYS A C   1 
ATOM   688  O O   . LYS A 1 87  ? -9.496  -4.908  -4.320  1.00 15.04 ? 87  LYS A O   1 
ATOM   689  C CB  . LYS A 1 87  ? -12.149 -6.596  -3.215  1.00 15.69 ? 87  LYS A CB  1 
ATOM   690  C CG  . LYS A 1 87  ? -12.793 -7.845  -2.595  1.00 17.06 ? 87  LYS A CG  1 
ATOM   691  C CD  . LYS A 1 87  ? -14.100 -7.518  -1.832  1.00 16.18 ? 87  LYS A CD  1 
ATOM   692  C CE  . LYS A 1 87  ? -15.297 -7.227  -2.746  1.00 14.64 ? 87  LYS A CE  1 
ATOM   693  N NZ  . LYS A 1 87  ? -15.638 -8.289  -3.731  1.00 16.02 ? 87  LYS A NZ  1 
ATOM   694  N N   . ALA A 1 88  ? -11.172 -5.235  -5.816  1.00 14.45 ? 88  ALA A N   1 
ATOM   695  C CA  . ALA A 1 88  ? -10.922 -4.019  -6.613  1.00 13.78 ? 88  ALA A CA  1 
ATOM   696  C C   . ALA A 1 88  ? -10.936 -2.698  -5.809  1.00 14.17 ? 88  ALA A C   1 
ATOM   697  O O   . ALA A 1 88  ? -10.086 -1.826  -6.035  1.00 13.86 ? 88  ALA A O   1 
ATOM   698  C CB  . ALA A 1 88  ? -11.903 -3.936  -7.764  1.00 13.70 ? 88  ALA A CB  1 
ATOM   699  N N   . ASP A 1 89  ? -11.920 -2.538  -4.920  1.00 13.13 ? 89  ASP A N   1 
ATOM   700  C CA  . ASP A 1 89  ? -12.067 -1.329  -4.122  1.00 12.99 ? 89  ASP A CA  1 
ATOM   701  C C   . ASP A 1 89  ? -10.848 -1.212  -3.180  1.00 13.50 ? 89  ASP A C   1 
ATOM   702  O O   . ASP A 1 89  ? -10.558 -2.146  -2.451  1.00 13.55 ? 89  ASP A O   1 
ATOM   703  C CB  . ASP A 1 89  ? -13.368 -1.403  -3.300  1.00 13.28 ? 89  ASP A CB  1 
ATOM   704  C CG  . ASP A 1 89  ? -13.658 -0.122  -2.549  1.00 13.66 ? 89  ASP A CG  1 
ATOM   705  O OD1 . ASP A 1 89  ? -13.984 0.870   -3.218  1.00 13.84 ? 89  ASP A OD1 1 
ATOM   706  O OD2 . ASP A 1 89  ? -13.559 -0.123  -1.302  1.00 14.68 ? 89  ASP A OD2 1 
ATOM   707  N N   . ILE A 1 90  ? -10.140 -0.081  -3.212  1.00 13.65 ? 90  ILE A N   1 
ATOM   708  C CA  . ILE A 1 90  ? -8.893  0.054   -2.432  1.00 13.56 ? 90  ILE A CA  1 
ATOM   709  C C   . ILE A 1 90  ? -8.986  0.959   -1.197  1.00 13.37 ? 90  ILE A C   1 
ATOM   710  O O   . ILE A 1 90  ? -7.971  1.222   -0.537  1.00 12.77 ? 90  ILE A O   1 
ATOM   711  C CB  . ILE A 1 90  ? -7.663  0.455   -3.306  1.00 14.57 ? 90  ILE A CB  1 
ATOM   712  C CG1 . ILE A 1 90  ? -7.875  1.834   -3.950  1.00 13.75 ? 90  ILE A CG1 1 
ATOM   713  C CG2 . ILE A 1 90  ? -7.332  -0.678  -4.326  1.00 12.86 ? 90  ILE A CG2 1 
ATOM   714  C CD1 . ILE A 1 90  ? -6.565  2.491   -4.486  1.00 15.02 ? 90  ILE A CD1 1 
ATOM   715  N N   . THR A 1 91  ? -10.197 1.410   -0.870  1.00 13.53 ? 91  THR A N   1 
ATOM   716  C CA  . THR A 1 91  ? -10.388 2.245   0.319   1.00 13.52 ? 91  THR A CA  1 
ATOM   717  C C   . THR A 1 91  ? -9.849  1.602   1.612   1.00 12.81 ? 91  THR A C   1 
ATOM   718  O O   . THR A 1 91  ? -9.131  2.271   2.388   1.00 13.98 ? 91  THR A O   1 
ATOM   719  C CB  . THR A 1 91  ? -11.830 2.701   0.463   1.00 12.60 ? 91  THR A CB  1 
ATOM   720  O OG1 . THR A 1 91  ? -12.141 3.581   -0.619  1.00 14.58 ? 91  THR A OG1 1 
ATOM   721  C CG2 . THR A 1 91  ? -12.043 3.445   1.797   1.00 14.69 ? 91  THR A CG2 1 
ATOM   722  N N   . ALA A 1 92  ? -10.138 0.324   1.838   1.00 11.92 ? 92  ALA A N   1 
ATOM   723  C CA  . ALA A 1 92  ? -9.614  -0.356  3.028   1.00 12.02 ? 92  ALA A CA  1 
ATOM   724  C C   . ALA A 1 92  ? -8.071  -0.339  3.066   1.00 12.47 ? 92  ALA A C   1 
ATOM   725  O O   . ALA A 1 92  ? -7.482  -0.064  4.112   1.00 11.93 ? 92  ALA A O   1 
ATOM   726  C CB  . ALA A 1 92  ? -10.145 -1.784  3.121   1.00 11.80 ? 92  ALA A CB  1 
ATOM   727  N N   . ALA A 1 93  ? -7.437  -0.622  1.923   1.00 12.55 ? 93  ALA A N   1 
ATOM   728  C CA  . ALA A 1 93  ? -5.971  -0.597  1.803   1.00 12.51 ? 93  ALA A CA  1 
ATOM   729  C C   . ALA A 1 93  ? -5.409  0.791   2.126   1.00 13.08 ? 93  ALA A C   1 
ATOM   730  O O   . ALA A 1 93  ? -4.449  0.913   2.873   1.00 13.35 ? 93  ALA A O   1 
ATOM   731  C CB  . ALA A 1 93  ? -5.531  -1.057  0.402   1.00 12.42 ? 93  ALA A CB  1 
ATOM   732  N N   . VAL A 1 94  ? -6.050  1.824   1.590   1.00 13.66 ? 94  VAL A N   1 
ATOM   733  C CA  . VAL A 1 94  ? -5.683  3.227   1.828   1.00 14.65 ? 94  VAL A CA  1 
ATOM   734  C C   . VAL A 1 94  ? -5.789  3.638   3.310   1.00 14.64 ? 94  VAL A C   1 
ATOM   735  O O   . VAL A 1 94  ? -4.824  4.219   3.852   1.00 14.94 ? 94  VAL A O   1 
ATOM   736  C CB  . VAL A 1 94  ? -6.505  4.192   0.916   1.00 14.64 ? 94  VAL A CB  1 
ATOM   737  C CG1 . VAL A 1 94  ? -6.280  5.652   1.341   1.00 15.17 ? 94  VAL A CG1 1 
ATOM   738  C CG2 . VAL A 1 94  ? -6.118  3.989   -0.577  1.00 15.23 ? 94  VAL A CG2 1 
ATOM   739  N N   . ASN A 1 95  ? -6.952  3.374   3.924   1.00 14.43 ? 95  ASN A N   1 
ATOM   740  C CA  . ASN A 1 95  ? -7.200  3.575   5.372   1.00 15.22 ? 95  ASN A CA  1 
ATOM   741  C C   . ASN A 1 95  ? -6.110  2.884   6.235   1.00 14.57 ? 95  ASN A C   1 
ATOM   742  O O   . ASN A 1 95  ? -5.591  3.454   7.195   1.00 14.72 ? 95  ASN A O   1 
ATOM   743  C CB  . ASN A 1 95  ? -8.590  3.017   5.799   1.00 14.96 ? 95  ASN A CB  1 
ATOM   744  C CG  . ASN A 1 95  ? -9.810  3.878   5.349   1.00 18.73 ? 95  ASN A CG  1 
ATOM   745  O OD1 . ASN A 1 95  ? -10.969 3.405   5.417   1.00 21.18 ? 95  ASN A OD1 1 
ATOM   746  N ND2 . ASN A 1 95  ? -9.570  5.090   4.907   1.00 15.42 ? 95  ASN A ND2 1 
ATOM   747  N N   . CYS A 1 96  ? -5.783  1.641   5.895   1.00 14.82 ? 96  CYS A N   1 
ATOM   748  C CA  . CYS A 1 96  ? -4.747  0.903   6.610   1.00 14.52 ? 96  CYS A CA  1 
ATOM   749  C C   . CYS A 1 96  ? -3.361  1.525   6.372   1.00 14.57 ? 96  CYS A C   1 
ATOM   750  O O   . CYS A 1 96  ? -2.589  1.686   7.317   1.00 13.75 ? 96  CYS A O   1 
ATOM   751  C CB  . CYS A 1 96  ? -4.787  -0.590  6.236   1.00 14.62 ? 96  CYS A CB  1 
ATOM   752  S SG  . CYS A 1 96  ? -3.587  -1.629  7.122   1.00 16.82 ? 96  CYS A SG  1 
ATOM   753  N N   . ALA A 1 97  ? -3.070  1.909   5.120   1.00 14.94 ? 97  ALA A N   1 
ATOM   754  C CA  . ALA A 1 97  ? -1.828  2.604   4.790   1.00 16.09 ? 97  ALA A CA  1 
ATOM   755  C C   . ALA A 1 97  ? -1.640  3.902   5.609   1.00 16.51 ? 97  ALA A C   1 
ATOM   756  O O   . ALA A 1 97  ? -0.528  4.183   6.079   1.00 16.31 ? 97  ALA A O   1 
ATOM   757  C CB  . ALA A 1 97  ? -1.738  2.875   3.283   1.00 15.72 ? 97  ALA A CB  1 
ATOM   758  N N   . LYS A 1 98  ? -2.724  4.663   5.794   1.00 17.21 ? 98  LYS A N   1 
ATOM   759  C CA  . LYS A 1 98  ? -2.703  5.864   6.644   1.00 18.54 ? 98  LYS A CA  1 
ATOM   760  C C   . LYS A 1 98  ? -2.321  5.531   8.082   1.00 19.23 ? 98  LYS A C   1 
ATOM   761  O O   . LYS A 1 98  ? -1.518  6.246   8.686   1.00 20.10 ? 98  LYS A O   1 
ATOM   762  C CB  . LYS A 1 98  ? -4.054  6.576   6.637   1.00 18.91 ? 98  LYS A CB  1 
ATOM   763  C CG  . LYS A 1 98  ? -4.332  7.336   5.385   1.00 18.25 ? 98  LYS A CG  1 
ATOM   764  C CD  . LYS A 1 98  ? -5.716  7.975   5.459   1.00 21.19 ? 98  LYS A CD  1 
ATOM   765  C CE  . LYS A 1 98  ? -5.825  9.054   4.416   1.00 19.43 ? 98  LYS A CE  1 
ATOM   766  N NZ  . LYS A 1 98  ? -7.165  9.627   4.365   1.00 21.80 ? 98  LYS A NZ  1 
ATOM   767  N N   . ARG A 1 99  ? -2.872  4.437   8.616   1.00 19.36 ? 99  ARG A N   1 
ATOM   768  C CA  . ARG A 1 99  ? -2.499  3.946   9.947   1.00 20.18 ? 99  ARG A CA  1 
ATOM   769  C C   . ARG A 1 99  ? -1.012  3.561   10.045  1.00 19.71 ? 99  ARG A C   1 
ATOM   770  O O   . ARG A 1 99  ? -0.315  4.012   10.959  1.00 19.93 ? 99  ARG A O   1 
ATOM   771  C CB  . ARG A 1 99  ? -3.428  2.795   10.394  1.00 20.09 ? 99  ARG A CB  1 
ATOM   772  C CG  . ARG A 1 99  ? -2.934  1.932   11.572  1.00 22.83 ? 99  ARG A CG  1 
ATOM   773  C CD  . ARG A 1 99  ? -2.939  2.671   12.919  1.00 28.85 ? 99  ARG A CD  1 
ATOM   774  N NE  . ARG A 1 99  ? -2.331  1.858   13.982  1.00 32.19 ? 99  ARG A NE  1 
ATOM   775  C CZ  . ARG A 1 99  ? -1.037  1.869   14.306  1.00 33.03 ? 99  ARG A CZ  1 
ATOM   776  N NH1 . ARG A 1 99  ? -0.171  2.669   13.673  1.00 33.69 ? 99  ARG A NH1 1 
ATOM   777  N NH2 . ARG A 1 99  ? -0.605  1.071   15.272  1.00 33.92 ? 99  ARG A NH2 1 
ATOM   778  N N   . ILE A 1 100 ? -0.539  2.753   9.099   1.00 19.53 ? 100 ILE A N   1 
ATOM   779  C CA  . ILE A 1 100 ? 0.862   2.307   9.024   1.00 19.33 ? 100 ILE A CA  1 
ATOM   780  C C   . ILE A 1 100 ? 1.819   3.496   8.995   1.00 20.68 ? 100 ILE A C   1 
ATOM   781  O O   . ILE A 1 100 ? 2.809   3.528   9.739   1.00 21.06 ? 100 ILE A O   1 
ATOM   782  C CB  . ILE A 1 100 ? 1.095   1.417   7.760   1.00 19.19 ? 100 ILE A CB  1 
ATOM   783  C CG1 . ILE A 1 100 ? 0.382   0.066   7.912   1.00 18.10 ? 100 ILE A CG1 1 
ATOM   784  C CG2 . ILE A 1 100 ? 2.585   1.177   7.484   1.00 17.56 ? 100 ILE A CG2 1 
ATOM   785  C CD1 . ILE A 1 100 ? 0.359   -0.777  6.651   1.00 18.01 ? 100 ILE A CD1 1 
ATOM   786  N N   . VAL A 1 101 ? 1.516   4.464   8.136   1.00 21.64 ? 101 VAL A N   1 
ATOM   787  C CA  . VAL A 1 101 ? 2.406   5.594   7.890   1.00 23.26 ? 101 VAL A CA  1 
ATOM   788  C C   . VAL A 1 101 ? 2.548   6.527   9.119   1.00 24.07 ? 101 VAL A C   1 
ATOM   789  O O   . VAL A 1 101 ? 3.532   7.267   9.230   1.00 24.44 ? 101 VAL A O   1 
ATOM   790  C CB  . VAL A 1 101 ? 2.025   6.346   6.576   1.00 23.27 ? 101 VAL A CB  1 
ATOM   791  C CG1 . VAL A 1 101 ? 0.951   7.396   6.805   1.00 22.98 ? 101 VAL A CG1 1 
ATOM   792  C CG2 . VAL A 1 101 ? 3.251   6.965   5.932   1.00 24.20 ? 101 VAL A CG2 1 
ATOM   793  N N   . ARG A 1 102 ? 1.578   6.459   10.033  1.00 25.28 ? 102 ARG A N   1 
ATOM   794  C CA  . ARG A 1 102 ? 1.589   7.253   11.272  1.00 26.61 ? 102 ARG A CA  1 
ATOM   795  C C   . ARG A 1 102 ? 2.603   6.711   12.294  1.00 27.21 ? 102 ARG A C   1 
ATOM   796  O O   . ARG A 1 102 ? 3.021   7.440   13.206  1.00 27.03 ? 102 ARG A O   1 
ATOM   797  C CB  . ARG A 1 102 ? 0.187   7.371   11.894  1.00 26.27 ? 102 ARG A CB  1 
ATOM   798  C CG  . ARG A 1 102 ? -0.828  8.165   11.055  1.00 26.86 ? 102 ARG A CG  1 
ATOM   799  C CD  . ARG A 1 102 ? -2.102  8.575   11.832  1.00 28.00 ? 102 ARG A CD  1 
ATOM   800  N NE  . ARG A 1 102 ? -2.933  7.455   12.303  1.00 31.22 ? 102 ARG A NE  1 
ATOM   801  C CZ  . ARG A 1 102 ? -3.954  6.904   11.634  1.00 32.54 ? 102 ARG A CZ  1 
ATOM   802  N NH1 . ARG A 1 102 ? -4.300  7.335   10.419  1.00 31.50 ? 102 ARG A NH1 1 
ATOM   803  N NH2 . ARG A 1 102 ? -4.630  5.895   12.181  1.00 32.29 ? 102 ARG A NH2 1 
ATOM   804  N N   . ASP A 1 103 ? 3.000   5.445   12.148  1.00 27.57 ? 103 ASP A N   1 
ATOM   805  C CA  . ASP A 1 103 ? 4.094   4.900   12.961  1.00 28.55 ? 103 ASP A CA  1 
ATOM   806  C C   . ASP A 1 103 ? 5.412   5.617   12.672  1.00 29.10 ? 103 ASP A C   1 
ATOM   807  O O   . ASP A 1 103 ? 5.589   6.177   11.584  1.00 29.09 ? 103 ASP A O   1 
ATOM   808  C CB  . ASP A 1 103 ? 4.255   3.390   12.759  1.00 28.02 ? 103 ASP A CB  1 
ATOM   809  C CG  . ASP A 1 103 ? 3.339   2.580   13.644  1.00 28.81 ? 103 ASP A CG  1 
ATOM   810  O OD1 . ASP A 1 103 ? 2.503   3.165   14.368  1.00 29.29 ? 103 ASP A OD1 1 
ATOM   811  O OD2 . ASP A 1 103 ? 3.456   1.342   13.610  1.00 30.38 ? 103 ASP A OD2 1 
ATOM   812  N N   . PRO A 1 104 ? 6.340   5.612   13.652  1.00 30.10 ? 104 PRO A N   1 
ATOM   813  C CA  . PRO A 1 104 ? 7.609   6.357   13.509  1.00 30.17 ? 104 PRO A CA  1 
ATOM   814  C C   . PRO A 1 104 ? 8.391   6.097   12.207  1.00 29.88 ? 104 PRO A C   1 
ATOM   815  O O   . PRO A 1 104 ? 9.012   7.016   11.675  1.00 30.25 ? 104 PRO A O   1 
ATOM   816  C CB  . PRO A 1 104 ? 8.419   5.943   14.749  1.00 30.10 ? 104 PRO A CB  1 
ATOM   817  C CG  . PRO A 1 104 ? 7.664   4.821   15.391  1.00 30.85 ? 104 PRO A CG  1 
ATOM   818  C CD  . PRO A 1 104 ? 6.240   4.945   14.968  1.00 30.11 ? 104 PRO A CD  1 
ATOM   819  N N   . ASN A 1 105 ? 8.346   4.874   11.692  1.00 29.95 ? 105 ASN A N   1 
ATOM   820  C CA  . ASN A 1 105 ? 9.039   4.536   10.450  1.00 29.72 ? 105 ASN A CA  1 
ATOM   821  C C   . ASN A 1 105 ? 8.494   5.228   9.176   1.00 28.86 ? 105 ASN A C   1 
ATOM   822  O O   . ASN A 1 105 ? 9.187   5.279   8.162   1.00 28.74 ? 105 ASN A O   1 
ATOM   823  C CB  . ASN A 1 105 ? 9.017   3.019   10.259  1.00 30.68 ? 105 ASN A CB  1 
ATOM   824  C CG  . ASN A 1 105 ? 10.392  2.440   9.991   1.00 33.51 ? 105 ASN A CG  1 
ATOM   825  O OD1 . ASN A 1 105 ? 11.050  2.783   8.995   1.00 36.04 ? 105 ASN A OD1 1 
ATOM   826  N ND2 . ASN A 1 105 ? 10.839  1.544   10.882  1.00 33.65 ? 105 ASN A ND2 1 
ATOM   827  N N   . GLY A 1 106 ? 7.268   5.757   9.239   1.00 27.64 ? 106 GLY A N   1 
ATOM   828  C CA  . GLY A 1 106 ? 6.616   6.389   8.076   1.00 26.57 ? 106 GLY A CA  1 
ATOM   829  C C   . GLY A 1 106 ? 6.505   5.449   6.874   1.00 25.64 ? 106 GLY A C   1 
ATOM   830  O O   . GLY A 1 106 ? 6.202   4.260   7.032   1.00 24.51 ? 106 GLY A O   1 
ATOM   831  N N   . MET A 1 107 ? 6.778   5.979   5.679   1.00 25.25 ? 107 MET A N   1 
ATOM   832  C CA  . MET A 1 107 ? 6.744   5.170   4.442   1.00 24.35 ? 107 MET A CA  1 
ATOM   833  C C   . MET A 1 107 ? 7.905   4.181   4.377   1.00 23.91 ? 107 MET A C   1 
ATOM   834  O O   . MET A 1 107 ? 7.942   3.305   3.500   1.00 22.55 ? 107 MET A O   1 
ATOM   835  C CB  . MET A 1 107 ? 6.697   6.055   3.186   1.00 24.37 ? 107 MET A CB  1 
ATOM   836  C CG  . MET A 1 107 ? 5.317   6.700   2.984   1.00 25.97 ? 107 MET A CG  1 
ATOM   837  S SD  . MET A 1 107 ? 5.003   7.272   1.310   1.00 24.14 ? 107 MET A SD  1 
ATOM   838  C CE  . MET A 1 107 ? 4.538   5.738   0.506   1.00 23.25 ? 107 MET A CE  1 
ATOM   839  N N   . GLY A 1 108 ? 8.840   4.324   5.326   1.00 23.54 ? 108 GLY A N   1 
ATOM   840  C CA  . GLY A 1 108 ? 9.912   3.349   5.530   1.00 23.61 ? 108 GLY A CA  1 
ATOM   841  C C   . GLY A 1 108 ? 9.405   1.935   5.783   1.00 23.50 ? 108 GLY A C   1 
ATOM   842  O O   . GLY A 1 108 ? 10.136  0.946   5.558   1.00 23.38 ? 108 GLY A O   1 
ATOM   843  N N   . ALA A 1 109 ? 8.151   1.832   6.241   1.00 22.94 ? 109 ALA A N   1 
ATOM   844  C CA  . ALA A 1 109 ? 7.478   0.533   6.393   1.00 22.66 ? 109 ALA A CA  1 
ATOM   845  C C   . ALA A 1 109 ? 7.498   -0.282  5.092   1.00 22.38 ? 109 ALA A C   1 
ATOM   846  O O   . ALA A 1 109 ? 7.521   -1.516  5.131   1.00 22.50 ? 109 ALA A O   1 
ATOM   847  C CB  . ALA A 1 109 ? 6.045   0.721   6.874   1.00 22.79 ? 109 ALA A CB  1 
ATOM   848  N N   . TRP A 1 110 ? 7.474   0.411   3.953   1.00 21.63 ? 110 TRP A N   1 
ATOM   849  C CA  . TRP A 1 110 ? 7.637   -0.230  2.641   1.00 21.51 ? 110 TRP A CA  1 
ATOM   850  C C   . TRP A 1 110 ? 9.090   -0.135  2.223   1.00 21.95 ? 110 TRP A C   1 
ATOM   851  O O   . TRP A 1 110 ? 9.558   0.917   1.790   1.00 21.88 ? 110 TRP A O   1 
ATOM   852  C CB  . TRP A 1 110 ? 6.708   0.386   1.572   1.00 20.18 ? 110 TRP A CB  1 
ATOM   853  C CG  . TRP A 1 110 ? 5.228   0.140   1.861   1.00 19.08 ? 110 TRP A CG  1 
ATOM   854  C CD1 . TRP A 1 110 ? 4.477   -0.938  1.466   1.00 18.84 ? 110 TRP A CD1 1 
ATOM   855  C CD2 . TRP A 1 110 ? 4.353   0.975   2.631   1.00 18.35 ? 110 TRP A CD2 1 
ATOM   856  N NE1 . TRP A 1 110 ? 3.184   -0.823  1.942   1.00 17.85 ? 110 TRP A NE1 1 
ATOM   857  C CE2 . TRP A 1 110 ? 3.080   0.340   2.658   1.00 18.60 ? 110 TRP A CE2 1 
ATOM   858  C CE3 . TRP A 1 110 ? 4.515   2.203   3.300   1.00 17.68 ? 110 TRP A CE3 1 
ATOM   859  C CZ2 . TRP A 1 110 ? 1.970   0.900   3.327   1.00 16.28 ? 110 TRP A CZ2 1 
ATOM   860  C CZ3 . TRP A 1 110 ? 3.417   2.749   3.974   1.00 17.93 ? 110 TRP A CZ3 1 
ATOM   861  C CH2 . TRP A 1 110 ? 2.161   2.090   3.983   1.00 18.30 ? 110 TRP A CH2 1 
ATOM   862  N N   . VAL A 1 111 ? 9.799   -1.252  2.355   1.00 23.16 ? 111 VAL A N   1 
ATOM   863  C CA  . VAL A 1 111 ? 11.197  -1.340  1.934   1.00 24.34 ? 111 VAL A CA  1 
ATOM   864  C C   . VAL A 1 111 ? 11.365  -0.896  0.461   1.00 24.04 ? 111 VAL A C   1 
ATOM   865  O O   . VAL A 1 111 ? 12.328  -0.194  0.133   1.00 23.88 ? 111 VAL A O   1 
ATOM   866  C CB  . VAL A 1 111 ? 11.769  -2.765  2.218   1.00 24.71 ? 111 VAL A CB  1 
ATOM   867  C CG1 . VAL A 1 111 ? 13.086  -2.993  1.511   1.00 27.50 ? 111 VAL A CG1 1 
ATOM   868  C CG2 . VAL A 1 111 ? 11.942  -2.960  3.712   1.00 24.89 ? 111 VAL A CG2 1 
ATOM   869  N N   . ALA A 1 112 ? 10.415  -1.273  -0.404  1.00 23.61 ? 112 ALA A N   1 
ATOM   870  C CA  . ALA A 1 112 ? 10.416  -0.835  -1.811  1.00 23.72 ? 112 ALA A CA  1 
ATOM   871  C C   . ALA A 1 112 ? 10.296  0.685   -2.029  1.00 23.41 ? 112 ALA A C   1 
ATOM   872  O O   . ALA A 1 112 ? 10.840  1.211   -3.000  1.00 23.41 ? 112 ALA A O   1 
ATOM   873  C CB  . ALA A 1 112 ? 9.361   -1.562  -2.613  1.00 23.90 ? 112 ALA A CB  1 
ATOM   874  N N   . TRP A 1 113 ? 9.585   1.383   -1.151  1.00 23.50 ? 113 TRP A N   1 
ATOM   875  C CA  . TRP A 1 113 ? 9.568   2.848   -1.201  1.00 23.60 ? 113 TRP A CA  1 
ATOM   876  C C   . TRP A 1 113 ? 10.975  3.421   -0.929  1.00 24.30 ? 113 TRP A C   1 
ATOM   877  O O   . TRP A 1 113 ? 11.459  4.296   -1.666  1.00 23.90 ? 113 TRP A O   1 
ATOM   878  C CB  . TRP A 1 113 ? 8.562   3.441   -0.217  1.00 23.03 ? 113 TRP A CB  1 
ATOM   879  C CG  . TRP A 1 113 ? 8.635   4.957   -0.189  1.00 22.46 ? 113 TRP A CG  1 
ATOM   880  C CD1 . TRP A 1 113 ? 8.057   5.831   -1.070  1.00 22.66 ? 113 TRP A CD1 1 
ATOM   881  C CD2 . TRP A 1 113 ? 9.363   5.756   0.749   1.00 23.25 ? 113 TRP A CD2 1 
ATOM   882  N NE1 . TRP A 1 113 ? 8.363   7.127   -0.724  1.00 22.14 ? 113 TRP A NE1 1 
ATOM   883  C CE2 . TRP A 1 113 ? 9.162   7.112   0.389   1.00 22.99 ? 113 TRP A CE2 1 
ATOM   884  C CE3 . TRP A 1 113 ? 10.156  5.458   1.874   1.00 22.17 ? 113 TRP A CE3 1 
ATOM   885  C CZ2 . TRP A 1 113 ? 9.740   8.178   1.110   1.00 22.97 ? 113 TRP A CZ2 1 
ATOM   886  C CZ3 . TRP A 1 113 ? 10.725  6.522   2.596   1.00 23.25 ? 113 TRP A CZ3 1 
ATOM   887  C CH2 . TRP A 1 113 ? 10.503  7.862   2.208   1.00 23.05 ? 113 TRP A CH2 1 
ATOM   888  N N   . THR A 1 114 ? 11.632  2.931   0.119   1.00 24.60 ? 114 THR A N   1 
ATOM   889  C CA  . THR A 1 114 ? 12.967  3.453   0.451   1.00 26.37 ? 114 THR A CA  1 
ATOM   890  C C   . THR A 1 114 ? 13.951  3.170   -0.688  1.00 26.38 ? 114 THR A C   1 
ATOM   891  O O   . THR A 1 114 ? 14.772  4.027   -1.013  1.00 26.40 ? 114 THR A O   1 
ATOM   892  C CB  . THR A 1 114 ? 13.524  2.932   1.790   1.00 26.47 ? 114 THR A CB  1 
ATOM   893  O OG1 . THR A 1 114 ? 13.926  1.569   1.640   1.00 30.90 ? 114 THR A OG1 1 
ATOM   894  C CG2 . THR A 1 114 ? 12.491  3.017   2.885   1.00 25.84 ? 114 THR A CG2 1 
ATOM   895  N N   . LYS A 1 115 ? 13.821  1.992   -1.312  1.00 26.13 ? 115 LYS A N   1 
ATOM   896  C CA  . LYS A 1 115 ? 14.677  1.581   -2.427  1.00 26.23 ? 115 LYS A CA  1 
ATOM   897  C C   . LYS A 1 115 ? 14.449  2.361   -3.720  1.00 26.17 ? 115 LYS A C   1 
ATOM   898  O O   . LYS A 1 115 ? 15.410  2.823   -4.345  1.00 26.13 ? 115 LYS A O   1 
ATOM   899  C CB  . LYS A 1 115 ? 14.526  0.080   -2.708  1.00 26.37 ? 115 LYS A CB  1 
ATOM   900  C CG  . LYS A 1 115 ? 15.446  -0.446  -3.815  1.00 27.42 ? 115 LYS A CG  1 
ATOM   901  C CD  . LYS A 1 115 ? 15.480  -1.955  -3.829  1.00 30.27 ? 115 LYS A CD  1 
ATOM   902  C CE  . LYS A 1 115 ? 16.411  -2.441  -4.920  1.00 33.88 ? 115 LYS A CE  1 
ATOM   903  N NZ  . LYS A 1 115 ? 16.283  -3.906  -5.127  1.00 35.61 ? 115 LYS A NZ  1 
ATOM   904  N N   . TYR A 1 116 ? 13.187  2.509   -4.124  1.00 25.82 ? 116 TYR A N   1 
ATOM   905  C CA  . TYR A 1 116 ? 12.877  3.028   -5.455  1.00 25.46 ? 116 TYR A CA  1 
ATOM   906  C C   . TYR A 1 116 ? 12.307  4.436   -5.497  1.00 25.09 ? 116 TYR A C   1 
ATOM   907  O O   . TYR A 1 116 ? 12.203  5.016   -6.573  1.00 24.66 ? 116 TYR A O   1 
ATOM   908  C CB  . TYR A 1 116 ? 11.902  2.102   -6.189  1.00 26.07 ? 116 TYR A CB  1 
ATOM   909  C CG  . TYR A 1 116 ? 12.419  0.711   -6.420  1.00 26.42 ? 116 TYR A CG  1 
ATOM   910  C CD1 . TYR A 1 116 ? 12.003  -0.340  -5.606  1.00 24.84 ? 116 TYR A CD1 1 
ATOM   911  C CD2 . TYR A 1 116 ? 13.326  0.442   -7.455  1.00 27.87 ? 116 TYR A CD2 1 
ATOM   912  C CE1 . TYR A 1 116 ? 12.476  -1.627  -5.801  1.00 27.79 ? 116 TYR A CE1 1 
ATOM   913  C CE2 . TYR A 1 116 ? 13.814  -0.861  -7.664  1.00 28.01 ? 116 TYR A CE2 1 
ATOM   914  C CZ  . TYR A 1 116 ? 13.380  -1.881  -6.831  1.00 27.35 ? 116 TYR A CZ  1 
ATOM   915  O OH  . TYR A 1 116 ? 13.828  -3.168  -7.008  1.00 28.31 ? 116 TYR A OH  1 
ATOM   916  N N   . CYS A 1 117 ? 11.899  4.979   -4.361  1.00 24.64 ? 117 CYS A N   1 
ATOM   917  C CA  . CYS A 1 117 ? 11.108  6.215   -4.407  1.00 25.11 ? 117 CYS A CA  1 
ATOM   918  C C   . CYS A 1 117 ? 11.649  7.326   -3.502  1.00 26.17 ? 117 CYS A C   1 
ATOM   919  O O   . CYS A 1 117 ? 11.694  8.476   -3.917  1.00 26.02 ? 117 CYS A O   1 
ATOM   920  C CB  . CYS A 1 117 ? 9.637   5.929   -4.068  1.00 24.53 ? 117 CYS A CB  1 
ATOM   921  S SG  . CYS A 1 117 ? 8.972   4.378   -4.782  1.00 20.89 ? 117 CYS A SG  1 
ATOM   922  N N   . LYS A 1 118 ? 12.031  6.961   -2.276  1.00 27.28 ? 118 LYS A N   1 
ATOM   923  C CA  . LYS A 1 118 ? 12.596  7.901   -1.303  1.00 28.81 ? 118 LYS A CA  1 
ATOM   924  C C   . LYS A 1 118 ? 13.727  8.730   -1.908  1.00 29.34 ? 118 LYS A C   1 
ATOM   925  O O   . LYS A 1 118 ? 14.663  8.183   -2.504  1.00 29.57 ? 118 LYS A O   1 
ATOM   926  C CB  . LYS A 1 118 ? 13.120  7.164   -0.069  1.00 29.01 ? 118 LYS A CB  1 
ATOM   927  C CG  . LYS A 1 118 ? 13.733  8.116   0.960   1.00 29.79 ? 118 LYS A CG  1 
ATOM   928  C CD  . LYS A 1 118 ? 14.091  7.421   2.246   1.00 32.44 ? 118 LYS A CD  1 
ATOM   929  C CE  . LYS A 1 118 ? 14.668  8.417   3.241   1.00 33.20 ? 118 LYS A CE  1 
ATOM   930  N NZ  . LYS A 1 118 ? 15.010  7.730   4.512   1.00 35.80 ? 118 LYS A NZ  1 
ATOM   931  N N   . GLY A 1 119 ? 13.609  10.046  -1.771  1.00 30.17 ? 119 GLY A N   1 
ATOM   932  C CA  . GLY A 1 119 ? 14.664  10.974  -2.188  1.00 31.39 ? 119 GLY A CA  1 
ATOM   933  C C   . GLY A 1 119 ? 14.864  11.065  -3.687  1.00 31.66 ? 119 GLY A C   1 
ATOM   934  O O   . GLY A 1 119 ? 15.879  11.589  -4.145  1.00 32.27 ? 119 GLY A O   1 
ATOM   935  N N   . LYS A 1 120 ? 13.910  10.544  -4.458  1.00 31.53 ? 120 LYS A N   1 
ATOM   936  C CA  . LYS A 1 120 ? 13.977  10.652  -5.912  1.00 31.13 ? 120 LYS A CA  1 
ATOM   937  C C   . LYS A 1 120 ? 12.900  11.587  -6.446  1.00 30.57 ? 120 LYS A C   1 
ATOM   938  O O   . LYS A 1 120 ? 11.995  12.001  -5.719  1.00 30.80 ? 120 LYS A O   1 
ATOM   939  C CB  . LYS A 1 120 ? 13.883  9.273   -6.568  1.00 31.44 ? 120 LYS A CB  1 
ATOM   940  C CG  . LYS A 1 120 ? 15.053  8.352   -6.252  1.00 31.51 ? 120 LYS A CG  1 
ATOM   941  C CD  . LYS A 1 120 ? 14.986  7.114   -7.108  1.00 32.51 ? 120 LYS A CD  1 
ATOM   942  C CE  . LYS A 1 120 ? 15.902  6.023   -6.585  1.00 34.23 ? 120 LYS A CE  1 
ATOM   943  N NZ  . LYS A 1 120 ? 17.307  6.480   -6.424  1.00 34.73 ? 120 LYS A NZ  1 
ATOM   944  N N   . ASP A 1 121 ? 13.007  11.945  -7.715  1.00 30.15 ? 121 ASP A N   1 
ATOM   945  C CA  . ASP A 1 121 ? 11.968  12.730  -8.341  1.00 29.72 ? 121 ASP A CA  1 
ATOM   946  C C   . ASP A 1 121 ? 10.750  11.823  -8.575  1.00 28.74 ? 121 ASP A C   1 
ATOM   947  O O   . ASP A 1 121 ? 10.719  11.045  -9.514  1.00 29.86 ? 121 ASP A O   1 
ATOM   948  C CB  . ASP A 1 121 ? 12.472  13.347  -9.648  1.00 30.36 ? 121 ASP A CB  1 
ATOM   949  C CG  . ASP A 1 121 ? 11.474  14.292  -10.279 1.00 31.74 ? 121 ASP A CG  1 
ATOM   950  O OD1 . ASP A 1 121 ? 10.407  14.576  -9.687  1.00 34.79 ? 121 ASP A OD1 1 
ATOM   951  O OD2 . ASP A 1 121 ? 11.747  14.751  -11.403 1.00 37.70 ? 121 ASP A OD2 1 
ATOM   952  N N   . VAL A 1 122 ? 9.757   11.917  -7.707  1.00 27.11 ? 122 VAL A N   1 
ATOM   953  C CA  . VAL A 1 122 ? 8.548   11.086  -7.840  1.00 25.27 ? 122 VAL A CA  1 
ATOM   954  C C   . VAL A 1 122 ? 7.427   11.777  -8.654  1.00 24.16 ? 122 VAL A C   1 
ATOM   955  O O   . VAL A 1 122 ? 6.372   11.191  -8.887  1.00 22.02 ? 122 VAL A O   1 
ATOM   956  C CB  . VAL A 1 122 ? 8.004   10.608  -6.456  1.00 25.29 ? 122 VAL A CB  1 
ATOM   957  C CG1 . VAL A 1 122 ? 9.042   9.783   -5.694  1.00 24.37 ? 122 VAL A CG1 1 
ATOM   958  C CG2 . VAL A 1 122 ? 7.523   11.782  -5.613  1.00 25.37 ? 122 VAL A CG2 1 
ATOM   959  N N   . SER A 1 123 ? 7.662   13.019  -9.089  1.00 23.40 ? 123 SER A N   1 
ATOM   960  C CA  . SER A 1 123 ? 6.659   13.758  -9.874  1.00 22.72 ? 123 SER A CA  1 
ATOM   961  C C   . SER A 1 123 ? 6.361   13.100  -11.229 1.00 21.87 ? 123 SER A C   1 
ATOM   962  O O   . SER A 1 123 ? 5.260   13.238  -11.728 1.00 21.65 ? 123 SER A O   1 
ATOM   963  C CB  . SER A 1 123 ? 7.073   15.226  -10.088 1.00 23.02 ? 123 SER A CB  1 
ATOM   964  O OG  . SER A 1 123 ? 8.082   15.323  -11.084 1.00 23.95 ? 123 SER A OG  1 
ATOM   965  N N   . GLN A 1 124 ? 7.332   12.398  -11.826 1.00 21.76 ? 124 GLN A N   1 
ATOM   966  C CA  . GLN A 1 124 ? 7.089   11.694  -13.108 1.00 21.74 ? 124 GLN A CA  1 
ATOM   967  C C   . GLN A 1 124 ? 5.929   10.696  -13.024 1.00 20.77 ? 124 GLN A C   1 
ATOM   968  O O   . GLN A 1 124 ? 5.195   10.522  -14.001 1.00 21.04 ? 124 GLN A O   1 
ATOM   969  C CB  . GLN A 1 124 ? 8.348   10.971  -13.622 1.00 22.03 ? 124 GLN A CB  1 
ATOM   970  C CG  . GLN A 1 124 ? 8.240   10.432  -15.070 1.00 24.76 ? 124 GLN A CG  1 
ATOM   971  C CD  . GLN A 1 124 ? 8.072   11.539  -16.139 1.00 28.58 ? 124 GLN A CD  1 
ATOM   972  O OE1 . GLN A 1 124 ? 8.682   12.608  -16.050 1.00 31.43 ? 124 GLN A OE1 1 
ATOM   973  N NE2 . GLN A 1 124 ? 7.250   11.274  -17.147 1.00 27.73 ? 124 GLN A NE2 1 
ATOM   974  N N   . TRP A 1 125 ? 5.761   10.056  -11.862 1.00 20.07 ? 125 TRP A N   1 
ATOM   975  C CA  . TRP A 1 125 ? 4.657   9.099   -11.655 1.00 19.43 ? 125 TRP A CA  1 
ATOM   976  C C   . TRP A 1 125 ? 3.278   9.727   -11.931 1.00 19.72 ? 125 TRP A C   1 
ATOM   977  O O   . TRP A 1 125 ? 2.351   9.060   -12.417 1.00 19.06 ? 125 TRP A O   1 
ATOM   978  C CB  . TRP A 1 125 ? 4.726   8.463   -10.249 1.00 18.90 ? 125 TRP A CB  1 
ATOM   979  C CG  . TRP A 1 125 ? 5.957   7.635   -10.042 1.00 18.57 ? 125 TRP A CG  1 
ATOM   980  C CD1 . TRP A 1 125 ? 7.155   8.060   -9.542  1.00 17.95 ? 125 TRP A CD1 1 
ATOM   981  C CD2 . TRP A 1 125 ? 6.132   6.244   -10.370 1.00 18.52 ? 125 TRP A CD2 1 
ATOM   982  N NE1 . TRP A 1 125 ? 8.059   7.021   -9.517  1.00 18.51 ? 125 TRP A NE1 1 
ATOM   983  C CE2 . TRP A 1 125 ? 7.455   5.893   -10.010 1.00 17.97 ? 125 TRP A CE2 1 
ATOM   984  C CE3 . TRP A 1 125 ? 5.290   5.256   -10.914 1.00 16.61 ? 125 TRP A CE3 1 
ATOM   985  C CZ2 . TRP A 1 125 ? 7.969   4.593   -10.186 1.00 17.74 ? 125 TRP A CZ2 1 
ATOM   986  C CZ3 . TRP A 1 125 ? 5.797   3.965   -11.098 1.00 17.37 ? 125 TRP A CZ3 1 
ATOM   987  C CH2 . TRP A 1 125 ? 7.130   3.641   -10.726 1.00 17.72 ? 125 TRP A CH2 1 
ATOM   988  N N   . ILE A 1 126 ? 3.161   11.032  -11.679 1.00 19.36 ? 126 ILE A N   1 
ATOM   989  C CA  . ILE A 1 126 ? 1.896   11.729  -11.886 1.00 19.70 ? 126 ILE A CA  1 
ATOM   990  C C   . ILE A 1 126 ? 1.886   12.644  -13.139 1.00 19.62 ? 126 ILE A C   1 
ATOM   991  O O   . ILE A 1 126 ? 0.857   13.194  -13.500 1.00 19.03 ? 126 ILE A O   1 
ATOM   992  C CB  . ILE A 1 126 ? 1.445   12.477  -10.567 1.00 20.16 ? 126 ILE A CB  1 
ATOM   993  C CG1 . ILE A 1 126 ? 2.513   13.493  -10.129 1.00 21.13 ? 126 ILE A CG1 1 
ATOM   994  C CG2 . ILE A 1 126 ? 1.155   11.444  -9.441  1.00 18.89 ? 126 ILE A CG2 1 
ATOM   995  C CD1 . ILE A 1 126 ? 2.190   14.371  -8.859  1.00 21.43 ? 126 ILE A CD1 1 
ATOM   996  N N   . LYS A 1 127 ? 3.026   12.795  -13.814 1.00 20.06 ? 127 LYS A N   1 
ATOM   997  C CA  . LYS A 1 127 ? 3.068   13.642  -15.019 1.00 20.81 ? 127 LYS A CA  1 
ATOM   998  C C   . LYS A 1 127 ? 2.149   13.113  -16.141 1.00 20.45 ? 127 LYS A C   1 
ATOM   999  O O   . LYS A 1 127 ? 2.208   11.937  -16.482 1.00 20.46 ? 127 LYS A O   1 
ATOM   1000 C CB  . LYS A 1 127 ? 4.519   13.822  -15.519 1.00 20.95 ? 127 LYS A CB  1 
ATOM   1001 C CG  . LYS A 1 127 ? 4.627   14.817  -16.674 1.00 22.26 ? 127 LYS A CG  1 
ATOM   1002 C CD  . LYS A 1 127 ? 6.061   14.949  -17.180 1.00 23.15 ? 127 LYS A CD  1 
ATOM   1003 C CE  . LYS A 1 127 ? 6.120   15.980  -18.306 1.00 26.43 ? 127 LYS A CE  1 
ATOM   1004 N NZ  . LYS A 1 127 ? 7.530   16.343  -18.576 1.00 31.48 ? 127 LYS A NZ  1 
ATOM   1005 N N   . GLY A 1 128 ? 1.296   13.980  -16.690 1.00 19.92 ? 128 GLY A N   1 
ATOM   1006 C CA  . GLY A 1 128 ? 0.360   13.597  -17.742 1.00 21.09 ? 128 GLY A CA  1 
ATOM   1007 C C   . GLY A 1 128 ? -0.971  13.056  -17.241 1.00 20.72 ? 128 GLY A C   1 
ATOM   1008 O O   . GLY A 1 128 ? -1.907  12.881  -18.014 1.00 21.18 ? 128 GLY A O   1 
ATOM   1009 N N   . CYS A 1 129 ? -1.053  12.776  -15.940 1.00 21.82 ? 129 CYS A N   1 
ATOM   1010 C CA  . CYS A 1 129 ? -2.318  12.379  -15.313 1.00 22.25 ? 129 CYS A CA  1 
ATOM   1011 C C   . CYS A 1 129 ? -3.153  13.623  -15.094 1.00 23.90 ? 129 CYS A C   1 
ATOM   1012 O O   . CYS A 1 129 ? -2.657  14.613  -14.564 1.00 24.05 ? 129 CYS A O   1 
ATOM   1013 C CB  . CYS A 1 129 ? -2.090  11.716  -13.946 1.00 21.02 ? 129 CYS A CB  1 
ATOM   1014 S SG  . CYS A 1 129 ? -1.060  10.247  -13.980 1.00 18.41 ? 129 CYS A SG  1 
ATOM   1015 N N   . LYS A 1 130 ? -4.420  13.573  -15.465 1.00 25.87 ? 130 LYS A N   1 
ATOM   1016 C CA  . LYS A 1 130 ? -5.274  14.697  -15.144 1.00 28.58 ? 130 LYS A CA  1 
ATOM   1017 C C   . LYS A 1 130 ? -5.889  14.487  -13.744 1.00 29.54 ? 130 LYS A C   1 
ATOM   1018 O O   . LYS A 1 130 ? -6.645  13.538  -13.521 1.00 30.07 ? 130 LYS A O   1 
ATOM   1019 C CB  . LYS A 1 130 ? -6.258  15.000  -16.283 1.00 28.78 ? 130 LYS A CB  1 
ATOM   1020 C CG  . LYS A 1 130 ? -7.640  14.442  -16.166 1.00 31.67 ? 130 LYS A CG  1 
ATOM   1021 C CD  . LYS A 1 130 ? -8.665  15.543  -16.410 1.00 33.40 ? 130 LYS A CD  1 
ATOM   1022 C CE  . LYS A 1 130 ? -8.202  16.550  -17.465 1.00 34.09 ? 130 LYS A CE  1 
ATOM   1023 N NZ  . LYS A 1 130 ? -8.887  17.856  -17.265 1.00 36.03 ? 130 LYS A NZ  1 
ATOM   1024 N N   . LEU A 1 131 ? -5.471  15.339  -12.801 1.00 31.12 ? 131 LEU A N   1 
ATOM   1025 C CA  . LEU A 1 131 ? -5.844  15.245  -11.375 1.00 32.43 ? 131 LEU A CA  1 
ATOM   1026 C C   . LEU A 1 131 ? -6.663  16.453  -10.920 1.00 33.55 ? 131 LEU A C   1 
ATOM   1027 O O   . LEU A 1 131 ? -6.441  17.584  -11.375 1.00 34.12 ? 131 LEU A O   1 
ATOM   1028 C CB  . LEU A 1 131 ? -4.597  15.210  -10.492 1.00 32.65 ? 131 LEU A CB  1 
ATOM   1029 C CG  . LEU A 1 131 ? -3.491  14.173  -10.634 1.00 32.85 ? 131 LEU A CG  1 
ATOM   1030 C CD1 . LEU A 1 131 ? -2.225  14.734  -9.979  1.00 32.87 ? 131 LEU A CD1 1 
ATOM   1031 C CD2 . LEU A 1 131 ? -3.916  12.848  -10.023 1.00 32.29 ? 131 LEU A CD2 1 
ATOM   1032 O OXT . LEU A 1 131 ? -7.532  16.332  -10.052 1.00 34.29 ? 131 LEU A OXT 1 
HETATM 1033 S S   . SO4 B 2 .   ? 5.880   7.952   -17.897 1.00 20.36 ? 157 SO4 A S   1 
HETATM 1034 O O1  . SO4 B 2 .   ? 7.186   8.257   -17.383 1.00 21.39 ? 157 SO4 A O1  1 
HETATM 1035 O O2  . SO4 B 2 .   ? 5.109   9.184   -17.973 1.00 23.04 ? 157 SO4 A O2  1 
HETATM 1036 O O3  . SO4 B 2 .   ? 5.212   7.084   -16.937 1.00 23.83 ? 157 SO4 A O3  1 
HETATM 1037 O O4  . SO4 B 2 .   ? 5.962   7.347   -19.205 1.00 20.27 ? 157 SO4 A O4  1 
HETATM 1038 O O   . HOH C 3 .   ? -3.048  -3.510  0.064   1.00 10.07 ? 158 HOH A O   1 
HETATM 1039 O O   . HOH C 3 .   ? 3.526   5.164   -16.597 1.00 12.14 ? 159 HOH A O   1 
HETATM 1040 O O   . HOH C 3 .   ? -5.298  -3.718  -1.748  1.00 11.20 ? 160 HOH A O   1 
HETATM 1041 O O   . HOH C 3 .   ? -11.923 -1.370  0.310   1.00 12.89 ? 161 HOH A O   1 
HETATM 1042 O O   . HOH C 3 .   ? 4.707   2.367   -13.838 1.00 15.60 ? 162 HOH A O   1 
HETATM 1043 O O   . HOH C 3 .   ? -3.461  -12.490 10.550  1.00 16.32 ? 163 HOH A O   1 
HETATM 1044 O O   . HOH C 3 .   ? -6.443  -8.520  -10.739 1.00 18.55 ? 164 HOH A O   1 
HETATM 1045 O O   . HOH C 3 .   ? -14.658 2.987   -1.638  1.00 14.73 ? 165 HOH A O   1 
HETATM 1046 O O   . HOH C 3 .   ? -8.123  -0.407  -14.344 1.00 21.56 ? 166 HOH A O   1 
HETATM 1047 O O   . HOH C 3 .   ? 2.809   -4.323  5.530   1.00 29.19 ? 167 HOH A O   1 
HETATM 1048 O O   . HOH C 3 .   ? -2.477  5.824   -16.322 1.00 11.72 ? 168 HOH A O   1 
HETATM 1049 O O   . HOH C 3 .   ? -0.317  -16.035 5.859   1.00 19.86 ? 169 HOH A O   1 
HETATM 1050 O O   . HOH C 3 .   ? 5.588   3.099   9.412   1.00 21.98 ? 170 HOH A O   1 
HETATM 1051 O O   . HOH C 3 .   ? -8.887  -2.459  0.068   1.00 20.42 ? 171 HOH A O   1 
HETATM 1052 O O   . HOH C 3 .   ? -4.926  -11.116 13.039  1.00 19.71 ? 172 HOH A O   1 
HETATM 1053 O O   . HOH C 3 .   ? -14.641 0.546   -5.932  1.00 15.86 ? 173 HOH A O   1 
HETATM 1054 O O   . HOH C 3 .   ? -8.759  -0.456  6.512   1.00 22.57 ? 174 HOH A O   1 
HETATM 1055 O O   . HOH C 3 .   ? -2.920  -9.547  11.918  1.00 23.70 ? 175 HOH A O   1 
HETATM 1056 O O   . HOH C 3 .   ? -11.837 -3.943  -0.781  1.00 20.75 ? 176 HOH A O   1 
HETATM 1057 O O   . HOH C 3 .   ? -3.578  -14.992 11.993  1.00 18.69 ? 177 HOH A O   1 
HETATM 1058 O O   . HOH C 3 .   ? -8.416  -12.856 5.198   1.00 19.41 ? 178 HOH A O   1 
HETATM 1059 O O   . HOH C 3 .   ? -14.833 4.395   -3.707  1.00 17.19 ? 179 HOH A O   1 
HETATM 1060 O O   . HOH C 3 .   ? -9.994  7.551   -12.287 1.00 25.90 ? 180 HOH A O   1 
HETATM 1061 O O   . HOH C 3 .   ? -8.089  -5.518  -14.082 1.00 15.79 ? 181 HOH A O   1 
HETATM 1062 O O   . HOH C 3 .   ? -4.402  -10.863 -11.618 1.00 22.01 ? 182 HOH A O   1 
HETATM 1063 O O   . HOH C 3 .   ? -12.783 -0.297  -7.593  1.00 19.14 ? 183 HOH A O   1 
HETATM 1064 O O   . HOH C 3 .   ? -5.079  6.308   -16.624 1.00 25.83 ? 184 HOH A O   1 
HETATM 1065 O O   . HOH C 3 .   ? 5.738   6.929   -14.427 1.00 20.06 ? 185 HOH A O   1 
HETATM 1066 O O   . HOH C 3 .   ? -7.988  0.394   8.806   1.00 22.09 ? 186 HOH A O   1 
HETATM 1067 O O   . HOH C 3 .   ? -8.003  -3.469  -2.270  1.00 18.18 ? 187 HOH A O   1 
HETATM 1068 O O   . HOH C 3 .   ? 7.336   2.164   -13.816 1.00 19.62 ? 188 HOH A O   1 
HETATM 1069 O O   . HOH C 3 .   ? 15.239  5.605   -3.299  1.00 28.70 ? 189 HOH A O   1 
HETATM 1070 O O   . HOH C 3 .   ? 5.856   -9.902  9.163   1.00 23.69 ? 190 HOH A O   1 
HETATM 1071 O O   . HOH C 3 .   ? -5.112  -13.037 -5.118  1.00 24.78 ? 191 HOH A O   1 
HETATM 1072 O O   . HOH C 3 .   ? -15.622 11.550  -5.006  1.00 33.71 ? 192 HOH A O   1 
HETATM 1073 O O   . HOH C 3 .   ? -12.833 -6.593  7.504   1.00 24.81 ? 193 HOH A O   1 
HETATM 1074 O O   . HOH C 3 .   ? 5.337   -8.374  -0.748  1.00 26.27 ? 194 HOH A O   1 
HETATM 1075 O O   . HOH C 3 .   ? 4.398   10.850  -20.278 1.00 29.94 ? 195 HOH A O   1 
HETATM 1076 O O   . HOH C 3 .   ? 4.220   -14.461 12.456  1.00 28.50 ? 196 HOH A O   1 
HETATM 1077 O O   . HOH C 3 .   ? 10.729  7.472   -8.803  1.00 25.88 ? 197 HOH A O   1 
HETATM 1078 O O   . HOH C 3 .   ? -1.908  -15.231 15.412  1.00 24.18 ? 198 HOH A O   1 
HETATM 1079 O O   . HOH C 3 .   ? -9.196  12.452  -7.408  1.00 18.60 ? 199 HOH A O   1 
HETATM 1080 O O   . HOH C 3 .   ? 11.056  3.123   -10.389 1.00 21.40 ? 200 HOH A O   1 
HETATM 1081 O O   . HOH C 3 .   ? -13.055 -4.550  9.161   1.00 21.18 ? 201 HOH A O   1 
HETATM 1082 O O   . HOH C 3 .   ? -11.213 -11.314 -1.480  1.00 20.70 ? 202 HOH A O   1 
HETATM 1083 O O   . HOH C 3 .   ? 4.369   13.546  -6.370  1.00 29.93 ? 203 HOH A O   1 
HETATM 1084 O O   . HOH C 3 .   ? 4.012   15.540  -11.975 1.00 38.60 ? 204 HOH A O   1 
HETATM 1085 O O   . HOH C 3 .   ? 7.425   2.504   12.738  1.00 27.34 ? 205 HOH A O   1 
HETATM 1086 O O   . HOH C 3 .   ? 6.778   -2.776  -15.503 1.00 25.15 ? 206 HOH A O   1 
HETATM 1087 O O   . HOH C 3 .   ? -9.547  6.773   -9.957  1.00 23.35 ? 207 HOH A O   1 
HETATM 1088 O O   . HOH C 3 .   ? -10.228 14.092  -5.424  1.00 21.65 ? 208 HOH A O   1 
HETATM 1089 O O   . HOH C 3 .   ? -13.852 -1.577  -9.764  1.00 23.80 ? 209 HOH A O   1 
HETATM 1090 O O   . HOH C 3 .   ? 8.403   6.155   -13.945 1.00 32.61 ? 210 HOH A O   1 
HETATM 1091 O O   . HOH C 3 .   ? 1.021   15.046  -3.825  1.00 25.19 ? 211 HOH A O   1 
HETATM 1092 O O   . HOH C 3 .   ? 8.414   -3.704  3.171   1.00 24.96 ? 212 HOH A O   1 
HETATM 1093 O O   . HOH C 3 .   ? 12.371  0.696   4.383   1.00 26.51 ? 213 HOH A O   1 
HETATM 1094 O O   . HOH C 3 .   ? -9.723  -15.315 11.767  1.00 27.11 ? 214 HOH A O   1 
HETATM 1095 O O   . HOH C 3 .   ? 6.379   -4.049  -10.222 1.00 27.37 ? 215 HOH A O   1 
HETATM 1096 O O   . HOH C 3 .   ? 2.855   -2.616  -15.883 1.00 19.38 ? 216 HOH A O   1 
HETATM 1097 O O   . HOH C 3 .   ? -11.404 2.216   -4.251  1.00 31.58 ? 217 HOH A O   1 
HETATM 1098 O O   . HOH C 3 .   ? 8.868   0.413   -12.394 1.00 30.26 ? 218 HOH A O   1 
HETATM 1099 O O   . HOH C 3 .   ? 5.419   -18.976 11.899  1.00 37.86 ? 219 HOH A O   1 
HETATM 1100 O O   . HOH C 3 .   ? -2.790  12.563  10.866  1.00 35.50 ? 220 HOH A O   1 
HETATM 1101 O O   . HOH C 3 .   ? -5.970  -15.046 13.218  1.00 30.11 ? 221 HOH A O   1 
HETATM 1102 O O   . HOH C 3 .   ? -0.225  -17.192 1.672   1.00 25.06 ? 222 HOH A O   1 
HETATM 1103 O O   . HOH C 3 .   ? -11.410 10.936  -8.577  1.00 28.62 ? 223 HOH A O   1 
HETATM 1104 O O   . HOH C 3 .   ? 10.389  11.668  -11.872 1.00 36.80 ? 224 HOH A O   1 
HETATM 1105 O O   . HOH C 3 .   ? 13.270  4.992   4.808   1.00 29.46 ? 225 HOH A O   1 
HETATM 1106 O O   . HOH C 3 .   ? 0.460   -12.222 -6.456  1.00 25.57 ? 226 HOH A O   1 
HETATM 1107 O O   . HOH C 3 .   ? -11.068 3.778   -9.659  1.00 27.04 ? 227 HOH A O   1 
HETATM 1108 O O   . HOH C 3 .   ? 0.800   -4.340  14.909  1.00 31.74 ? 228 HOH A O   1 
HETATM 1109 O O   . HOH C 3 .   ? 0.665   10.777  2.213   1.00 33.59 ? 229 HOH A O   1 
HETATM 1110 O O   . HOH C 3 .   ? 10.098  -3.725  -7.985  1.00 31.40 ? 230 HOH A O   1 
HETATM 1111 O O   . HOH C 3 .   ? -6.684  4.903   9.110   1.00 30.35 ? 231 HOH A O   1 
HETATM 1112 O O   . HOH C 3 .   ? -7.998  -10.478 -9.973  1.00 23.27 ? 232 HOH A O   1 
HETATM 1113 O O   . HOH C 3 .   ? -4.019  17.566  -13.420 1.00 39.59 ? 233 HOH A O   1 
HETATM 1114 O O   . HOH C 3 .   ? 1.516   18.040  4.382   1.00 33.77 ? 234 HOH A O   1 
HETATM 1115 O O   . HOH C 3 .   ? 8.622   -3.367  0.459   1.00 27.34 ? 235 HOH A O   1 
HETATM 1116 O O   . HOH C 3 .   ? -8.965  6.423   -15.499 1.00 33.62 ? 236 HOH A O   1 
HETATM 1117 O O   . HOH C 3 .   ? -10.618 -5.163  -14.043 1.00 36.02 ? 237 HOH A O   1 
HETATM 1118 O O   . HOH C 3 .   ? -7.976  -12.636 -5.663  1.00 24.35 ? 238 HOH A O   1 
HETATM 1119 O O   . HOH C 3 .   ? -9.432  -10.402 -5.870  1.00 25.13 ? 239 HOH A O   1 
HETATM 1120 O O   . HOH C 3 .   ? 7.810   -11.021 11.801  1.00 27.65 ? 240 HOH A O   1 
HETATM 1121 O O   . HOH C 3 .   ? -12.559 13.042  -1.947  1.00 31.38 ? 241 HOH A O   1 
HETATM 1122 O O   . HOH C 3 .   ? 5.978   -15.162 14.124  1.00 35.88 ? 242 HOH A O   1 
HETATM 1123 O O   . HOH C 3 .   ? -6.518  15.401  -1.986  1.00 39.00 ? 243 HOH A O   1 
HETATM 1124 O O   . HOH C 3 .   ? -13.634 -4.610  -10.835 1.00 35.64 ? 244 HOH A O   1 
HETATM 1125 O O   . HOH C 3 .   ? -11.903 -13.546 5.026   1.00 34.69 ? 245 HOH A O   1 
HETATM 1126 O O   . HOH C 3 .   ? -10.699 4.466   -3.493  1.00 30.87 ? 246 HOH A O   1 
HETATM 1127 O O   . HOH C 3 .   ? 7.699   12.822  0.059   1.00 28.03 ? 247 HOH A O   1 
HETATM 1128 O O   . HOH C 3 .   ? 4.678   -15.771 -2.446  1.00 30.57 ? 248 HOH A O   1 
HETATM 1129 O O   . HOH C 3 .   ? 3.908   18.042  -14.705 1.00 35.57 ? 249 HOH A O   1 
HETATM 1130 O O   . HOH C 3 .   ? 4.016   -2.595  5.630   1.00 42.11 ? 250 HOH A O   1 
HETATM 1131 O O   . HOH C 3 .   ? 11.691  11.453  0.100   1.00 42.15 ? 251 HOH A O   1 
HETATM 1132 O O   . HOH C 3 .   ? -5.025  -15.126 -3.403  1.00 29.56 ? 252 HOH A O   1 
HETATM 1133 O O   . HOH C 3 .   ? 1.442   16.772  -15.667 1.00 31.56 ? 253 HOH A O   1 
HETATM 1134 O O   . HOH C 3 .   ? 10.362  10.744  -2.219  1.00 30.33 ? 254 HOH A O   1 
HETATM 1135 O O   . HOH C 3 .   ? -8.048  13.630  -9.203  1.00 43.20 ? 255 HOH A O   1 
HETATM 1136 O O   . HOH C 3 .   ? -11.208 11.812  1.358   1.00 28.25 ? 256 HOH A O   1 
# 
